data_1X48
#
_entry.id   1X48
#
_entity_poly.entity_id   1
_entity_poly.type   'polypeptide(L)'
_entity_poly.pdbx_seq_one_letter_code
;GSSGSSGYIGLVNSFAQKKKLSVNYEQCEPNSELPQRFICKCKIGQTMYGTGSGVTKQEAKQLAAKEAYQKLLKSPPKTA
GTSGPSSG
;
_entity_poly.pdbx_strand_id   A
#
# COMPACT_ATOMS: atom_id res chain seq x y z
N GLY A 1 7.01 -5.24 -21.32
CA GLY A 1 7.04 -4.32 -20.20
C GLY A 1 8.24 -4.54 -19.30
N SER A 2 8.15 -4.07 -18.06
CA SER A 2 9.24 -4.22 -17.10
C SER A 2 8.70 -4.24 -15.67
N SER A 3 9.58 -4.54 -14.72
CA SER A 3 9.19 -4.59 -13.31
C SER A 3 7.93 -5.43 -13.13
N GLY A 4 7.97 -6.67 -13.62
CA GLY A 4 6.83 -7.55 -13.49
C GLY A 4 5.87 -7.43 -14.67
N SER A 5 5.18 -8.52 -14.97
CA SER A 5 4.24 -8.53 -16.09
C SER A 5 3.19 -7.44 -15.91
N SER A 6 2.83 -7.16 -14.66
CA SER A 6 1.83 -6.14 -14.36
C SER A 6 2.37 -5.13 -13.35
N GLY A 7 3.03 -5.64 -12.31
CA GLY A 7 3.59 -4.77 -11.29
C GLY A 7 2.94 -4.98 -9.93
N TYR A 8 3.56 -4.43 -8.89
CA TYR A 8 3.03 -4.56 -7.54
C TYR A 8 1.87 -3.61 -7.31
N ILE A 9 1.89 -2.48 -8.00
CA ILE A 9 0.82 -1.49 -7.87
C ILE A 9 -0.52 -2.16 -7.64
N GLY A 10 -0.77 -3.25 -8.35
CA GLY A 10 -2.02 -3.97 -8.21
C GLY A 10 -1.93 -5.09 -7.19
N LEU A 11 -0.76 -5.68 -7.06
CA LEU A 11 -0.54 -6.76 -6.12
C LEU A 11 -1.29 -6.52 -4.81
N VAL A 12 -1.00 -5.39 -4.17
CA VAL A 12 -1.66 -5.03 -2.92
C VAL A 12 -3.17 -5.12 -3.04
N ASN A 13 -3.73 -4.29 -3.93
CA ASN A 13 -5.17 -4.26 -4.15
C ASN A 13 -5.76 -5.66 -4.04
N SER A 14 -5.17 -6.61 -4.77
CA SER A 14 -5.66 -7.99 -4.75
C SER A 14 -5.23 -8.69 -3.47
N PHE A 15 -4.08 -8.28 -2.93
CA PHE A 15 -3.57 -8.87 -1.69
C PHE A 15 -4.53 -8.66 -0.53
N ALA A 16 -4.90 -7.41 -0.30
CA ALA A 16 -5.82 -7.06 0.78
C ALA A 16 -7.08 -7.92 0.71
N GLN A 17 -7.77 -7.88 -0.42
CA GLN A 17 -8.99 -8.66 -0.61
C GLN A 17 -8.77 -10.11 -0.20
N LYS A 18 -7.68 -10.70 -0.69
CA LYS A 18 -7.36 -12.09 -0.38
C LYS A 18 -7.28 -12.30 1.13
N LYS A 19 -6.64 -11.37 1.82
CA LYS A 19 -6.49 -11.46 3.28
C LYS A 19 -7.63 -10.71 3.97
N LYS A 20 -8.74 -10.54 3.27
CA LYS A 20 -9.90 -9.85 3.82
C LYS A 20 -9.47 -8.66 4.68
N LEU A 21 -8.46 -7.94 4.21
CA LEU A 21 -7.94 -6.78 4.92
C LEU A 21 -8.58 -5.49 4.40
N SER A 22 -8.27 -4.37 5.05
CA SER A 22 -8.82 -3.08 4.66
C SER A 22 -7.70 -2.15 4.19
N VAL A 23 -7.77 -1.75 2.92
CA VAL A 23 -6.77 -0.86 2.35
C VAL A 23 -7.33 0.55 2.16
N ASN A 24 -6.57 1.54 2.60
CA ASN A 24 -6.99 2.93 2.48
C ASN A 24 -5.88 3.79 1.88
N TYR A 25 -6.27 4.84 1.17
CA TYR A 25 -5.32 5.74 0.53
C TYR A 25 -5.56 7.19 0.96
N GLU A 26 -4.70 7.70 1.82
CA GLU A 26 -4.82 9.08 2.30
C GLU A 26 -4.08 10.05 1.38
N GLN A 27 -4.72 11.17 1.08
CA GLN A 27 -4.13 12.18 0.21
C GLN A 27 -3.85 13.47 0.98
N CYS A 28 -2.56 13.78 1.16
CA CYS A 28 -2.17 14.99 1.87
C CYS A 28 -1.37 15.92 0.96
N GLU A 29 -1.72 17.20 0.97
CA GLU A 29 -1.03 18.19 0.16
C GLU A 29 0.07 18.88 0.95
N PRO A 30 1.19 19.17 0.26
CA PRO A 30 2.34 19.83 0.87
C PRO A 30 2.05 21.29 1.24
N ASN A 31 2.21 21.62 2.52
CA ASN A 31 1.96 22.98 2.98
C ASN A 31 2.55 24.01 2.02
N SER A 32 3.85 23.89 1.75
CA SER A 32 4.52 24.79 0.85
C SER A 32 3.75 24.95 -0.47
N GLU A 33 3.35 26.18 -0.77
CA GLU A 33 2.61 26.46 -1.99
C GLU A 33 3.14 25.63 -3.16
N LEU A 34 4.33 25.97 -3.62
CA LEU A 34 4.96 25.24 -4.73
C LEU A 34 6.30 24.65 -4.32
N PRO A 35 6.76 23.65 -5.09
CA PRO A 35 6.05 23.15 -6.26
C PRO A 35 4.78 22.39 -5.88
N GLN A 36 4.07 21.89 -6.89
CA GLN A 36 2.84 21.14 -6.65
C GLN A 36 3.04 19.66 -6.94
N ARG A 37 3.01 18.85 -5.87
CA ARG A 37 3.19 17.42 -6.01
C ARG A 37 2.17 16.66 -5.17
N PHE A 38 1.48 15.71 -5.79
CA PHE A 38 0.47 14.91 -5.11
C PHE A 38 1.11 13.81 -4.28
N ILE A 39 0.47 13.44 -3.18
CA ILE A 39 0.98 12.40 -2.31
C ILE A 39 -0.15 11.47 -1.85
N CYS A 40 0.11 10.17 -1.87
CA CYS A 40 -0.87 9.19 -1.44
C CYS A 40 -0.24 8.14 -0.54
N LYS A 41 -0.71 8.05 0.71
CA LYS A 41 -0.18 7.09 1.66
C LYS A 41 -1.12 5.89 1.80
N CYS A 42 -0.59 4.70 1.59
CA CYS A 42 -1.37 3.48 1.69
C CYS A 42 -1.35 2.93 3.12
N LYS A 43 -2.52 2.88 3.74
CA LYS A 43 -2.63 2.38 5.10
C LYS A 43 -3.52 1.15 5.16
N ILE A 44 -3.00 0.07 5.74
CA ILE A 44 -3.76 -1.18 5.85
C ILE A 44 -4.29 -1.37 7.27
N GLY A 45 -5.57 -1.10 7.46
CA GLY A 45 -6.19 -1.25 8.77
C GLY A 45 -5.64 -0.27 9.78
N GLN A 46 -5.65 1.02 9.42
CA GLN A 46 -5.14 2.05 10.31
C GLN A 46 -3.65 1.87 10.58
N THR A 47 -2.97 1.20 9.66
CA THR A 47 -1.54 0.94 9.80
C THR A 47 -0.77 1.47 8.61
N MET A 48 0.29 2.24 8.88
CA MET A 48 1.12 2.80 7.82
C MET A 48 2.00 1.73 7.19
N TYR A 49 1.78 1.45 5.91
CA TYR A 49 2.55 0.44 5.20
C TYR A 49 3.47 1.09 4.16
N GLY A 50 2.86 1.77 3.19
CA GLY A 50 3.62 2.43 2.15
C GLY A 50 3.19 3.86 1.93
N THR A 51 4.06 4.66 1.31
CA THR A 51 3.75 6.06 1.04
C THR A 51 4.31 6.49 -0.32
N GLY A 52 3.40 6.81 -1.24
CA GLY A 52 3.82 7.23 -2.57
C GLY A 52 3.74 8.72 -2.75
N SER A 53 4.66 9.28 -3.55
CA SER A 53 4.68 10.71 -3.79
C SER A 53 5.11 11.01 -5.23
N GLY A 54 4.29 11.75 -5.96
CA GLY A 54 4.60 12.09 -7.32
C GLY A 54 3.97 13.39 -7.76
N VAL A 55 4.13 13.74 -9.04
CA VAL A 55 3.57 14.97 -9.58
C VAL A 55 2.06 14.89 -9.69
N THR A 56 1.54 13.66 -9.75
CA THR A 56 0.10 13.44 -9.86
C THR A 56 -0.36 12.36 -8.90
N LYS A 57 -1.58 12.53 -8.38
CA LYS A 57 -2.14 11.56 -7.44
C LYS A 57 -1.89 10.13 -7.91
N GLN A 58 -2.44 9.79 -9.07
CA GLN A 58 -2.28 8.46 -9.64
C GLN A 58 -0.87 7.93 -9.40
N GLU A 59 0.11 8.59 -10.00
CA GLU A 59 1.50 8.20 -9.86
C GLU A 59 1.84 7.91 -8.40
N ALA A 60 1.30 8.72 -7.50
CA ALA A 60 1.54 8.55 -6.07
C ALA A 60 0.86 7.29 -5.55
N LYS A 61 -0.46 7.34 -5.44
CA LYS A 61 -1.24 6.19 -4.97
C LYS A 61 -0.66 4.89 -5.48
N GLN A 62 -0.34 4.85 -6.77
CA GLN A 62 0.22 3.66 -7.39
C GLN A 62 1.45 3.17 -6.61
N LEU A 63 2.53 3.95 -6.66
CA LEU A 63 3.75 3.59 -5.97
C LEU A 63 3.46 3.14 -4.54
N ALA A 64 2.65 3.92 -3.83
CA ALA A 64 2.29 3.59 -2.46
C ALA A 64 2.17 2.07 -2.26
N ALA A 65 1.40 1.43 -3.13
CA ALA A 65 1.21 -0.01 -3.06
C ALA A 65 2.54 -0.74 -3.08
N LYS A 66 3.34 -0.49 -4.10
CA LYS A 66 4.65 -1.12 -4.25
C LYS A 66 5.32 -1.27 -2.88
N GLU A 67 5.30 -0.21 -2.09
CA GLU A 67 5.91 -0.23 -0.77
C GLU A 67 5.12 -1.13 0.18
N ALA A 68 3.79 -0.98 0.17
CA ALA A 68 2.94 -1.77 1.02
C ALA A 68 3.14 -3.26 0.79
N TYR A 69 3.38 -3.63 -0.47
CA TYR A 69 3.61 -5.02 -0.83
C TYR A 69 4.79 -5.61 -0.06
N GLN A 70 5.99 -5.13 -0.38
CA GLN A 70 7.20 -5.60 0.28
C GLN A 70 7.03 -5.62 1.79
N LYS A 71 6.33 -4.61 2.31
CA LYS A 71 6.09 -4.51 3.75
C LYS A 71 5.37 -5.76 4.26
N LEU A 72 4.47 -6.29 3.46
CA LEU A 72 3.72 -7.49 3.83
C LEU A 72 4.60 -8.73 3.78
N LEU A 73 5.36 -8.86 2.71
CA LEU A 73 6.25 -10.01 2.54
C LEU A 73 7.22 -10.12 3.72
N LYS A 74 7.58 -8.99 4.29
CA LYS A 74 8.49 -8.95 5.43
C LYS A 74 7.73 -9.08 6.74
N SER A 75 6.66 -8.31 6.88
CA SER A 75 5.84 -8.34 8.09
C SER A 75 4.36 -8.45 7.74
N PRO A 76 3.88 -9.70 7.56
CA PRO A 76 2.49 -9.97 7.22
C PRO A 76 1.54 -9.68 8.38
N PRO A 77 0.24 -9.68 8.10
CA PRO A 77 -0.79 -9.43 9.12
C PRO A 77 -0.91 -10.55 10.14
N LYS A 78 -0.37 -10.33 11.33
CA LYS A 78 -0.41 -11.32 12.39
C LYS A 78 -1.80 -11.91 12.54
N THR A 79 -2.01 -13.10 11.99
CA THR A 79 -3.30 -13.77 12.07
C THR A 79 -3.24 -14.98 12.99
N ALA A 80 -4.38 -15.31 13.60
CA ALA A 80 -4.47 -16.45 14.50
C ALA A 80 -4.31 -17.76 13.75
N GLY A 81 -5.12 -17.95 12.72
CA GLY A 81 -5.06 -19.17 11.93
C GLY A 81 -6.39 -19.50 11.27
N THR A 82 -6.32 -20.02 10.05
CA THR A 82 -7.52 -20.36 9.30
C THR A 82 -7.76 -21.87 9.32
N SER A 83 -9.01 -22.27 9.52
CA SER A 83 -9.36 -23.69 9.56
C SER A 83 -10.87 -23.88 9.38
N GLY A 84 -11.23 -24.88 8.59
CA GLY A 84 -12.64 -25.15 8.36
C GLY A 84 -12.88 -25.91 7.06
N PRO A 85 -13.90 -26.78 7.06
CA PRO A 85 -14.25 -27.59 5.89
C PRO A 85 -14.84 -26.75 4.76
N SER A 86 -15.27 -25.54 5.09
CA SER A 86 -15.86 -24.64 4.11
C SER A 86 -15.09 -24.69 2.80
N SER A 87 -13.78 -24.88 2.89
CA SER A 87 -12.93 -24.96 1.71
C SER A 87 -11.61 -25.66 2.03
N GLY A 88 -11.21 -26.57 1.15
CA GLY A 88 -9.97 -27.30 1.36
C GLY A 88 -9.12 -27.36 0.11
N GLY A 1 15.90 -14.36 -11.28
CA GLY A 1 15.15 -15.46 -10.70
C GLY A 1 13.75 -15.06 -10.30
N SER A 2 13.51 -14.96 -9.00
CA SER A 2 12.20 -14.59 -8.48
C SER A 2 11.92 -13.11 -8.72
N SER A 3 12.93 -12.28 -8.45
CA SER A 3 12.79 -10.84 -8.62
C SER A 3 12.15 -10.51 -9.98
N GLY A 4 11.44 -9.40 -10.04
CA GLY A 4 10.79 -9.00 -11.27
C GLY A 4 9.96 -7.73 -11.11
N SER A 5 10.00 -6.86 -12.10
CA SER A 5 9.25 -5.61 -12.06
C SER A 5 7.90 -5.76 -12.74
N SER A 6 7.21 -6.86 -12.43
CA SER A 6 5.91 -7.13 -13.02
C SER A 6 4.89 -6.06 -12.60
N GLY A 7 4.93 -5.69 -11.33
CA GLY A 7 4.01 -4.68 -10.83
C GLY A 7 3.34 -5.10 -9.54
N TYR A 8 3.69 -4.44 -8.45
CA TYR A 8 3.12 -4.75 -7.15
C TYR A 8 1.95 -3.82 -6.83
N ILE A 9 1.97 -2.63 -7.42
CA ILE A 9 0.89 -1.67 -7.20
C ILE A 9 -0.46 -2.36 -7.08
N GLY A 10 -0.69 -3.35 -7.93
CA GLY A 10 -1.95 -4.08 -7.91
C GLY A 10 -1.88 -5.30 -7.03
N LEU A 11 -0.67 -5.79 -6.78
CA LEU A 11 -0.48 -6.98 -5.94
C LEU A 11 -1.11 -6.78 -4.57
N VAL A 12 -0.76 -5.69 -3.91
CA VAL A 12 -1.28 -5.39 -2.59
C VAL A 12 -2.78 -5.07 -2.66
N ASN A 13 -3.21 -4.54 -3.79
CA ASN A 13 -4.61 -4.19 -3.99
C ASN A 13 -5.49 -5.44 -3.98
N SER A 14 -4.95 -6.54 -4.49
CA SER A 14 -5.68 -7.80 -4.54
C SER A 14 -5.41 -8.64 -3.31
N PHE A 15 -4.13 -8.75 -2.94
CA PHE A 15 -3.75 -9.52 -1.76
C PHE A 15 -4.61 -9.17 -0.55
N ALA A 16 -4.80 -7.86 -0.34
CA ALA A 16 -5.60 -7.39 0.79
C ALA A 16 -6.95 -8.10 0.82
N GLN A 17 -7.73 -7.94 -0.24
CA GLN A 17 -9.05 -8.57 -0.32
C GLN A 17 -8.97 -10.05 0.03
N LYS A 18 -8.08 -10.77 -0.66
CA LYS A 18 -7.92 -12.20 -0.42
C LYS A 18 -7.69 -12.47 1.07
N LYS A 19 -6.94 -11.59 1.72
CA LYS A 19 -6.65 -11.74 3.14
C LYS A 19 -7.68 -10.99 3.99
N LYS A 20 -8.84 -10.74 3.42
CA LYS A 20 -9.91 -10.04 4.11
C LYS A 20 -9.36 -8.83 4.88
N LEU A 21 -8.36 -8.19 4.30
CA LEU A 21 -7.74 -7.02 4.92
C LEU A 21 -8.41 -5.73 4.44
N SER A 22 -8.02 -4.61 5.04
CA SER A 22 -8.58 -3.32 4.68
C SER A 22 -7.48 -2.35 4.23
N VAL A 23 -7.49 -2.02 2.95
CA VAL A 23 -6.50 -1.10 2.39
C VAL A 23 -7.12 0.24 2.04
N ASN A 24 -6.57 1.30 2.62
CA ASN A 24 -7.08 2.65 2.37
C ASN A 24 -5.98 3.55 1.83
N TYR A 25 -6.37 4.66 1.20
CA TYR A 25 -5.42 5.60 0.63
C TYR A 25 -5.71 7.02 1.09
N GLU A 26 -4.84 7.55 1.95
CA GLU A 26 -5.01 8.91 2.48
C GLU A 26 -4.32 9.93 1.57
N GLN A 27 -5.00 11.04 1.32
CA GLN A 27 -4.45 12.08 0.47
C GLN A 27 -4.26 13.38 1.26
N CYS A 28 -3.18 14.08 0.98
CA CYS A 28 -2.87 15.34 1.67
C CYS A 28 -3.49 16.52 0.93
N GLU A 29 -3.35 17.71 1.51
CA GLU A 29 -3.89 18.92 0.90
C GLU A 29 -2.82 19.66 0.12
N PRO A 30 -3.25 20.46 -0.87
CA PRO A 30 -2.34 21.24 -1.72
C PRO A 30 -1.69 22.39 -0.96
N ASN A 31 -0.57 22.88 -1.48
CA ASN A 31 0.14 23.99 -0.84
C ASN A 31 -0.07 25.28 -1.61
N SER A 32 -0.14 26.40 -0.88
CA SER A 32 -0.33 27.70 -1.49
C SER A 32 0.87 28.11 -2.32
N GLU A 33 2.01 27.48 -2.05
CA GLU A 33 3.24 27.77 -2.78
C GLU A 33 3.44 26.80 -3.93
N LEU A 34 3.48 27.35 -5.15
CA LEU A 34 3.66 26.53 -6.34
C LEU A 34 5.14 26.42 -6.71
N PRO A 35 5.48 25.37 -7.47
CA PRO A 35 4.52 24.36 -7.92
C PRO A 35 4.00 23.50 -6.78
N GLN A 36 2.99 22.67 -7.07
CA GLN A 36 2.40 21.80 -6.08
C GLN A 36 2.38 20.36 -6.56
N ARG A 37 3.02 19.47 -5.81
CA ARG A 37 3.08 18.06 -6.17
C ARG A 37 2.03 17.26 -5.41
N PHE A 38 1.69 16.09 -5.92
CA PHE A 38 0.70 15.22 -5.28
C PHE A 38 1.37 14.22 -4.34
N ILE A 39 0.68 13.87 -3.27
CA ILE A 39 1.20 12.92 -2.30
C ILE A 39 0.10 12.02 -1.76
N CYS A 40 0.32 10.71 -1.82
CA CYS A 40 -0.65 9.74 -1.34
C CYS A 40 -0.02 8.79 -0.33
N LYS A 41 -0.85 8.21 0.54
CA LYS A 41 -0.37 7.29 1.56
C LYS A 41 -1.27 6.06 1.62
N CYS A 42 -0.64 4.88 1.71
CA CYS A 42 -1.38 3.63 1.79
C CYS A 42 -1.37 3.07 3.21
N LYS A 43 -2.56 2.94 3.79
CA LYS A 43 -2.69 2.42 5.14
C LYS A 43 -3.53 1.15 5.17
N ILE A 44 -2.98 0.10 5.78
CA ILE A 44 -3.69 -1.17 5.87
C ILE A 44 -4.30 -1.37 7.25
N GLY A 45 -5.61 -1.16 7.36
CA GLY A 45 -6.29 -1.32 8.63
C GLY A 45 -5.81 -0.34 9.67
N GLN A 46 -5.75 0.94 9.30
CA GLN A 46 -5.30 1.99 10.21
C GLN A 46 -3.83 1.80 10.55
N THR A 47 -3.09 1.16 9.66
CA THR A 47 -1.67 0.91 9.87
C THR A 47 -0.84 1.46 8.71
N MET A 48 0.15 2.27 9.03
CA MET A 48 1.02 2.86 8.01
C MET A 48 1.92 1.80 7.39
N TYR A 49 1.76 1.57 6.09
CA TYR A 49 2.56 0.59 5.37
C TYR A 49 3.49 1.25 4.38
N GLY A 50 2.91 2.02 3.45
CA GLY A 50 3.71 2.70 2.46
C GLY A 50 3.18 4.09 2.14
N THR A 51 4.00 4.90 1.48
CA THR A 51 3.61 6.26 1.13
C THR A 51 4.15 6.66 -0.24
N GLY A 52 3.25 7.03 -1.15
CA GLY A 52 3.65 7.42 -2.48
C GLY A 52 3.66 8.92 -2.67
N SER A 53 4.49 9.40 -3.59
CA SER A 53 4.59 10.83 -3.86
C SER A 53 5.02 11.08 -5.31
N GLY A 54 4.28 11.96 -5.99
CA GLY A 54 4.59 12.27 -7.37
C GLY A 54 3.91 13.53 -7.85
N VAL A 55 3.93 13.75 -9.16
CA VAL A 55 3.30 14.93 -9.76
C VAL A 55 1.84 14.66 -10.08
N THR A 56 1.45 13.38 -10.07
CA THR A 56 0.09 12.99 -10.38
C THR A 56 -0.43 11.98 -9.36
N LYS A 57 -1.71 12.14 -8.99
CA LYS A 57 -2.33 11.24 -8.02
C LYS A 57 -2.03 9.78 -8.37
N GLN A 58 -2.38 9.37 -9.58
CA GLN A 58 -2.15 8.00 -10.02
C GLN A 58 -0.70 7.59 -9.78
N GLU A 59 0.24 8.47 -10.14
CA GLU A 59 1.65 8.20 -9.96
C GLU A 59 1.97 7.89 -8.51
N ALA A 60 1.50 8.76 -7.61
CA ALA A 60 1.73 8.58 -6.18
C ALA A 60 0.94 7.40 -5.64
N LYS A 61 -0.38 7.56 -5.60
CA LYS A 61 -1.26 6.50 -5.11
C LYS A 61 -0.72 5.12 -5.47
N GLN A 62 -0.29 4.97 -6.72
CA GLN A 62 0.25 3.70 -7.19
C GLN A 62 1.50 3.32 -6.40
N LEU A 63 2.60 4.01 -6.65
CA LEU A 63 3.85 3.74 -5.97
C LEU A 63 3.60 3.36 -4.51
N ALA A 64 2.79 4.15 -3.83
CA ALA A 64 2.47 3.90 -2.43
C ALA A 64 2.33 2.41 -2.15
N ALA A 65 1.63 1.71 -3.05
CA ALA A 65 1.42 0.28 -2.91
C ALA A 65 2.75 -0.48 -3.03
N LYS A 66 3.52 -0.14 -4.06
CA LYS A 66 4.81 -0.79 -4.29
C LYS A 66 5.49 -1.14 -2.96
N GLU A 67 5.67 -0.14 -2.11
CA GLU A 67 6.31 -0.34 -0.82
C GLU A 67 5.43 -1.21 0.09
N ALA A 68 4.13 -0.92 0.09
CA ALA A 68 3.17 -1.65 0.90
C ALA A 68 3.30 -3.16 0.66
N TYR A 69 3.06 -3.57 -0.58
CA TYR A 69 3.14 -4.98 -0.94
C TYR A 69 4.38 -5.63 -0.33
N GLN A 70 5.53 -5.01 -0.56
CA GLN A 70 6.79 -5.52 -0.03
C GLN A 70 6.67 -5.84 1.46
N LYS A 71 6.18 -4.86 2.22
CA LYS A 71 6.02 -5.04 3.66
C LYS A 71 5.27 -6.33 3.97
N LEU A 72 4.11 -6.50 3.36
CA LEU A 72 3.30 -7.70 3.58
C LEU A 72 4.15 -8.96 3.48
N LEU A 73 4.99 -9.02 2.45
CA LEU A 73 5.86 -10.16 2.25
C LEU A 73 6.90 -10.27 3.36
N LYS A 74 7.40 -9.14 3.81
CA LYS A 74 8.39 -9.10 4.89
C LYS A 74 7.71 -9.21 6.25
N SER A 75 7.08 -8.12 6.67
CA SER A 75 6.39 -8.10 7.97
C SER A 75 4.91 -7.77 7.79
N PRO A 76 4.11 -8.82 7.54
CA PRO A 76 2.67 -8.68 7.34
C PRO A 76 1.94 -8.31 8.63
N PRO A 77 0.66 -7.96 8.50
CA PRO A 77 -0.17 -7.57 9.65
C PRO A 77 -0.48 -8.76 10.56
N LYS A 78 -0.40 -9.96 10.01
CA LYS A 78 -0.67 -11.18 10.78
C LYS A 78 0.54 -11.57 11.60
N THR A 79 0.52 -11.22 12.89
CA THR A 79 1.62 -11.55 13.79
C THR A 79 2.07 -13.00 13.61
N ALA A 80 3.38 -13.22 13.57
CA ALA A 80 3.93 -14.55 13.41
C ALA A 80 5.44 -14.54 13.56
N GLY A 81 5.98 -15.57 14.20
CA GLY A 81 7.42 -15.67 14.39
C GLY A 81 8.01 -14.37 14.92
N THR A 82 9.34 -14.31 14.96
CA THR A 82 10.03 -13.12 15.44
C THR A 82 9.41 -11.85 14.87
N SER A 83 9.33 -10.82 15.69
CA SER A 83 8.76 -9.54 15.28
C SER A 83 9.82 -8.65 14.66
N GLY A 84 9.49 -8.04 13.53
CA GLY A 84 10.43 -7.16 12.86
C GLY A 84 10.02 -5.70 12.95
N PRO A 85 11.02 -4.81 13.02
CA PRO A 85 10.78 -3.37 13.11
C PRO A 85 10.24 -2.79 11.81
N SER A 86 9.31 -1.83 11.94
CA SER A 86 8.71 -1.19 10.78
C SER A 86 9.38 0.13 10.48
N SER A 87 9.58 0.41 9.19
CA SER A 87 10.21 1.66 8.77
C SER A 87 9.46 2.27 7.58
N GLY A 88 8.97 3.49 7.76
CA GLY A 88 8.25 4.17 6.70
C GLY A 88 6.80 3.77 6.65
N GLY A 1 8.92 -11.49 -12.63
CA GLY A 1 7.79 -12.40 -12.68
C GLY A 1 6.80 -12.05 -13.77
N SER A 2 6.29 -13.07 -14.45
CA SER A 2 5.32 -12.87 -15.52
C SER A 2 4.14 -13.82 -15.39
N SER A 3 4.44 -15.11 -15.22
CA SER A 3 3.40 -16.12 -15.08
C SER A 3 2.30 -15.64 -14.14
N GLY A 4 2.71 -15.10 -12.99
CA GLY A 4 1.75 -14.61 -12.02
C GLY A 4 1.20 -13.24 -12.39
N SER A 5 1.50 -12.25 -11.56
CA SER A 5 1.02 -10.89 -11.79
C SER A 5 2.19 -9.94 -12.04
N SER A 6 1.97 -8.94 -12.87
CA SER A 6 2.99 -7.96 -13.19
C SER A 6 2.75 -6.65 -12.45
N GLY A 7 3.83 -6.07 -11.91
CA GLY A 7 3.71 -4.82 -11.18
C GLY A 7 3.05 -5.00 -9.83
N TYR A 8 3.72 -4.54 -8.77
CA TYR A 8 3.20 -4.66 -7.42
C TYR A 8 2.02 -3.70 -7.21
N ILE A 9 2.06 -2.56 -7.89
CA ILE A 9 1.02 -1.56 -7.79
C ILE A 9 -0.34 -2.22 -7.59
N GLY A 10 -0.57 -3.32 -8.29
CA GLY A 10 -1.83 -4.04 -8.19
C GLY A 10 -1.78 -5.15 -7.16
N LEU A 11 -0.60 -5.74 -6.99
CA LEU A 11 -0.43 -6.83 -6.03
C LEU A 11 -1.19 -6.55 -4.75
N VAL A 12 -0.91 -5.41 -4.13
CA VAL A 12 -1.57 -5.03 -2.89
C VAL A 12 -3.08 -5.06 -3.04
N ASN A 13 -3.60 -4.25 -3.96
CA ASN A 13 -5.04 -4.20 -4.20
C ASN A 13 -5.68 -5.57 -4.01
N SER A 14 -5.13 -6.57 -4.70
CA SER A 14 -5.65 -7.94 -4.61
C SER A 14 -5.22 -8.59 -3.31
N PHE A 15 -4.04 -8.23 -2.83
CA PHE A 15 -3.51 -8.79 -1.59
C PHE A 15 -4.48 -8.54 -0.42
N ALA A 16 -4.93 -7.30 -0.30
CA ALA A 16 -5.86 -6.91 0.76
C ALA A 16 -7.15 -7.73 0.68
N GLN A 17 -7.89 -7.53 -0.40
CA GLN A 17 -9.15 -8.24 -0.59
C GLN A 17 -8.98 -9.74 -0.33
N LYS A 18 -7.96 -10.33 -0.94
CA LYS A 18 -7.68 -11.75 -0.77
C LYS A 18 -7.51 -12.09 0.70
N LYS A 19 -6.90 -11.17 1.45
CA LYS A 19 -6.66 -11.38 2.88
C LYS A 19 -7.76 -10.73 3.70
N LYS A 20 -8.89 -10.44 3.06
CA LYS A 20 -10.02 -9.84 3.74
C LYS A 20 -9.58 -8.64 4.58
N LEU A 21 -8.56 -7.94 4.10
CA LEU A 21 -8.03 -6.78 4.80
C LEU A 21 -8.64 -5.48 4.26
N SER A 22 -8.36 -4.37 4.92
CA SER A 22 -8.88 -3.08 4.49
C SER A 22 -7.74 -2.16 4.05
N VAL A 23 -7.77 -1.77 2.77
CA VAL A 23 -6.75 -0.90 2.21
C VAL A 23 -7.30 0.50 1.97
N ASN A 24 -6.58 1.51 2.46
CA ASN A 24 -7.00 2.90 2.30
C ASN A 24 -5.84 3.76 1.81
N TYR A 25 -6.17 4.95 1.32
CA TYR A 25 -5.15 5.87 0.82
C TYR A 25 -5.38 7.28 1.37
N GLU A 26 -4.44 7.76 2.17
CA GLU A 26 -4.53 9.09 2.76
C GLU A 26 -3.90 10.14 1.84
N GLN A 27 -4.71 11.10 1.41
CA GLN A 27 -4.23 12.16 0.53
C GLN A 27 -3.56 13.27 1.33
N CYS A 28 -2.65 13.99 0.69
CA CYS A 28 -1.94 15.08 1.34
C CYS A 28 -2.92 16.04 2.01
N GLU A 29 -2.39 17.08 2.64
CA GLU A 29 -3.22 18.07 3.32
C GLU A 29 -3.16 19.42 2.60
N PRO A 30 -4.30 20.13 2.58
CA PRO A 30 -4.41 21.43 1.93
C PRO A 30 -3.64 22.52 2.68
N ASN A 31 -3.24 22.22 3.91
CA ASN A 31 -2.49 23.16 4.72
C ASN A 31 -1.53 23.99 3.86
N SER A 32 -0.68 23.30 3.12
CA SER A 32 0.29 23.96 2.25
C SER A 32 0.06 23.61 0.79
N GLU A 33 -0.29 24.60 -0.01
CA GLU A 33 -0.55 24.39 -1.44
C GLU A 33 0.71 23.88 -2.14
N LEU A 34 1.82 24.58 -1.94
CA LEU A 34 3.09 24.18 -2.55
C LEU A 34 3.99 23.47 -1.55
N PRO A 35 4.87 22.60 -2.06
CA PRO A 35 4.98 22.34 -3.50
C PRO A 35 3.78 21.59 -4.05
N GLN A 36 3.42 21.87 -5.29
CA GLN A 36 2.29 21.22 -5.93
C GLN A 36 2.61 19.77 -6.27
N ARG A 37 2.58 18.92 -5.25
CA ARG A 37 2.88 17.49 -5.44
C ARG A 37 1.82 16.63 -4.77
N PHE A 38 1.51 15.49 -5.39
CA PHE A 38 0.51 14.58 -4.86
C PHE A 38 1.16 13.50 -4.00
N ILE A 39 0.55 13.22 -2.86
CA ILE A 39 1.07 12.20 -1.94
C ILE A 39 -0.04 11.28 -1.46
N CYS A 40 0.13 9.98 -1.72
CA CYS A 40 -0.86 8.99 -1.31
C CYS A 40 -0.26 8.00 -0.32
N LYS A 41 -0.86 7.91 0.85
CA LYS A 41 -0.40 6.99 1.89
C LYS A 41 -1.28 5.75 1.98
N CYS A 42 -0.75 4.63 1.51
CA CYS A 42 -1.50 3.37 1.54
C CYS A 42 -1.47 2.75 2.93
N LYS A 43 -2.59 2.85 3.64
CA LYS A 43 -2.69 2.30 4.98
C LYS A 43 -3.61 1.07 5.01
N ILE A 44 -3.20 0.04 5.74
CA ILE A 44 -3.98 -1.18 5.85
C ILE A 44 -4.58 -1.34 7.23
N GLY A 45 -5.89 -1.13 7.34
CA GLY A 45 -6.56 -1.25 8.61
C GLY A 45 -6.06 -0.25 9.63
N GLN A 46 -5.89 1.00 9.19
CA GLN A 46 -5.40 2.06 10.08
C GLN A 46 -3.94 1.85 10.42
N THR A 47 -3.20 1.18 9.53
CA THR A 47 -1.79 0.92 9.75
C THR A 47 -0.95 1.45 8.59
N MET A 48 0.15 2.12 8.92
CA MET A 48 1.04 2.69 7.91
C MET A 48 1.93 1.60 7.31
N TYR A 49 1.84 1.43 5.99
CA TYR A 49 2.64 0.43 5.30
C TYR A 49 3.57 1.09 4.28
N GLY A 50 2.99 1.78 3.32
CA GLY A 50 3.79 2.46 2.30
C GLY A 50 3.07 3.65 1.70
N THR A 51 3.85 4.61 1.20
CA THR A 51 3.29 5.81 0.60
C THR A 51 4.00 6.16 -0.71
N GLY A 52 3.32 6.94 -1.55
CA GLY A 52 3.91 7.32 -2.83
C GLY A 52 3.78 8.81 -3.08
N SER A 53 4.72 9.36 -3.85
CA SER A 53 4.71 10.78 -4.17
C SER A 53 4.96 11.00 -5.67
N GLY A 54 4.12 11.82 -6.27
CA GLY A 54 4.26 12.11 -7.70
C GLY A 54 3.51 13.36 -8.11
N VAL A 55 3.63 13.71 -9.38
CA VAL A 55 2.96 14.91 -9.91
C VAL A 55 1.46 14.75 -9.86
N THR A 56 0.97 13.58 -10.25
CA THR A 56 -0.47 13.31 -10.25
C THR A 56 -0.82 12.25 -9.21
N LYS A 57 -2.03 12.35 -8.66
CA LYS A 57 -2.49 11.39 -7.66
C LYS A 57 -2.13 9.97 -8.05
N GLN A 58 -2.64 9.53 -9.20
CA GLN A 58 -2.38 8.19 -9.69
C GLN A 58 -0.93 7.78 -9.42
N GLU A 59 0.01 8.49 -10.05
CA GLU A 59 1.43 8.21 -9.88
C GLU A 59 1.75 7.91 -8.41
N ALA A 60 1.19 8.72 -7.51
CA ALA A 60 1.41 8.54 -6.09
C ALA A 60 0.76 7.26 -5.58
N LYS A 61 -0.56 7.22 -5.61
CA LYS A 61 -1.31 6.05 -5.16
C LYS A 61 -0.64 4.77 -5.63
N GLN A 62 -0.29 4.71 -6.91
CA GLN A 62 0.37 3.54 -7.48
C GLN A 62 1.57 3.12 -6.63
N LEU A 63 2.64 3.91 -6.72
CA LEU A 63 3.85 3.62 -5.96
C LEU A 63 3.52 3.21 -4.53
N ALA A 64 2.67 4.00 -3.87
CA ALA A 64 2.27 3.72 -2.50
C ALA A 64 2.16 2.22 -2.26
N ALA A 65 1.48 1.52 -3.16
CA ALA A 65 1.32 0.08 -3.05
C ALA A 65 2.66 -0.63 -3.07
N LYS A 66 3.50 -0.29 -4.04
CA LYS A 66 4.81 -0.90 -4.17
C LYS A 66 5.43 -1.16 -2.80
N GLU A 67 5.76 -0.09 -2.09
CA GLU A 67 6.36 -0.20 -0.76
C GLU A 67 5.48 -1.04 0.16
N ALA A 68 4.18 -0.78 0.13
CA ALA A 68 3.23 -1.52 0.96
C ALA A 68 3.44 -3.02 0.83
N TYR A 69 3.54 -3.49 -0.42
CA TYR A 69 3.74 -4.90 -0.69
C TYR A 69 4.93 -5.45 0.09
N GLN A 70 6.12 -5.01 -0.29
CA GLN A 70 7.35 -5.45 0.37
C GLN A 70 7.14 -5.59 1.87
N LYS A 71 6.55 -4.56 2.47
CA LYS A 71 6.29 -4.56 3.91
C LYS A 71 5.55 -5.83 4.32
N LEU A 72 4.46 -6.13 3.64
CA LEU A 72 3.67 -7.32 3.93
C LEU A 72 4.50 -8.59 3.76
N LEU A 73 5.23 -8.66 2.66
CA LEU A 73 6.07 -9.82 2.37
C LEU A 73 6.96 -10.16 3.57
N LYS A 74 7.31 -9.14 4.35
CA LYS A 74 8.15 -9.34 5.52
C LYS A 74 7.29 -9.57 6.77
N SER A 75 6.37 -8.65 7.03
CA SER A 75 5.50 -8.76 8.19
C SER A 75 4.04 -8.88 7.75
N PRO A 76 3.60 -10.12 7.48
CA PRO A 76 2.23 -10.40 7.05
C PRO A 76 1.22 -10.19 8.17
N PRO A 77 -0.08 -10.22 7.81
CA PRO A 77 -1.17 -10.02 8.77
C PRO A 77 -1.30 -11.21 9.73
N LYS A 78 -0.62 -12.31 9.41
CA LYS A 78 -0.66 -13.50 10.24
C LYS A 78 0.52 -13.54 11.20
N THR A 79 0.44 -14.43 12.19
CA THR A 79 1.51 -14.57 13.18
C THR A 79 2.79 -15.07 12.54
N ALA A 80 3.87 -14.29 12.69
CA ALA A 80 5.15 -14.67 12.12
C ALA A 80 5.69 -15.94 12.76
N GLY A 81 6.11 -16.89 11.94
CA GLY A 81 6.63 -18.15 12.45
C GLY A 81 6.54 -19.27 11.42
N THR A 82 6.27 -20.48 11.91
CA THR A 82 6.16 -21.64 11.04
C THR A 82 4.73 -22.16 11.00
N SER A 83 4.02 -22.03 12.11
CA SER A 83 2.64 -22.48 12.22
C SER A 83 2.55 -23.97 11.89
N GLY A 84 3.53 -24.74 12.35
CA GLY A 84 3.55 -26.17 12.09
C GLY A 84 4.32 -26.53 10.85
N PRO A 85 4.93 -27.73 10.84
CA PRO A 85 5.73 -28.22 9.72
C PRO A 85 4.85 -28.55 8.50
N SER A 86 3.55 -28.66 8.73
CA SER A 86 2.61 -28.98 7.66
C SER A 86 1.64 -27.83 7.43
N SER A 87 1.03 -27.81 6.25
CA SER A 87 0.08 -26.76 5.90
C SER A 87 -1.30 -27.07 6.47
N GLY A 88 -1.93 -26.06 7.07
CA GLY A 88 -3.24 -26.22 7.65
C GLY A 88 -4.22 -26.88 6.69
N GLY A 1 2.81 -11.04 -16.55
CA GLY A 1 1.64 -10.97 -15.69
C GLY A 1 0.44 -10.36 -16.39
N SER A 2 -0.67 -10.25 -15.67
CA SER A 2 -1.90 -9.69 -16.23
C SER A 2 -1.68 -8.25 -16.65
N SER A 3 -1.05 -7.47 -15.78
CA SER A 3 -0.78 -6.06 -16.06
C SER A 3 0.60 -5.87 -16.66
N GLY A 4 1.61 -6.36 -15.94
CA GLY A 4 2.99 -6.24 -16.43
C GLY A 4 4.00 -6.50 -15.33
N SER A 5 5.22 -6.84 -15.74
CA SER A 5 6.29 -7.13 -14.78
C SER A 5 6.48 -5.97 -13.82
N SER A 6 7.01 -6.27 -12.64
CA SER A 6 7.24 -5.25 -11.62
C SER A 6 6.04 -4.31 -11.51
N GLY A 7 4.84 -4.88 -11.49
CA GLY A 7 3.63 -4.08 -11.40
C GLY A 7 2.92 -4.28 -10.07
N TYR A 8 3.68 -4.38 -9.00
CA TYR A 8 3.12 -4.58 -7.67
C TYR A 8 1.90 -3.68 -7.46
N ILE A 9 1.90 -2.53 -8.13
CA ILE A 9 0.80 -1.58 -8.02
C ILE A 9 -0.53 -2.31 -7.86
N GLY A 10 -0.69 -3.42 -8.57
CA GLY A 10 -1.91 -4.19 -8.48
C GLY A 10 -1.84 -5.30 -7.45
N LEU A 11 -0.63 -5.80 -7.22
CA LEU A 11 -0.41 -6.87 -6.25
C LEU A 11 -1.16 -6.58 -4.95
N VAL A 12 -0.74 -5.53 -4.24
CA VAL A 12 -1.36 -5.15 -2.98
C VAL A 12 -2.88 -5.10 -3.13
N ASN A 13 -3.36 -4.26 -4.03
CA ASN A 13 -4.79 -4.11 -4.26
C ASN A 13 -5.51 -5.45 -4.09
N SER A 14 -5.06 -6.44 -4.85
CA SER A 14 -5.66 -7.78 -4.79
C SER A 14 -5.26 -8.50 -3.52
N PHE A 15 -4.06 -8.19 -3.03
CA PHE A 15 -3.55 -8.81 -1.81
C PHE A 15 -4.50 -8.58 -0.64
N ALA A 16 -4.86 -7.32 -0.42
CA ALA A 16 -5.76 -6.97 0.68
C ALA A 16 -7.08 -7.73 0.56
N GLN A 17 -7.81 -7.48 -0.54
CA GLN A 17 -9.09 -8.13 -0.76
C GLN A 17 -8.98 -9.63 -0.51
N LYS A 18 -8.05 -10.28 -1.19
CA LYS A 18 -7.85 -11.72 -1.03
C LYS A 18 -7.67 -12.09 0.42
N LYS A 19 -6.94 -11.27 1.16
CA LYS A 19 -6.69 -11.50 2.59
C LYS A 19 -7.77 -10.85 3.43
N LYS A 20 -8.91 -10.55 2.82
CA LYS A 20 -10.02 -9.92 3.52
C LYS A 20 -9.53 -8.79 4.42
N LEU A 21 -8.50 -8.08 3.95
CA LEU A 21 -7.94 -6.97 4.72
C LEU A 21 -8.52 -5.64 4.26
N SER A 22 -8.17 -4.57 4.95
CA SER A 22 -8.66 -3.24 4.62
C SER A 22 -7.53 -2.34 4.14
N VAL A 23 -7.64 -1.88 2.89
CA VAL A 23 -6.63 -1.01 2.31
C VAL A 23 -7.18 0.37 2.03
N ASN A 24 -6.51 1.40 2.55
CA ASN A 24 -6.94 2.78 2.34
C ASN A 24 -5.82 3.62 1.75
N TYR A 25 -6.19 4.66 1.02
CA TYR A 25 -5.20 5.55 0.40
C TYR A 25 -5.44 7.00 0.81
N GLU A 26 -4.66 7.47 1.79
CA GLU A 26 -4.78 8.84 2.27
C GLU A 26 -3.91 9.79 1.46
N GLN A 27 -4.45 10.96 1.16
CA GLN A 27 -3.73 11.96 0.38
C GLN A 27 -3.40 13.18 1.22
N CYS A 28 -2.17 13.66 1.11
CA CYS A 28 -1.73 14.83 1.87
C CYS A 28 -0.95 15.80 0.98
N GLU A 29 -1.10 17.09 1.24
CA GLU A 29 -0.42 18.11 0.47
C GLU A 29 0.43 19.02 1.37
N PRO A 30 1.61 19.42 0.88
CA PRO A 30 2.52 20.28 1.62
C PRO A 30 1.99 21.70 1.78
N ASN A 31 2.88 22.62 2.13
CA ASN A 31 2.49 24.02 2.32
C ASN A 31 1.84 24.57 1.06
N SER A 32 1.41 25.83 1.13
CA SER A 32 0.76 26.48 -0.01
C SER A 32 1.79 26.94 -1.03
N GLU A 33 2.37 26.00 -1.75
CA GLU A 33 3.37 26.31 -2.77
C GLU A 33 3.18 25.44 -4.01
N LEU A 34 3.13 26.09 -5.17
CA LEU A 34 2.95 25.38 -6.43
C LEU A 34 4.30 25.00 -7.03
N PRO A 35 4.29 23.97 -7.90
CA PRO A 35 3.07 23.24 -8.25
C PRO A 35 2.54 22.40 -7.08
N GLN A 36 1.40 21.76 -7.29
CA GLN A 36 0.79 20.92 -6.26
C GLN A 36 1.34 19.50 -6.31
N ARG A 37 2.02 19.09 -5.24
CA ARG A 37 2.59 17.76 -5.18
C ARG A 37 1.58 16.76 -4.61
N PHE A 38 1.27 15.73 -5.39
CA PHE A 38 0.31 14.71 -4.96
C PHE A 38 1.02 13.61 -4.17
N ILE A 39 0.76 13.58 -2.87
CA ILE A 39 1.37 12.56 -2.00
C ILE A 39 0.32 11.61 -1.43
N CYS A 40 0.46 10.34 -1.76
CA CYS A 40 -0.49 9.33 -1.28
C CYS A 40 0.17 8.43 -0.24
N LYS A 41 -0.65 7.86 0.64
CA LYS A 41 -0.15 6.98 1.69
C LYS A 41 -1.04 5.76 1.85
N CYS A 42 -0.46 4.58 1.68
CA CYS A 42 -1.21 3.33 1.79
C CYS A 42 -1.23 2.85 3.24
N LYS A 43 -2.42 2.81 3.83
CA LYS A 43 -2.59 2.36 5.21
C LYS A 43 -3.54 1.18 5.29
N ILE A 44 -3.10 0.12 5.96
CA ILE A 44 -3.92 -1.09 6.11
C ILE A 44 -4.19 -1.38 7.58
N GLY A 45 -5.48 -1.37 7.95
CA GLY A 45 -5.86 -1.64 9.32
C GLY A 45 -5.28 -0.63 10.28
N GLN A 46 -5.35 0.65 9.92
CA GLN A 46 -4.84 1.72 10.77
C GLN A 46 -3.33 1.58 10.95
N THR A 47 -2.67 0.93 9.99
CA THR A 47 -1.24 0.74 10.05
C THR A 47 -0.55 1.26 8.79
N MET A 48 0.60 1.91 8.98
CA MET A 48 1.34 2.47 7.86
C MET A 48 2.21 1.40 7.20
N TYR A 49 2.13 1.31 5.88
CA TYR A 49 2.91 0.33 5.13
C TYR A 49 3.80 1.01 4.10
N GLY A 50 3.18 1.74 3.18
CA GLY A 50 3.93 2.44 2.15
C GLY A 50 3.39 3.83 1.88
N THR A 51 4.21 4.66 1.25
CA THR A 51 3.81 6.03 0.94
C THR A 51 4.31 6.45 -0.44
N GLY A 52 3.38 6.79 -1.33
CA GLY A 52 3.76 7.20 -2.67
C GLY A 52 3.78 8.72 -2.83
N SER A 53 4.64 9.20 -3.72
CA SER A 53 4.76 10.63 -3.95
C SER A 53 5.00 10.91 -5.43
N GLY A 54 4.05 11.62 -6.05
CA GLY A 54 4.18 11.95 -7.46
C GLY A 54 3.51 13.27 -7.81
N VAL A 55 3.44 13.56 -9.11
CA VAL A 55 2.82 14.80 -9.57
C VAL A 55 1.30 14.64 -9.71
N THR A 56 0.86 13.39 -9.78
CA THR A 56 -0.56 13.10 -9.93
C THR A 56 -1.01 12.07 -8.90
N LYS A 57 -2.12 12.36 -8.23
CA LYS A 57 -2.67 11.45 -7.22
C LYS A 57 -2.49 10.00 -7.65
N GLN A 58 -2.92 9.68 -8.86
CA GLN A 58 -2.81 8.33 -9.39
C GLN A 58 -1.37 7.82 -9.27
N GLU A 59 -0.46 8.41 -10.04
CA GLU A 59 0.94 8.02 -10.02
C GLU A 59 1.40 7.72 -8.60
N ALA A 60 1.14 8.66 -7.70
CA ALA A 60 1.53 8.51 -6.30
C ALA A 60 0.89 7.26 -5.69
N LYS A 61 -0.42 7.30 -5.52
CA LYS A 61 -1.15 6.17 -4.94
C LYS A 61 -0.52 4.85 -5.36
N GLN A 62 -0.51 4.59 -6.66
CA GLN A 62 0.07 3.36 -7.19
C GLN A 62 1.33 2.98 -6.43
N LEU A 63 2.40 3.75 -6.62
CA LEU A 63 3.66 3.50 -5.95
C LEU A 63 3.44 3.12 -4.49
N ALA A 64 2.55 3.85 -3.83
CA ALA A 64 2.24 3.59 -2.43
C ALA A 64 2.10 2.10 -2.16
N ALA A 65 1.49 1.38 -3.10
CA ALA A 65 1.31 -0.06 -2.97
C ALA A 65 2.65 -0.79 -3.00
N LYS A 66 3.44 -0.52 -4.03
CA LYS A 66 4.74 -1.15 -4.18
C LYS A 66 5.43 -1.29 -2.83
N GLU A 67 5.65 -0.17 -2.16
CA GLU A 67 6.31 -0.16 -0.86
C GLU A 67 5.55 -1.02 0.14
N ALA A 68 4.22 -1.02 0.02
CA ALA A 68 3.37 -1.80 0.91
C ALA A 68 3.60 -3.29 0.72
N TYR A 69 3.34 -3.78 -0.49
CA TYR A 69 3.51 -5.19 -0.80
C TYR A 69 4.73 -5.76 -0.07
N GLN A 70 5.90 -5.25 -0.41
CA GLN A 70 7.14 -5.70 0.21
C GLN A 70 7.09 -5.53 1.72
N LYS A 71 6.38 -4.50 2.17
CA LYS A 71 6.24 -4.23 3.60
C LYS A 71 5.35 -5.25 4.27
N LEU A 72 4.43 -5.82 3.50
CA LEU A 72 3.50 -6.82 4.01
C LEU A 72 4.17 -8.19 4.11
N LEU A 73 5.00 -8.51 3.12
CA LEU A 73 5.71 -9.78 3.08
C LEU A 73 6.68 -9.89 4.25
N LYS A 74 7.21 -8.75 4.68
CA LYS A 74 8.16 -8.72 5.79
C LYS A 74 7.44 -8.40 7.10
N SER A 75 6.60 -7.37 7.07
CA SER A 75 5.85 -6.95 8.26
C SER A 75 4.36 -6.98 8.00
N PRO A 76 3.75 -8.17 8.19
CA PRO A 76 2.31 -8.36 7.99
C PRO A 76 1.48 -7.64 9.04
N PRO A 77 0.15 -7.59 8.81
CA PRO A 77 -0.78 -6.93 9.73
C PRO A 77 -0.95 -7.69 11.04
N LYS A 78 -0.36 -8.89 11.10
CA LYS A 78 -0.43 -9.72 12.30
C LYS A 78 0.08 -8.97 13.52
N THR A 79 -0.81 -8.24 14.19
CA THR A 79 -0.44 -7.48 15.37
C THR A 79 -0.64 -8.30 16.64
N ALA A 80 -1.53 -9.28 16.57
CA ALA A 80 -1.80 -10.14 17.72
C ALA A 80 -0.65 -11.12 17.96
N GLY A 81 -0.26 -11.82 16.90
CA GLY A 81 0.82 -12.78 17.02
C GLY A 81 0.67 -13.95 16.06
N THR A 82 1.78 -14.53 15.65
CA THR A 82 1.77 -15.65 14.72
C THR A 82 0.96 -16.81 15.29
N SER A 83 0.71 -17.82 14.46
CA SER A 83 -0.06 -18.98 14.88
C SER A 83 0.86 -20.18 15.12
N GLY A 84 0.28 -21.28 15.59
CA GLY A 84 1.05 -22.48 15.86
C GLY A 84 0.51 -23.70 15.15
N PRO A 85 1.40 -24.61 14.75
CA PRO A 85 1.03 -25.84 14.05
C PRO A 85 0.29 -26.82 14.96
N SER A 86 -0.89 -27.28 14.51
CA SER A 86 -1.69 -28.21 15.28
C SER A 86 -1.74 -27.80 16.74
N SER A 87 -1.97 -26.51 16.99
CA SER A 87 -2.04 -25.99 18.35
C SER A 87 -3.41 -25.40 18.62
N GLY A 88 -3.92 -24.62 17.67
CA GLY A 88 -5.23 -24.00 17.83
C GLY A 88 -6.24 -24.94 18.46
N GLY A 1 -3.76 -17.25 -12.76
CA GLY A 1 -2.45 -16.72 -13.11
C GLY A 1 -2.43 -16.09 -14.50
N SER A 2 -1.23 -15.79 -14.99
CA SER A 2 -1.08 -15.19 -16.30
C SER A 2 0.38 -15.26 -16.76
N SER A 3 0.61 -14.91 -18.03
CA SER A 3 1.96 -14.93 -18.58
C SER A 3 2.67 -13.60 -18.35
N GLY A 4 2.63 -13.12 -17.11
CA GLY A 4 3.28 -11.87 -16.78
C GLY A 4 2.48 -11.06 -15.76
N SER A 5 3.08 -10.84 -14.60
CA SER A 5 2.42 -10.08 -13.54
C SER A 5 2.19 -8.63 -13.97
N SER A 6 1.31 -7.94 -13.24
CA SER A 6 1.01 -6.54 -13.54
C SER A 6 1.58 -5.62 -12.47
N GLY A 7 2.89 -5.68 -12.26
CA GLY A 7 3.52 -4.85 -11.27
C GLY A 7 2.98 -5.10 -9.88
N TYR A 8 3.51 -4.35 -8.90
CA TYR A 8 3.08 -4.49 -7.52
C TYR A 8 1.95 -3.52 -7.19
N ILE A 9 1.96 -2.37 -7.86
CA ILE A 9 0.94 -1.35 -7.64
C ILE A 9 -0.41 -1.99 -7.33
N GLY A 10 -0.74 -3.06 -8.04
CA GLY A 10 -1.99 -3.74 -7.82
C GLY A 10 -1.86 -4.91 -6.86
N LEU A 11 -0.70 -5.55 -6.87
CA LEU A 11 -0.46 -6.69 -5.99
C LEU A 11 -1.16 -6.51 -4.65
N VAL A 12 -1.03 -5.32 -4.07
CA VAL A 12 -1.65 -5.02 -2.80
C VAL A 12 -3.18 -5.01 -2.92
N ASN A 13 -3.69 -4.13 -3.77
CA ASN A 13 -5.13 -4.03 -3.98
C ASN A 13 -5.79 -5.40 -3.89
N SER A 14 -5.13 -6.40 -4.45
CA SER A 14 -5.65 -7.77 -4.43
C SER A 14 -5.25 -8.50 -3.16
N PHE A 15 -4.00 -8.31 -2.74
CA PHE A 15 -3.49 -8.95 -1.54
C PHE A 15 -4.45 -8.73 -0.36
N ALA A 16 -5.01 -7.54 -0.28
CA ALA A 16 -5.94 -7.21 0.79
C ALA A 16 -7.19 -8.09 0.72
N GLN A 17 -8.01 -7.87 -0.30
CA GLN A 17 -9.23 -8.63 -0.48
C GLN A 17 -9.00 -10.11 -0.21
N LYS A 18 -7.97 -10.67 -0.83
CA LYS A 18 -7.63 -12.07 -0.67
C LYS A 18 -7.39 -12.39 0.81
N LYS A 19 -6.76 -11.47 1.51
CA LYS A 19 -6.46 -11.65 2.93
C LYS A 19 -7.55 -11.01 3.79
N LYS A 20 -8.72 -10.78 3.21
CA LYS A 20 -9.84 -10.19 3.93
C LYS A 20 -9.36 -9.00 4.77
N LEU A 21 -8.45 -8.21 4.21
CA LEU A 21 -7.92 -7.04 4.91
C LEU A 21 -8.57 -5.76 4.40
N SER A 22 -8.23 -4.64 5.03
CA SER A 22 -8.78 -3.35 4.64
C SER A 22 -7.67 -2.37 4.26
N VAL A 23 -7.72 -1.90 3.02
CA VAL A 23 -6.71 -0.96 2.52
C VAL A 23 -7.27 0.46 2.48
N ASN A 24 -6.42 1.43 2.83
CA ASN A 24 -6.83 2.83 2.84
C ASN A 24 -5.80 3.69 2.10
N TYR A 25 -6.29 4.68 1.37
CA TYR A 25 -5.41 5.58 0.62
C TYR A 25 -5.66 7.04 1.01
N GLU A 26 -4.81 7.56 1.88
CA GLU A 26 -4.93 8.94 2.33
C GLU A 26 -4.07 9.87 1.48
N GLN A 27 -4.66 11.01 1.10
CA GLN A 27 -3.96 11.98 0.27
C GLN A 27 -3.83 13.31 1.00
N CYS A 28 -2.63 13.59 1.51
CA CYS A 28 -2.38 14.84 2.22
C CYS A 28 -1.25 15.62 1.57
N GLU A 29 -0.91 16.76 2.16
CA GLU A 29 0.15 17.61 1.63
C GLU A 29 1.26 17.81 2.67
N PRO A 30 2.51 17.87 2.19
CA PRO A 30 3.68 18.05 3.05
C PRO A 30 3.74 19.45 3.65
N ASN A 31 4.13 19.52 4.92
CA ASN A 31 4.24 20.81 5.61
C ASN A 31 4.71 21.90 4.67
N SER A 32 5.95 21.77 4.19
CA SER A 32 6.51 22.76 3.28
C SER A 32 5.49 23.18 2.22
N GLU A 33 5.08 24.44 2.28
CA GLU A 33 4.10 24.96 1.33
C GLU A 33 4.41 24.48 -0.09
N LEU A 34 5.51 24.97 -0.65
CA LEU A 34 5.92 24.59 -1.99
C LEU A 34 7.21 23.77 -1.96
N PRO A 35 7.41 22.96 -3.01
CA PRO A 35 6.48 22.85 -4.13
C PRO A 35 5.17 22.16 -3.72
N GLN A 36 4.21 22.16 -4.64
CA GLN A 36 2.92 21.53 -4.38
C GLN A 36 2.70 20.33 -5.29
N ARG A 37 2.92 19.14 -4.75
CA ARG A 37 2.76 17.91 -5.51
C ARG A 37 1.73 16.98 -4.84
N PHE A 38 1.35 15.92 -5.55
CA PHE A 38 0.37 14.97 -5.03
C PHE A 38 1.07 13.90 -4.18
N ILE A 39 0.50 13.62 -3.02
CA ILE A 39 1.05 12.62 -2.11
C ILE A 39 -0.02 11.63 -1.66
N CYS A 40 0.28 10.34 -1.79
CA CYS A 40 -0.66 9.29 -1.39
C CYS A 40 -0.04 8.39 -0.33
N LYS A 41 -0.89 7.86 0.54
CA LYS A 41 -0.43 6.96 1.60
C LYS A 41 -1.32 5.74 1.72
N CYS A 42 -0.75 4.57 1.49
CA CYS A 42 -1.50 3.32 1.56
C CYS A 42 -1.34 2.68 2.94
N LYS A 43 -2.39 2.73 3.74
CA LYS A 43 -2.37 2.14 5.08
C LYS A 43 -3.26 0.92 5.16
N ILE A 44 -2.81 -0.11 5.86
CA ILE A 44 -3.56 -1.34 6.01
C ILE A 44 -4.01 -1.54 7.47
N GLY A 45 -5.29 -1.29 7.72
CA GLY A 45 -5.81 -1.44 9.07
C GLY A 45 -5.23 -0.44 10.05
N GLN A 46 -5.26 0.83 9.67
CA GLN A 46 -4.73 1.90 10.52
C GLN A 46 -3.23 1.71 10.75
N THR A 47 -2.57 1.02 9.82
CA THR A 47 -1.14 0.76 9.92
C THR A 47 -0.41 1.28 8.69
N MET A 48 0.69 2.00 8.92
CA MET A 48 1.48 2.54 7.82
C MET A 48 2.24 1.43 7.09
N TYR A 49 1.97 1.28 5.81
CA TYR A 49 2.62 0.25 5.01
C TYR A 49 3.52 0.88 3.94
N GLY A 50 2.90 1.66 3.05
CA GLY A 50 3.66 2.31 1.99
C GLY A 50 3.16 3.71 1.69
N THR A 51 4.09 4.62 1.41
CA THR A 51 3.73 6.00 1.11
C THR A 51 4.21 6.40 -0.28
N GLY A 52 3.27 6.71 -1.16
CA GLY A 52 3.61 7.10 -2.51
C GLY A 52 3.60 8.61 -2.70
N SER A 53 4.50 9.10 -3.53
CA SER A 53 4.60 10.53 -3.79
C SER A 53 4.89 10.81 -5.26
N GLY A 54 4.28 11.86 -5.80
CA GLY A 54 4.49 12.21 -7.19
C GLY A 54 3.81 13.51 -7.57
N VAL A 55 3.75 13.78 -8.86
CA VAL A 55 3.12 15.00 -9.36
C VAL A 55 1.66 14.76 -9.72
N THR A 56 1.31 13.50 -9.99
CA THR A 56 -0.05 13.14 -10.34
C THR A 56 -0.58 12.05 -9.42
N LYS A 57 -1.84 12.19 -9.01
CA LYS A 57 -2.47 11.21 -8.13
C LYS A 57 -2.02 9.80 -8.47
N GLN A 58 -2.26 9.39 -9.71
CA GLN A 58 -1.86 8.05 -10.17
C GLN A 58 -0.48 7.69 -9.66
N GLU A 59 0.52 8.45 -10.09
CA GLU A 59 1.90 8.20 -9.68
C GLU A 59 1.96 7.79 -8.21
N ALA A 60 1.51 8.68 -7.33
CA ALA A 60 1.51 8.40 -5.90
C ALA A 60 0.65 7.19 -5.57
N LYS A 61 -0.66 7.34 -5.75
CA LYS A 61 -1.59 6.26 -5.47
C LYS A 61 -1.05 4.92 -5.98
N GLN A 62 -0.16 5.00 -6.96
CA GLN A 62 0.44 3.80 -7.55
C GLN A 62 1.60 3.31 -6.70
N LEU A 63 2.70 4.05 -6.72
CA LEU A 63 3.89 3.70 -5.96
C LEU A 63 3.52 3.34 -4.52
N ALA A 64 2.70 4.17 -3.90
CA ALA A 64 2.27 3.93 -2.52
C ALA A 64 2.09 2.44 -2.25
N ALA A 65 1.72 1.70 -3.29
CA ALA A 65 1.51 0.26 -3.16
C ALA A 65 2.84 -0.49 -3.28
N LYS A 66 3.62 -0.16 -4.29
CA LYS A 66 4.91 -0.81 -4.51
C LYS A 66 5.60 -1.10 -3.18
N GLU A 67 5.56 -0.12 -2.28
CA GLU A 67 6.19 -0.27 -0.97
C GLU A 67 5.33 -1.15 -0.05
N ALA A 68 4.04 -0.86 -0.02
CA ALA A 68 3.10 -1.62 0.81
C ALA A 68 3.28 -3.12 0.60
N TYR A 69 3.23 -3.55 -0.65
CA TYR A 69 3.38 -4.96 -0.99
C TYR A 69 4.57 -5.57 -0.25
N GLN A 70 5.69 -4.85 -0.25
CA GLN A 70 6.90 -5.32 0.42
C GLN A 70 6.67 -5.47 1.92
N LYS A 71 6.01 -4.48 2.51
CA LYS A 71 5.73 -4.49 3.94
C LYS A 71 5.08 -5.81 4.35
N LEU A 72 4.28 -6.38 3.46
CA LEU A 72 3.59 -7.64 3.72
C LEU A 72 4.57 -8.80 3.66
N LEU A 73 5.32 -8.88 2.57
CA LEU A 73 6.29 -9.95 2.38
C LEU A 73 7.21 -10.07 3.59
N LYS A 74 7.42 -8.95 4.28
CA LYS A 74 8.27 -8.94 5.47
C LYS A 74 7.50 -9.40 6.70
N SER A 75 6.46 -8.65 7.05
CA SER A 75 5.65 -8.99 8.22
C SER A 75 4.17 -9.08 7.83
N PRO A 76 3.74 -10.26 7.37
CA PRO A 76 2.36 -10.49 6.96
C PRO A 76 1.40 -10.50 8.15
N PRO A 77 0.09 -10.49 7.85
CA PRO A 77 -0.95 -10.50 8.88
C PRO A 77 -1.03 -11.84 9.60
N LYS A 78 -1.89 -11.91 10.62
CA LYS A 78 -2.07 -13.13 11.39
C LYS A 78 -3.50 -13.65 11.27
N THR A 79 -3.69 -14.92 11.61
CA THR A 79 -5.01 -15.53 11.54
C THR A 79 -5.95 -14.93 12.59
N ALA A 80 -7.08 -14.39 12.13
CA ALA A 80 -8.06 -13.79 13.04
C ALA A 80 -9.42 -13.67 12.36
N GLY A 81 -10.45 -14.19 13.02
CA GLY A 81 -11.79 -14.13 12.47
C GLY A 81 -12.78 -14.95 13.27
N THR A 82 -13.75 -14.26 13.87
CA THR A 82 -14.76 -14.93 14.68
C THR A 82 -16.14 -14.79 14.05
N SER A 83 -16.50 -13.58 13.65
CA SER A 83 -17.79 -13.31 13.04
C SER A 83 -17.61 -12.76 11.63
N GLY A 84 -18.73 -12.55 10.94
CA GLY A 84 -18.68 -12.02 9.59
C GLY A 84 -19.48 -10.74 9.43
N PRO A 85 -18.94 -9.64 9.97
CA PRO A 85 -19.60 -8.33 9.89
C PRO A 85 -19.60 -7.76 8.49
N SER A 86 -18.54 -8.06 7.73
CA SER A 86 -18.41 -7.57 6.37
C SER A 86 -19.75 -7.64 5.64
N SER A 87 -20.36 -6.48 5.41
CA SER A 87 -21.64 -6.42 4.72
C SER A 87 -21.62 -7.25 3.44
N GLY A 88 -22.68 -8.01 3.21
CA GLY A 88 -22.76 -8.84 2.03
C GLY A 88 -23.55 -10.11 2.26
N GLY A 1 12.71 -11.46 -0.22
CA GLY A 1 12.21 -11.92 -1.50
C GLY A 1 13.29 -12.54 -2.36
N SER A 2 13.04 -13.75 -2.86
CA SER A 2 14.02 -14.44 -3.70
C SER A 2 13.73 -14.19 -5.18
N SER A 3 12.49 -14.44 -5.59
CA SER A 3 12.09 -14.25 -6.97
C SER A 3 10.59 -13.98 -7.08
N GLY A 4 10.24 -12.81 -7.60
CA GLY A 4 8.84 -12.44 -7.75
C GLY A 4 8.50 -12.02 -9.16
N SER A 5 7.48 -11.18 -9.30
CA SER A 5 7.05 -10.70 -10.61
C SER A 5 7.03 -9.18 -10.65
N SER A 6 6.84 -8.63 -11.85
CA SER A 6 6.81 -7.18 -12.03
C SER A 6 5.37 -6.66 -11.98
N GLY A 7 5.20 -5.50 -11.36
CA GLY A 7 3.88 -4.91 -11.25
C GLY A 7 3.23 -5.18 -9.91
N TYR A 8 3.68 -4.47 -8.87
CA TYR A 8 3.14 -4.64 -7.54
C TYR A 8 1.99 -3.67 -7.28
N ILE A 9 2.07 -2.50 -7.91
CA ILE A 9 1.04 -1.49 -7.75
C ILE A 9 -0.34 -2.12 -7.57
N GLY A 10 -0.56 -3.23 -8.26
CA GLY A 10 -1.84 -3.92 -8.16
C GLY A 10 -1.83 -5.01 -7.11
N LEU A 11 -0.68 -5.68 -6.97
CA LEU A 11 -0.55 -6.76 -5.99
C LEU A 11 -1.29 -6.44 -4.70
N VAL A 12 -1.13 -5.20 -4.23
CA VAL A 12 -1.78 -4.75 -3.00
C VAL A 12 -3.29 -4.82 -3.14
N ASN A 13 -3.82 -4.08 -4.11
CA ASN A 13 -5.26 -4.05 -4.35
C ASN A 13 -5.88 -5.43 -4.18
N SER A 14 -5.31 -6.41 -4.87
CA SER A 14 -5.81 -7.79 -4.80
C SER A 14 -5.47 -8.41 -3.44
N PHE A 15 -4.17 -8.50 -3.15
CA PHE A 15 -3.72 -9.08 -1.88
C PHE A 15 -4.66 -8.70 -0.75
N ALA A 16 -4.85 -7.40 -0.54
CA ALA A 16 -5.72 -6.92 0.52
C ALA A 16 -7.04 -7.69 0.54
N GLN A 17 -7.82 -7.55 -0.51
CA GLN A 17 -9.11 -8.23 -0.61
C GLN A 17 -8.95 -9.73 -0.36
N LYS A 18 -7.96 -10.34 -1.00
CA LYS A 18 -7.71 -11.76 -0.84
C LYS A 18 -7.52 -12.11 0.63
N LYS A 19 -6.85 -11.23 1.36
CA LYS A 19 -6.60 -11.44 2.79
C LYS A 19 -7.70 -10.81 3.63
N LYS A 20 -8.83 -10.53 3.01
CA LYS A 20 -9.96 -9.93 3.70
C LYS A 20 -9.53 -8.72 4.51
N LEU A 21 -8.50 -8.03 4.04
CA LEU A 21 -7.98 -6.85 4.73
C LEU A 21 -8.61 -5.58 4.16
N SER A 22 -8.31 -4.45 4.81
CA SER A 22 -8.85 -3.17 4.38
C SER A 22 -7.73 -2.22 3.94
N VAL A 23 -7.78 -1.79 2.70
CA VAL A 23 -6.77 -0.87 2.16
C VAL A 23 -7.30 0.54 2.08
N ASN A 24 -6.53 1.50 2.58
CA ASN A 24 -6.91 2.90 2.56
C ASN A 24 -5.82 3.76 1.92
N TYR A 25 -6.23 4.89 1.35
CA TYR A 25 -5.29 5.81 0.72
C TYR A 25 -5.52 7.24 1.17
N GLU A 26 -4.70 7.70 2.08
CA GLU A 26 -4.81 9.07 2.61
C GLU A 26 -3.99 10.04 1.77
N GLN A 27 -4.57 11.20 1.51
CA GLN A 27 -3.90 12.22 0.71
C GLN A 27 -3.59 13.45 1.55
N CYS A 28 -2.40 14.03 1.34
CA CYS A 28 -1.99 15.21 2.08
C CYS A 28 -2.42 16.49 1.37
N GLU A 29 -2.31 17.61 2.07
CA GLU A 29 -2.70 18.90 1.49
C GLU A 29 -1.58 19.46 0.61
N PRO A 30 -1.98 20.26 -0.39
CA PRO A 30 -1.03 20.87 -1.33
C PRO A 30 -0.17 21.95 -0.67
N ASN A 31 1.09 21.63 -0.42
CA ASN A 31 2.01 22.57 0.20
C ASN A 31 2.61 23.52 -0.84
N SER A 32 2.93 24.73 -0.41
CA SER A 32 3.52 25.73 -1.30
C SER A 32 4.74 25.16 -2.02
N GLU A 33 5.54 24.39 -1.29
CA GLU A 33 6.74 23.79 -1.87
C GLU A 33 6.51 23.40 -3.33
N LEU A 34 7.32 23.96 -4.22
CA LEU A 34 7.21 23.68 -5.64
C LEU A 34 8.41 22.86 -6.13
N PRO A 35 8.19 22.08 -7.20
CA PRO A 35 6.89 22.00 -7.87
C PRO A 35 5.84 21.29 -7.02
N GLN A 36 4.58 21.41 -7.44
CA GLN A 36 3.49 20.77 -6.70
C GLN A 36 3.46 19.27 -6.96
N ARG A 37 3.64 18.50 -5.89
CA ARG A 37 3.64 17.04 -6.00
C ARG A 37 2.59 16.43 -5.07
N PHE A 38 1.79 15.53 -5.62
CA PHE A 38 0.74 14.87 -4.84
C PHE A 38 1.30 13.70 -4.04
N ILE A 39 0.64 13.36 -2.93
CA ILE A 39 1.08 12.27 -2.08
C ILE A 39 -0.07 11.31 -1.78
N CYS A 40 0.26 10.04 -1.63
CA CYS A 40 -0.75 9.01 -1.34
C CYS A 40 -0.21 8.00 -0.34
N LYS A 41 -0.70 8.09 0.89
CA LYS A 41 -0.28 7.18 1.95
C LYS A 41 -1.22 5.99 2.05
N CYS A 42 -0.70 4.80 1.75
CA CYS A 42 -1.49 3.57 1.80
C CYS A 42 -1.52 3.02 3.21
N LYS A 43 -2.71 3.03 3.82
CA LYS A 43 -2.89 2.52 5.17
C LYS A 43 -3.76 1.27 5.17
N ILE A 44 -3.19 0.16 5.63
CA ILE A 44 -3.92 -1.10 5.69
C ILE A 44 -4.54 -1.31 7.06
N GLY A 45 -5.86 -1.13 7.15
CA GLY A 45 -6.56 -1.32 8.41
C GLY A 45 -6.00 -0.42 9.50
N GLN A 46 -5.76 0.84 9.17
CA GLN A 46 -5.23 1.79 10.13
C GLN A 46 -3.76 1.50 10.45
N THR A 47 -3.08 0.85 9.50
CA THR A 47 -1.67 0.50 9.67
C THR A 47 -0.83 1.06 8.54
N MET A 48 0.05 2.00 8.87
CA MET A 48 0.92 2.61 7.87
C MET A 48 1.90 1.59 7.29
N TYR A 49 1.70 1.23 6.04
CA TYR A 49 2.56 0.25 5.38
C TYR A 49 3.51 0.94 4.40
N GLY A 50 2.94 1.68 3.45
CA GLY A 50 3.75 2.37 2.47
C GLY A 50 3.08 3.64 1.96
N THR A 51 3.85 4.49 1.28
CA THR A 51 3.33 5.73 0.74
C THR A 51 3.94 6.03 -0.62
N GLY A 52 3.23 6.82 -1.42
CA GLY A 52 3.72 7.18 -2.74
C GLY A 52 3.62 8.67 -3.02
N SER A 53 4.39 9.14 -3.99
CA SER A 53 4.38 10.55 -4.35
C SER A 53 4.59 10.74 -5.84
N GLY A 54 3.79 11.62 -6.45
CA GLY A 54 3.90 11.87 -7.88
C GLY A 54 3.15 13.10 -8.31
N VAL A 55 3.59 13.72 -9.40
CA VAL A 55 2.95 14.92 -9.92
C VAL A 55 1.44 14.74 -10.02
N THR A 56 1.01 13.47 -10.15
CA THR A 56 -0.41 13.16 -10.26
C THR A 56 -0.82 12.11 -9.23
N LYS A 57 -2.04 12.24 -8.72
CA LYS A 57 -2.56 11.30 -7.73
C LYS A 57 -2.14 9.88 -8.06
N GLN A 58 -2.63 9.37 -9.19
CA GLN A 58 -2.30 8.02 -9.62
C GLN A 58 -0.84 7.69 -9.33
N GLU A 59 0.07 8.38 -10.01
CA GLU A 59 1.50 8.16 -9.83
C GLU A 59 1.81 7.81 -8.37
N ALA A 60 1.25 8.58 -7.45
CA ALA A 60 1.47 8.36 -6.03
C ALA A 60 0.74 7.10 -5.55
N LYS A 61 -0.59 7.18 -5.52
CA LYS A 61 -1.41 6.05 -5.09
C LYS A 61 -0.82 4.73 -5.60
N GLN A 62 -0.14 4.79 -6.74
CA GLN A 62 0.46 3.61 -7.32
C GLN A 62 1.66 3.13 -6.50
N LEU A 63 2.74 3.91 -6.54
CA LEU A 63 3.95 3.57 -5.80
C LEU A 63 3.61 3.16 -4.37
N ALA A 64 2.69 3.89 -3.74
CA ALA A 64 2.28 3.60 -2.37
C ALA A 64 2.11 2.10 -2.16
N ALA A 65 1.64 1.41 -3.20
CA ALA A 65 1.43 -0.03 -3.12
C ALA A 65 2.77 -0.77 -3.15
N LYS A 66 3.65 -0.37 -4.05
CA LYS A 66 4.96 -1.00 -4.18
C LYS A 66 5.58 -1.26 -2.81
N GLU A 67 5.86 -0.19 -2.08
CA GLU A 67 6.45 -0.31 -0.75
C GLU A 67 5.54 -1.11 0.18
N ALA A 68 4.25 -0.80 0.17
CA ALA A 68 3.28 -1.50 1.00
C ALA A 68 3.44 -3.01 0.87
N TYR A 69 3.57 -3.49 -0.36
CA TYR A 69 3.73 -4.91 -0.62
C TYR A 69 4.98 -5.45 0.06
N GLN A 70 6.13 -4.90 -0.32
CA GLN A 70 7.41 -5.33 0.25
C GLN A 70 7.29 -5.54 1.76
N LYS A 71 6.62 -4.60 2.42
CA LYS A 71 6.44 -4.66 3.87
C LYS A 71 5.70 -5.95 4.26
N LEU A 72 4.54 -6.17 3.66
CA LEU A 72 3.74 -7.36 3.94
C LEU A 72 4.59 -8.62 3.80
N LEU A 73 5.44 -8.65 2.78
CA LEU A 73 6.30 -9.80 2.52
C LEU A 73 7.22 -10.06 3.71
N LYS A 74 7.55 -9.01 4.44
CA LYS A 74 8.42 -9.12 5.61
C LYS A 74 7.62 -9.52 6.84
N SER A 75 6.54 -8.80 7.11
CA SER A 75 5.68 -9.07 8.26
C SER A 75 4.22 -9.17 7.84
N PRO A 76 3.80 -10.37 7.42
CA PRO A 76 2.42 -10.61 6.98
C PRO A 76 1.44 -10.58 8.14
N PRO A 77 0.14 -10.52 7.81
CA PRO A 77 -0.93 -10.47 8.81
C PRO A 77 -1.08 -11.80 9.56
N LYS A 78 -0.84 -12.89 8.85
CA LYS A 78 -0.95 -14.22 9.44
C LYS A 78 0.40 -14.68 10.00
N THR A 79 0.38 -15.76 10.77
CA THR A 79 1.58 -16.30 11.37
C THR A 79 1.96 -17.64 10.75
N ALA A 80 1.88 -17.73 9.43
CA ALA A 80 2.21 -18.95 8.72
C ALA A 80 3.63 -19.39 9.00
N GLY A 81 4.59 -18.50 8.73
CA GLY A 81 5.99 -18.82 8.97
C GLY A 81 6.92 -17.89 8.21
N THR A 82 8.07 -17.59 8.81
CA THR A 82 9.05 -16.71 8.19
C THR A 82 9.53 -17.28 6.87
N SER A 83 9.65 -18.61 6.81
CA SER A 83 10.10 -19.28 5.60
C SER A 83 11.40 -18.66 5.10
N GLY A 84 12.31 -18.35 6.01
CA GLY A 84 13.58 -17.76 5.65
C GLY A 84 14.31 -17.15 6.83
N PRO A 85 15.60 -16.86 6.65
CA PRO A 85 16.44 -16.27 7.71
C PRO A 85 16.04 -14.83 8.02
N SER A 86 15.12 -14.29 7.24
CA SER A 86 14.67 -12.92 7.43
C SER A 86 14.65 -12.56 8.92
N SER A 87 14.09 -13.45 9.73
CA SER A 87 14.01 -13.21 11.17
C SER A 87 14.89 -14.20 11.92
N GLY A 88 16.17 -13.85 12.08
CA GLY A 88 17.09 -14.71 12.78
C GLY A 88 17.24 -14.34 14.24
N GLY A 1 15.01 -15.24 -2.43
CA GLY A 1 14.35 -14.50 -3.48
C GLY A 1 15.26 -14.26 -4.68
N SER A 2 14.69 -13.80 -5.78
CA SER A 2 15.45 -13.53 -6.99
C SER A 2 15.25 -12.10 -7.47
N SER A 3 16.09 -11.67 -8.40
CA SER A 3 16.02 -10.32 -8.93
C SER A 3 15.02 -10.24 -10.08
N GLY A 4 14.44 -9.06 -10.28
CA GLY A 4 13.47 -8.87 -11.34
C GLY A 4 12.46 -7.79 -11.02
N SER A 5 11.81 -7.27 -12.06
CA SER A 5 10.81 -6.22 -11.89
C SER A 5 9.40 -6.77 -12.05
N SER A 6 8.49 -6.32 -11.19
CA SER A 6 7.11 -6.77 -11.24
C SER A 6 6.14 -5.60 -11.03
N GLY A 7 4.86 -5.86 -11.24
CA GLY A 7 3.86 -4.81 -11.06
C GLY A 7 3.07 -4.96 -9.77
N TYR A 8 3.76 -4.76 -8.65
CA TYR A 8 3.11 -4.89 -7.34
C TYR A 8 2.02 -3.84 -7.18
N ILE A 9 2.18 -2.71 -7.84
CA ILE A 9 1.21 -1.63 -7.77
C ILE A 9 -0.21 -2.18 -7.64
N GLY A 10 -0.49 -3.26 -8.36
CA GLY A 10 -1.81 -3.87 -8.32
C GLY A 10 -1.90 -4.97 -7.29
N LEU A 11 -0.76 -5.61 -7.00
CA LEU A 11 -0.71 -6.71 -6.04
C LEU A 11 -1.47 -6.34 -4.76
N VAL A 12 -1.02 -5.27 -4.10
CA VAL A 12 -1.65 -4.81 -2.87
C VAL A 12 -3.17 -4.83 -3.00
N ASN A 13 -3.69 -4.11 -3.99
CA ASN A 13 -5.13 -4.05 -4.21
C ASN A 13 -5.77 -5.42 -4.00
N SER A 14 -5.23 -6.44 -4.65
CA SER A 14 -5.75 -7.79 -4.53
C SER A 14 -5.39 -8.39 -3.18
N PHE A 15 -4.10 -8.54 -2.93
CA PHE A 15 -3.62 -9.11 -1.68
C PHE A 15 -4.54 -8.72 -0.52
N ALA A 16 -4.83 -7.43 -0.40
CA ALA A 16 -5.70 -6.93 0.65
C ALA A 16 -7.02 -7.70 0.69
N GLN A 17 -7.82 -7.53 -0.37
CA GLN A 17 -9.10 -8.21 -0.46
C GLN A 17 -8.96 -9.70 -0.17
N LYS A 18 -8.00 -10.34 -0.84
CA LYS A 18 -7.76 -11.76 -0.66
C LYS A 18 -7.55 -12.10 0.81
N LYS A 19 -6.86 -11.23 1.53
CA LYS A 19 -6.60 -11.42 2.94
C LYS A 19 -7.68 -10.76 3.79
N LYS A 20 -8.82 -10.49 3.19
CA LYS A 20 -9.93 -9.85 3.88
C LYS A 20 -9.45 -8.67 4.72
N LEU A 21 -8.48 -7.93 4.17
CA LEU A 21 -7.93 -6.77 4.86
C LEU A 21 -8.59 -5.48 4.36
N SER A 22 -8.23 -4.36 4.98
CA SER A 22 -8.78 -3.07 4.60
C SER A 22 -7.67 -2.12 4.14
N VAL A 23 -7.76 -1.69 2.88
CA VAL A 23 -6.77 -0.79 2.32
C VAL A 23 -7.30 0.64 2.25
N ASN A 24 -6.51 1.58 2.75
CA ASN A 24 -6.91 2.99 2.75
C ASN A 24 -5.84 3.85 2.08
N TYR A 25 -6.28 4.93 1.44
CA TYR A 25 -5.36 5.83 0.76
C TYR A 25 -5.62 7.28 1.17
N GLU A 26 -4.68 7.85 1.92
CA GLU A 26 -4.80 9.23 2.38
C GLU A 26 -4.20 10.20 1.37
N GLN A 27 -4.89 11.31 1.14
CA GLN A 27 -4.43 12.32 0.19
C GLN A 27 -3.98 13.59 0.92
N CYS A 28 -2.93 14.21 0.40
CA CYS A 28 -2.41 15.44 1.00
C CYS A 28 -2.80 16.66 0.18
N GLU A 29 -2.62 17.85 0.77
CA GLU A 29 -2.97 19.09 0.08
C GLU A 29 -1.77 20.04 0.06
N PRO A 30 -1.75 20.93 -0.93
CA PRO A 30 -0.68 21.92 -1.10
C PRO A 30 -0.69 22.99 -0.01
N ASN A 31 -1.65 22.87 0.90
CA ASN A 31 -1.78 23.84 1.99
C ASN A 31 -2.11 25.23 1.46
N SER A 32 -2.81 25.28 0.33
CA SER A 32 -3.18 26.55 -0.28
C SER A 32 -1.94 27.41 -0.55
N GLU A 33 -0.93 26.81 -1.16
CA GLU A 33 0.30 27.51 -1.47
C GLU A 33 1.21 26.66 -2.35
N LEU A 34 1.63 27.21 -3.48
CA LEU A 34 2.50 26.51 -4.41
C LEU A 34 3.91 26.38 -3.85
N PRO A 35 4.68 25.42 -4.38
CA PRO A 35 4.20 24.51 -5.42
C PRO A 35 3.14 23.54 -4.91
N GLN A 36 2.61 22.72 -5.82
CA GLN A 36 1.59 21.75 -5.45
C GLN A 36 2.01 20.35 -5.88
N ARG A 37 1.98 19.41 -4.94
CA ARG A 37 2.36 18.03 -5.22
C ARG A 37 1.29 17.07 -4.71
N PHE A 38 1.17 15.92 -5.36
CA PHE A 38 0.20 14.90 -4.98
C PHE A 38 0.86 13.78 -4.19
N ILE A 39 0.42 13.60 -2.95
CA ILE A 39 0.97 12.56 -2.09
C ILE A 39 -0.13 11.61 -1.60
N CYS A 40 0.09 10.33 -1.80
CA CYS A 40 -0.87 9.31 -1.38
C CYS A 40 -0.24 8.29 -0.45
N LYS A 41 -0.82 8.13 0.73
CA LYS A 41 -0.30 7.19 1.72
C LYS A 41 -1.19 5.95 1.81
N CYS A 42 -0.58 4.77 1.72
CA CYS A 42 -1.32 3.52 1.78
C CYS A 42 -1.27 2.94 3.20
N LYS A 43 -2.44 2.78 3.81
CA LYS A 43 -2.54 2.24 5.15
C LYS A 43 -3.42 1.00 5.18
N ILE A 44 -3.01 0.00 5.95
CA ILE A 44 -3.77 -1.24 6.07
C ILE A 44 -4.17 -1.51 7.51
N GLY A 45 -5.44 -1.30 7.83
CA GLY A 45 -5.94 -1.53 9.18
C GLY A 45 -5.33 -0.56 10.18
N GLN A 46 -5.65 0.72 10.02
CA GLN A 46 -5.14 1.76 10.91
C GLN A 46 -3.64 1.59 11.13
N THR A 47 -2.97 0.97 10.16
CA THR A 47 -1.53 0.75 10.24
C THR A 47 -0.82 1.31 9.01
N MET A 48 0.36 1.89 9.24
CA MET A 48 1.14 2.46 8.15
C MET A 48 1.94 1.38 7.42
N TYR A 49 1.75 1.30 6.12
CA TYR A 49 2.45 0.31 5.30
C TYR A 49 3.40 0.97 4.31
N GLY A 50 2.84 1.79 3.43
CA GLY A 50 3.65 2.49 2.44
C GLY A 50 3.17 3.90 2.20
N THR A 51 4.01 4.70 1.53
CA THR A 51 3.67 6.09 1.24
C THR A 51 4.22 6.50 -0.12
N GLY A 52 3.31 6.78 -1.06
CA GLY A 52 3.72 7.19 -2.39
C GLY A 52 3.57 8.68 -2.61
N SER A 53 4.47 9.26 -3.40
CA SER A 53 4.45 10.68 -3.68
C SER A 53 4.80 10.96 -5.13
N GLY A 54 3.90 11.62 -5.84
CA GLY A 54 4.14 11.93 -7.25
C GLY A 54 3.45 13.20 -7.68
N VAL A 55 3.59 13.55 -8.96
CA VAL A 55 2.97 14.75 -9.50
C VAL A 55 1.49 14.52 -9.80
N THR A 56 1.11 13.25 -9.90
CA THR A 56 -0.28 12.91 -10.18
C THR A 56 -0.78 11.82 -9.23
N LYS A 57 -2.03 11.94 -8.81
CA LYS A 57 -2.63 10.97 -7.90
C LYS A 57 -2.26 9.54 -8.30
N GLN A 58 -2.37 9.25 -9.59
CA GLN A 58 -2.04 7.93 -10.10
C GLN A 58 -0.59 7.58 -9.81
N GLU A 59 0.32 8.51 -10.09
CA GLU A 59 1.74 8.29 -9.86
C GLU A 59 2.00 7.90 -8.41
N ALA A 60 1.42 8.66 -7.49
CA ALA A 60 1.59 8.39 -6.07
C ALA A 60 0.86 7.10 -5.66
N LYS A 61 -0.45 7.15 -5.65
CA LYS A 61 -1.26 6.00 -5.28
C LYS A 61 -0.60 4.71 -5.75
N GLN A 62 -0.15 4.70 -7.00
CA GLN A 62 0.50 3.52 -7.56
C GLN A 62 1.71 3.12 -6.74
N LEU A 63 2.78 3.91 -6.82
CA LEU A 63 4.00 3.63 -6.07
C LEU A 63 3.68 3.10 -4.68
N ALA A 64 2.86 3.85 -3.94
CA ALA A 64 2.46 3.46 -2.59
C ALA A 64 2.34 1.94 -2.48
N ALA A 65 1.46 1.37 -3.30
CA ALA A 65 1.25 -0.08 -3.30
C ALA A 65 2.57 -0.83 -3.28
N LYS A 66 3.45 -0.51 -4.22
CA LYS A 66 4.75 -1.16 -4.31
C LYS A 66 5.39 -1.28 -2.93
N GLU A 67 5.41 -0.17 -2.20
CA GLU A 67 6.00 -0.15 -0.86
C GLU A 67 5.23 -1.08 0.08
N ALA A 68 3.93 -0.86 0.19
CA ALA A 68 3.08 -1.68 1.06
C ALA A 68 3.34 -3.16 0.84
N TYR A 69 3.48 -3.55 -0.43
CA TYR A 69 3.73 -4.95 -0.77
C TYR A 69 4.97 -5.47 -0.05
N GLN A 70 6.11 -4.84 -0.34
CA GLN A 70 7.38 -5.24 0.28
C GLN A 70 7.18 -5.58 1.75
N LYS A 71 6.62 -4.64 2.50
CA LYS A 71 6.37 -4.84 3.93
C LYS A 71 5.61 -6.14 4.17
N LEU A 72 4.50 -6.30 3.47
CA LEU A 72 3.68 -7.50 3.61
C LEU A 72 4.54 -8.77 3.51
N LEU A 73 5.39 -8.81 2.49
CA LEU A 73 6.27 -9.95 2.28
C LEU A 73 7.12 -10.24 3.52
N LYS A 74 7.48 -9.18 4.22
CA LYS A 74 8.29 -9.30 5.43
C LYS A 74 7.43 -9.74 6.62
N SER A 75 6.39 -8.96 6.90
CA SER A 75 5.49 -9.26 8.02
C SER A 75 4.04 -9.28 7.54
N PRO A 76 3.60 -10.44 7.04
CA PRO A 76 2.24 -10.62 6.56
C PRO A 76 1.21 -10.61 7.67
N PRO A 77 -0.08 -10.53 7.30
CA PRO A 77 -1.19 -10.50 8.26
C PRO A 77 -1.37 -11.84 8.97
N LYS A 78 -1.88 -11.79 10.19
CA LYS A 78 -2.11 -13.00 10.98
C LYS A 78 -3.55 -13.04 11.50
N THR A 79 -4.07 -14.26 11.69
CA THR A 79 -5.43 -14.43 12.18
C THR A 79 -5.43 -15.26 13.47
N ALA A 80 -6.27 -14.85 14.42
CA ALA A 80 -6.38 -15.55 15.70
C ALA A 80 -7.43 -16.64 15.63
N GLY A 81 -8.67 -16.25 15.33
CA GLY A 81 -9.74 -17.20 15.25
C GLY A 81 -11.00 -16.62 14.62
N THR A 82 -10.91 -16.26 13.35
CA THR A 82 -12.05 -15.68 12.63
C THR A 82 -12.61 -16.64 11.60
N SER A 83 -13.90 -16.93 11.71
CA SER A 83 -14.56 -17.85 10.79
C SER A 83 -15.99 -17.39 10.50
N GLY A 84 -16.38 -17.44 9.23
CA GLY A 84 -17.71 -17.02 8.84
C GLY A 84 -17.81 -16.69 7.36
N PRO A 85 -19.04 -16.38 6.90
CA PRO A 85 -19.29 -16.03 5.50
C PRO A 85 -18.70 -14.68 5.13
N SER A 86 -18.35 -14.51 3.85
CA SER A 86 -17.79 -13.26 3.37
C SER A 86 -18.85 -12.17 3.29
N SER A 87 -18.41 -10.93 3.17
CA SER A 87 -19.33 -9.80 3.09
C SER A 87 -19.54 -9.38 1.64
N GLY A 88 -18.45 -9.00 0.98
CA GLY A 88 -18.53 -8.58 -0.41
C GLY A 88 -18.62 -7.07 -0.55
N GLY A 1 14.16 -14.35 -3.18
CA GLY A 1 12.80 -14.34 -3.70
C GLY A 1 12.76 -14.55 -5.20
N SER A 2 11.58 -14.87 -5.72
CA SER A 2 11.41 -15.10 -7.15
C SER A 2 11.36 -13.78 -7.91
N SER A 3 12.53 -13.22 -8.18
CA SER A 3 12.63 -11.95 -8.89
C SER A 3 12.38 -12.15 -10.39
N GLY A 4 11.62 -11.25 -10.98
CA GLY A 4 11.32 -11.34 -12.40
C GLY A 4 10.04 -10.60 -12.78
N SER A 5 8.92 -11.01 -12.21
CA SER A 5 7.64 -10.38 -12.50
C SER A 5 7.56 -9.00 -11.86
N SER A 6 7.35 -7.99 -12.69
CA SER A 6 7.27 -6.61 -12.21
C SER A 6 5.83 -6.10 -12.29
N GLY A 7 5.30 -5.65 -11.15
CA GLY A 7 3.94 -5.13 -11.11
C GLY A 7 3.27 -5.40 -9.78
N TYR A 8 3.65 -4.63 -8.77
CA TYR A 8 3.08 -4.77 -7.44
C TYR A 8 1.95 -3.79 -7.21
N ILE A 9 2.04 -2.63 -7.86
CA ILE A 9 1.02 -1.59 -7.73
C ILE A 9 -0.37 -2.21 -7.59
N GLY A 10 -0.63 -3.27 -8.35
CA GLY A 10 -1.92 -3.93 -8.29
C GLY A 10 -1.94 -5.06 -7.28
N LEU A 11 -0.78 -5.65 -7.04
CA LEU A 11 -0.67 -6.76 -6.09
C LEU A 11 -1.40 -6.43 -4.78
N VAL A 12 -0.96 -5.38 -4.11
CA VAL A 12 -1.58 -4.95 -2.86
C VAL A 12 -3.09 -4.99 -2.95
N ASN A 13 -3.64 -4.19 -3.86
CA ASN A 13 -5.09 -4.13 -4.06
C ASN A 13 -5.72 -5.50 -3.83
N SER A 14 -5.50 -6.41 -4.76
CA SER A 14 -6.05 -7.76 -4.68
C SER A 14 -5.64 -8.43 -3.37
N PHE A 15 -4.33 -8.50 -3.13
CA PHE A 15 -3.80 -9.11 -1.93
C PHE A 15 -4.70 -8.84 -0.74
N ALA A 16 -4.82 -7.57 -0.38
CA ALA A 16 -5.66 -7.16 0.74
C ALA A 16 -6.96 -7.95 0.78
N GLN A 17 -7.75 -7.82 -0.28
CA GLN A 17 -9.02 -8.52 -0.38
C GLN A 17 -8.85 -10.00 -0.04
N LYS A 18 -7.87 -10.64 -0.68
CA LYS A 18 -7.61 -12.05 -0.44
C LYS A 18 -7.41 -12.34 1.04
N LYS A 19 -6.77 -11.41 1.73
CA LYS A 19 -6.52 -11.56 3.16
C LYS A 19 -7.61 -10.87 3.98
N LYS A 20 -8.78 -10.69 3.36
CA LYS A 20 -9.91 -10.04 4.03
C LYS A 20 -9.45 -8.81 4.81
N LEU A 21 -8.42 -8.14 4.29
CA LEU A 21 -7.89 -6.95 4.95
C LEU A 21 -8.49 -5.68 4.34
N SER A 22 -8.14 -4.54 4.90
CA SER A 22 -8.65 -3.26 4.42
C SER A 22 -7.52 -2.35 3.96
N VAL A 23 -7.72 -1.65 2.86
CA VAL A 23 -6.71 -0.74 2.31
C VAL A 23 -7.27 0.67 2.17
N ASN A 24 -6.53 1.64 2.70
CA ASN A 24 -6.94 3.03 2.63
C ASN A 24 -5.89 3.88 1.92
N TYR A 25 -6.34 4.93 1.24
CA TYR A 25 -5.44 5.82 0.52
C TYR A 25 -5.61 7.27 0.97
N GLU A 26 -4.75 7.71 1.87
CA GLU A 26 -4.81 9.07 2.39
C GLU A 26 -4.08 10.04 1.46
N GLN A 27 -4.66 11.21 1.25
CA GLN A 27 -4.06 12.23 0.39
C GLN A 27 -3.69 13.47 1.18
N CYS A 28 -2.39 13.68 1.37
CA CYS A 28 -1.90 14.83 2.11
C CYS A 28 -2.74 16.07 1.80
N GLU A 29 -2.72 17.04 2.72
CA GLU A 29 -3.48 18.27 2.55
C GLU A 29 -2.58 19.41 2.10
N PRO A 30 -3.10 20.28 1.22
CA PRO A 30 -2.35 21.42 0.70
C PRO A 30 -2.12 22.49 1.76
N ASN A 31 -1.71 23.68 1.33
CA ASN A 31 -1.45 24.78 2.23
C ASN A 31 -0.37 24.42 3.25
N SER A 32 0.67 23.73 2.78
CA SER A 32 1.77 23.31 3.64
C SER A 32 3.12 23.62 3.01
N GLU A 33 3.21 23.43 1.70
CA GLU A 33 4.44 23.69 0.96
C GLU A 33 4.17 23.81 -0.54
N LEU A 34 5.05 24.53 -1.23
CA LEU A 34 4.91 24.72 -2.67
C LEU A 34 6.17 24.27 -3.40
N PRO A 35 5.99 23.82 -4.66
CA PRO A 35 4.67 23.75 -5.30
C PRO A 35 3.78 22.69 -4.68
N GLN A 36 2.58 22.55 -5.22
CA GLN A 36 1.62 21.55 -4.73
C GLN A 36 1.99 20.15 -5.22
N ARG A 37 2.43 19.31 -4.30
CA ARG A 37 2.81 17.94 -4.65
C ARG A 37 1.74 16.95 -4.19
N PHE A 38 1.38 16.03 -5.09
CA PHE A 38 0.37 15.02 -4.78
C PHE A 38 1.00 13.82 -4.09
N ILE A 39 0.55 13.53 -2.87
CA ILE A 39 1.06 12.40 -2.11
C ILE A 39 -0.05 11.45 -1.71
N CYS A 40 0.14 10.16 -1.99
CA CYS A 40 -0.85 9.15 -1.66
C CYS A 40 -0.27 8.11 -0.70
N LYS A 41 -0.83 8.04 0.51
CA LYS A 41 -0.37 7.09 1.51
C LYS A 41 -1.30 5.89 1.60
N CYS A 42 -0.73 4.69 1.57
CA CYS A 42 -1.51 3.47 1.65
C CYS A 42 -1.43 2.86 3.04
N LYS A 43 -2.56 2.88 3.75
CA LYS A 43 -2.63 2.34 5.10
C LYS A 43 -3.48 1.06 5.13
N ILE A 44 -2.98 0.04 5.80
CA ILE A 44 -3.69 -1.23 5.91
C ILE A 44 -4.35 -1.37 7.27
N GLY A 45 -5.66 -1.13 7.31
CA GLY A 45 -6.40 -1.23 8.56
C GLY A 45 -5.92 -0.24 9.60
N GLN A 46 -5.80 1.02 9.20
CA GLN A 46 -5.35 2.07 10.11
C GLN A 46 -3.87 1.88 10.46
N THR A 47 -3.14 1.21 9.58
CA THR A 47 -1.71 0.97 9.79
C THR A 47 -0.88 1.52 8.64
N MET A 48 0.18 2.25 8.99
CA MET A 48 1.06 2.84 7.99
C MET A 48 1.99 1.78 7.38
N TYR A 49 1.80 1.50 6.10
CA TYR A 49 2.62 0.51 5.41
C TYR A 49 3.55 1.16 4.41
N GLY A 50 2.97 1.86 3.43
CA GLY A 50 3.77 2.53 2.42
C GLY A 50 3.20 3.88 2.04
N THR A 51 4.09 4.81 1.68
CA THR A 51 3.67 6.16 1.30
C THR A 51 4.21 6.53 -0.07
N GLY A 52 3.32 6.67 -1.04
CA GLY A 52 3.73 7.03 -2.39
C GLY A 52 3.65 8.53 -2.64
N SER A 53 4.56 9.03 -3.48
CA SER A 53 4.59 10.45 -3.79
C SER A 53 4.81 10.67 -5.29
N GLY A 54 4.09 11.64 -5.85
CA GLY A 54 4.23 11.92 -7.26
C GLY A 54 3.50 13.20 -7.67
N VAL A 55 3.86 13.74 -8.83
CA VAL A 55 3.23 14.96 -9.32
C VAL A 55 1.75 14.74 -9.59
N THR A 56 1.38 13.51 -9.90
CA THR A 56 -0.01 13.17 -10.19
C THR A 56 -0.53 12.12 -9.20
N LYS A 57 -1.80 12.24 -8.84
CA LYS A 57 -2.43 11.32 -7.92
C LYS A 57 -2.08 9.87 -8.27
N GLN A 58 -2.46 9.44 -9.47
CA GLN A 58 -2.18 8.09 -9.92
C GLN A 58 -0.75 7.68 -9.58
N GLU A 59 0.23 8.34 -10.20
CA GLU A 59 1.63 8.05 -9.96
C GLU A 59 1.87 7.71 -8.49
N ALA A 60 1.38 8.57 -7.60
CA ALA A 60 1.53 8.37 -6.17
C ALA A 60 0.78 7.13 -5.71
N LYS A 61 -0.55 7.23 -5.67
CA LYS A 61 -1.38 6.11 -5.24
C LYS A 61 -0.80 4.79 -5.73
N GLN A 62 -0.14 4.81 -6.87
CA GLN A 62 0.45 3.61 -7.44
C GLN A 62 1.67 3.17 -6.63
N LEU A 63 2.72 3.98 -6.66
CA LEU A 63 3.95 3.67 -5.93
C LEU A 63 3.63 3.28 -4.49
N ALA A 64 2.80 4.08 -3.83
CA ALA A 64 2.41 3.80 -2.45
C ALA A 64 2.21 2.30 -2.23
N ALA A 65 1.65 1.63 -3.22
CA ALA A 65 1.40 0.20 -3.13
C ALA A 65 2.70 -0.59 -3.15
N LYS A 66 3.57 -0.26 -4.09
CA LYS A 66 4.85 -0.93 -4.22
C LYS A 66 5.46 -1.22 -2.85
N GLU A 67 5.72 -0.16 -2.09
CA GLU A 67 6.30 -0.30 -0.76
C GLU A 67 5.40 -1.15 0.13
N ALA A 68 4.12 -0.78 0.21
CA ALA A 68 3.16 -1.51 1.03
C ALA A 68 3.28 -3.01 0.81
N TYR A 69 3.45 -3.42 -0.45
CA TYR A 69 3.58 -4.82 -0.79
C TYR A 69 4.79 -5.44 -0.11
N GLN A 70 5.94 -4.79 -0.25
CA GLN A 70 7.18 -5.27 0.35
C GLN A 70 6.99 -5.51 1.85
N LYS A 71 6.36 -4.56 2.53
CA LYS A 71 6.12 -4.66 3.96
C LYS A 71 5.44 -5.98 4.31
N LEU A 72 4.41 -6.32 3.54
CA LEU A 72 3.67 -7.56 3.76
C LEU A 72 4.57 -8.77 3.59
N LEU A 73 5.33 -8.80 2.49
CA LEU A 73 6.23 -9.90 2.21
C LEU A 73 7.20 -10.12 3.38
N LYS A 74 7.52 -9.04 4.08
CA LYS A 74 8.43 -9.13 5.23
C LYS A 74 7.67 -9.52 6.49
N SER A 75 6.73 -8.67 6.90
CA SER A 75 5.94 -8.94 8.10
C SER A 75 4.45 -9.01 7.76
N PRO A 76 3.99 -10.20 7.37
CA PRO A 76 2.59 -10.43 7.01
C PRO A 76 1.67 -10.38 8.22
N PRO A 77 0.35 -10.34 7.96
CA PRO A 77 -0.66 -10.28 9.02
C PRO A 77 -0.76 -11.58 9.80
N LYS A 78 -0.21 -12.65 9.24
CA LYS A 78 -0.22 -13.96 9.90
C LYS A 78 -1.51 -14.14 10.69
N THR A 79 -2.64 -13.85 10.05
CA THR A 79 -3.93 -13.99 10.70
C THR A 79 -4.68 -15.20 10.16
N ALA A 80 -5.39 -15.90 11.04
CA ALA A 80 -6.16 -17.07 10.64
C ALA A 80 -7.66 -16.77 10.64
N GLY A 81 -8.12 -16.11 11.70
CA GLY A 81 -9.53 -15.78 11.79
C GLY A 81 -10.31 -16.77 12.63
N THR A 82 -10.37 -18.02 12.16
CA THR A 82 -11.08 -19.06 12.89
C THR A 82 -12.38 -18.54 13.48
N SER A 83 -13.08 -17.70 12.71
CA SER A 83 -14.34 -17.13 13.16
C SER A 83 -15.48 -18.14 13.05
N GLY A 84 -15.58 -18.76 11.88
CA GLY A 84 -16.62 -19.74 11.66
C GLY A 84 -17.65 -19.28 10.63
N PRO A 85 -18.76 -18.71 11.13
CA PRO A 85 -19.84 -18.21 10.27
C PRO A 85 -19.43 -16.97 9.48
N SER A 86 -19.71 -16.98 8.18
CA SER A 86 -19.36 -15.86 7.32
C SER A 86 -20.29 -15.82 6.10
N SER A 87 -20.68 -14.61 5.70
CA SER A 87 -21.56 -14.43 4.56
C SER A 87 -20.76 -13.96 3.34
N GLY A 88 -21.07 -14.56 2.18
CA GLY A 88 -20.38 -14.19 0.96
C GLY A 88 -21.00 -14.82 -0.27
N GLY A 1 9.96 -15.16 -0.14
CA GLY A 1 9.53 -14.11 -1.03
C GLY A 1 9.56 -14.53 -2.49
N SER A 2 8.39 -14.49 -3.14
CA SER A 2 8.29 -14.88 -4.53
C SER A 2 9.47 -14.35 -5.33
N SER A 3 10.34 -15.25 -5.78
CA SER A 3 11.51 -14.88 -6.55
C SER A 3 11.13 -14.57 -7.99
N GLY A 4 10.68 -13.33 -8.23
CA GLY A 4 10.30 -12.92 -9.57
C GLY A 4 9.86 -11.48 -9.63
N SER A 5 9.49 -11.02 -10.82
CA SER A 5 9.05 -9.64 -11.01
C SER A 5 7.63 -9.59 -11.55
N SER A 6 6.86 -8.62 -11.07
CA SER A 6 5.47 -8.47 -11.50
C SER A 6 4.87 -7.20 -10.91
N GLY A 7 4.24 -6.40 -11.78
CA GLY A 7 3.62 -5.16 -11.33
C GLY A 7 3.02 -5.28 -9.94
N TYR A 8 3.61 -4.58 -8.99
CA TYR A 8 3.12 -4.60 -7.60
C TYR A 8 1.98 -3.62 -7.41
N ILE A 9 2.01 -2.52 -8.16
CA ILE A 9 0.99 -1.49 -8.06
C ILE A 9 -0.38 -2.11 -7.77
N GLY A 10 -0.67 -3.24 -8.44
CA GLY A 10 -1.94 -3.91 -8.23
C GLY A 10 -1.86 -4.99 -7.16
N LEU A 11 -0.68 -5.59 -7.02
CA LEU A 11 -0.47 -6.65 -6.05
C LEU A 11 -1.20 -6.32 -4.73
N VAL A 12 -0.87 -5.17 -4.15
CA VAL A 12 -1.50 -4.74 -2.91
C VAL A 12 -3.01 -4.83 -2.99
N ASN A 13 -3.60 -4.02 -3.88
CA ASN A 13 -5.04 -4.00 -4.07
C ASN A 13 -5.64 -5.40 -3.86
N SER A 14 -5.29 -6.31 -4.77
CA SER A 14 -5.80 -7.67 -4.69
C SER A 14 -5.44 -8.32 -3.35
N PHE A 15 -4.13 -8.36 -3.07
CA PHE A 15 -3.65 -8.94 -1.82
C PHE A 15 -4.63 -8.69 -0.68
N ALA A 16 -4.85 -7.42 -0.38
CA ALA A 16 -5.77 -7.04 0.70
C ALA A 16 -7.07 -7.83 0.60
N GLN A 17 -7.82 -7.60 -0.46
CA GLN A 17 -9.09 -8.28 -0.66
C GLN A 17 -8.95 -9.78 -0.38
N LYS A 18 -7.97 -10.41 -1.02
CA LYS A 18 -7.73 -11.83 -0.83
C LYS A 18 -7.63 -12.18 0.65
N LYS A 19 -6.98 -11.31 1.42
CA LYS A 19 -6.82 -11.53 2.85
C LYS A 19 -7.92 -10.82 3.63
N LYS A 20 -9.05 -10.58 2.97
CA LYS A 20 -10.17 -9.92 3.61
C LYS A 20 -9.70 -8.78 4.51
N LEU A 21 -8.69 -8.04 4.05
CA LEU A 21 -8.15 -6.93 4.82
C LEU A 21 -8.74 -5.61 4.35
N SER A 22 -8.47 -4.55 5.11
CA SER A 22 -8.98 -3.23 4.77
C SER A 22 -7.85 -2.31 4.32
N VAL A 23 -7.89 -1.90 3.06
CA VAL A 23 -6.87 -1.03 2.50
C VAL A 23 -7.42 0.37 2.25
N ASN A 24 -6.69 1.38 2.70
CA ASN A 24 -7.11 2.77 2.51
C ASN A 24 -5.98 3.60 1.90
N TYR A 25 -6.35 4.74 1.34
CA TYR A 25 -5.37 5.63 0.71
C TYR A 25 -5.58 7.07 1.17
N GLU A 26 -4.71 7.53 2.07
CA GLU A 26 -4.79 8.90 2.58
C GLU A 26 -4.07 9.87 1.66
N GLN A 27 -4.68 11.02 1.42
CA GLN A 27 -4.09 12.04 0.57
C GLN A 27 -3.94 13.36 1.32
N CYS A 28 -2.78 13.99 1.18
CA CYS A 28 -2.51 15.26 1.84
C CYS A 28 -2.46 16.40 0.84
N GLU A 29 -2.81 17.60 1.29
CA GLU A 29 -2.82 18.77 0.42
C GLU A 29 -1.43 19.39 0.33
N PRO A 30 -1.13 20.01 -0.82
CA PRO A 30 0.17 20.66 -1.05
C PRO A 30 0.35 21.92 -0.21
N ASN A 31 -0.74 22.63 0.04
CA ASN A 31 -0.69 23.85 0.83
C ASN A 31 0.29 23.71 1.98
N SER A 32 0.45 22.49 2.49
CA SER A 32 1.37 22.24 3.59
C SER A 32 2.70 21.70 3.08
N GLU A 33 2.66 20.49 2.50
CA GLU A 33 3.86 19.87 1.96
C GLU A 33 4.24 20.47 0.60
N LEU A 34 5.38 21.14 0.56
CA LEU A 34 5.85 21.75 -0.67
C LEU A 34 7.15 21.09 -1.16
N PRO A 35 7.45 21.28 -2.45
CA PRO A 35 6.62 22.08 -3.36
C PRO A 35 5.31 21.39 -3.68
N GLN A 36 4.29 22.19 -4.02
CA GLN A 36 2.98 21.66 -4.36
C GLN A 36 3.10 20.35 -5.14
N ARG A 37 3.00 19.24 -4.45
CA ARG A 37 3.11 17.93 -5.09
C ARG A 37 2.00 16.99 -4.60
N PHE A 38 1.80 15.89 -5.32
CA PHE A 38 0.77 14.93 -4.96
C PHE A 38 1.37 13.77 -4.16
N ILE A 39 0.66 13.35 -3.12
CA ILE A 39 1.12 12.26 -2.26
C ILE A 39 -0.03 11.35 -1.85
N CYS A 40 0.24 10.06 -1.76
CA CYS A 40 -0.78 9.09 -1.38
C CYS A 40 -0.19 8.02 -0.47
N LYS A 41 -0.68 7.96 0.76
CA LYS A 41 -0.20 6.98 1.74
C LYS A 41 -1.17 5.79 1.83
N CYS A 42 -0.65 4.60 1.57
CA CYS A 42 -1.46 3.40 1.62
C CYS A 42 -1.40 2.76 3.02
N LYS A 43 -2.54 2.73 3.70
CA LYS A 43 -2.62 2.16 5.04
C LYS A 43 -3.47 0.89 5.04
N ILE A 44 -3.11 -0.05 5.89
CA ILE A 44 -3.84 -1.31 6.00
C ILE A 44 -4.34 -1.54 7.41
N GLY A 45 -5.64 -1.30 7.62
CA GLY A 45 -6.21 -1.49 8.94
C GLY A 45 -5.72 -0.48 9.94
N GLN A 46 -5.66 0.78 9.52
CA GLN A 46 -5.20 1.86 10.40
C GLN A 46 -3.71 1.71 10.70
N THR A 47 -2.98 1.06 9.79
CA THR A 47 -1.55 0.85 9.97
C THR A 47 -0.76 1.40 8.78
N MET A 48 0.33 2.11 9.08
CA MET A 48 1.16 2.69 8.04
C MET A 48 2.04 1.63 7.39
N TYR A 49 1.93 1.49 6.07
CA TYR A 49 2.72 0.51 5.33
C TYR A 49 3.64 1.19 4.33
N GLY A 50 3.04 1.92 3.39
CA GLY A 50 3.83 2.61 2.38
C GLY A 50 3.13 3.84 1.84
N THR A 51 3.85 4.64 1.06
CA THR A 51 3.29 5.86 0.49
C THR A 51 3.93 6.18 -0.86
N GLY A 52 3.28 7.05 -1.62
CA GLY A 52 3.81 7.42 -2.93
C GLY A 52 3.81 8.92 -3.14
N SER A 53 4.68 9.39 -4.02
CA SER A 53 4.78 10.82 -4.31
C SER A 53 5.01 11.05 -5.81
N GLY A 54 4.17 11.91 -6.39
CA GLY A 54 4.30 12.21 -7.81
C GLY A 54 3.54 13.47 -8.20
N VAL A 55 3.54 13.77 -9.49
CA VAL A 55 2.85 14.95 -10.01
C VAL A 55 1.35 14.76 -9.97
N THR A 56 0.91 13.52 -10.19
CA THR A 56 -0.52 13.20 -10.19
C THR A 56 -0.85 12.16 -9.12
N LYS A 57 -1.93 12.39 -8.39
CA LYS A 57 -2.36 11.47 -7.34
C LYS A 57 -2.12 10.02 -7.76
N GLN A 58 -2.68 9.64 -8.89
CA GLN A 58 -2.53 8.28 -9.40
C GLN A 58 -1.09 7.81 -9.27
N GLU A 59 -0.17 8.51 -9.92
CA GLU A 59 1.24 8.16 -9.86
C GLU A 59 1.68 7.85 -8.43
N ALA A 60 1.16 8.61 -7.48
CA ALA A 60 1.48 8.41 -6.07
C ALA A 60 0.86 7.13 -5.55
N LYS A 61 -0.47 7.07 -5.55
CA LYS A 61 -1.21 5.90 -5.07
C LYS A 61 -0.58 4.62 -5.61
N GLN A 62 -0.17 4.65 -6.88
CA GLN A 62 0.44 3.49 -7.51
C GLN A 62 1.65 3.01 -6.71
N LEU A 63 2.69 3.85 -6.65
CA LEU A 63 3.91 3.52 -5.93
C LEU A 63 3.59 3.15 -4.49
N ALA A 64 2.71 3.92 -3.86
CA ALA A 64 2.32 3.67 -2.47
C ALA A 64 2.11 2.18 -2.22
N ALA A 65 1.74 1.45 -3.27
CA ALA A 65 1.53 0.01 -3.15
C ALA A 65 2.84 -0.75 -3.16
N LYS A 66 3.66 -0.50 -4.18
CA LYS A 66 4.95 -1.16 -4.31
C LYS A 66 5.60 -1.37 -2.95
N GLU A 67 5.67 -0.30 -2.15
CA GLU A 67 6.26 -0.38 -0.82
C GLU A 67 5.36 -1.17 0.13
N ALA A 68 4.07 -0.85 0.12
CA ALA A 68 3.11 -1.54 0.98
C ALA A 68 3.20 -3.05 0.81
N TYR A 69 3.54 -3.48 -0.40
CA TYR A 69 3.66 -4.91 -0.69
C TYR A 69 4.81 -5.53 0.08
N GLN A 70 6.00 -4.96 -0.09
CA GLN A 70 7.19 -5.46 0.59
C GLN A 70 6.97 -5.52 2.09
N LYS A 71 6.35 -4.48 2.65
CA LYS A 71 6.07 -4.43 4.08
C LYS A 71 5.34 -5.68 4.54
N LEU A 72 4.47 -6.20 3.68
CA LEU A 72 3.69 -7.39 4.00
C LEU A 72 4.56 -8.64 3.89
N LEU A 73 5.30 -8.75 2.79
CA LEU A 73 6.19 -9.90 2.57
C LEU A 73 7.12 -10.11 3.76
N LYS A 74 7.42 -9.02 4.47
CA LYS A 74 8.30 -9.09 5.62
C LYS A 74 7.49 -9.24 6.91
N SER A 75 6.50 -8.36 7.09
CA SER A 75 5.66 -8.41 8.29
C SER A 75 4.20 -8.62 7.90
N PRO A 76 3.81 -9.89 7.75
CA PRO A 76 2.43 -10.26 7.38
C PRO A 76 1.44 -9.99 8.52
N PRO A 77 0.15 -9.94 8.17
CA PRO A 77 -0.92 -9.69 9.14
C PRO A 77 -1.12 -10.86 10.10
N LYS A 78 -1.32 -10.55 11.38
CA LYS A 78 -1.52 -11.57 12.39
C LYS A 78 -2.96 -11.55 12.90
N THR A 79 -3.79 -12.44 12.40
CA THR A 79 -5.19 -12.51 12.81
C THR A 79 -5.52 -13.88 13.39
N ALA A 80 -5.52 -13.98 14.72
CA ALA A 80 -5.83 -15.23 15.39
C ALA A 80 -7.28 -15.64 15.17
N GLY A 81 -7.48 -16.92 14.85
CA GLY A 81 -8.82 -17.42 14.61
C GLY A 81 -9.21 -17.34 13.15
N THR A 82 -10.47 -17.00 12.89
CA THR A 82 -10.98 -16.89 11.53
C THR A 82 -12.36 -16.25 11.50
N SER A 83 -12.69 -15.63 10.37
CA SER A 83 -13.98 -14.97 10.22
C SER A 83 -15.13 -15.96 10.34
N GLY A 84 -16.23 -15.52 10.95
CA GLY A 84 -17.37 -16.39 11.13
C GLY A 84 -18.30 -16.37 9.94
N PRO A 85 -18.90 -17.52 9.62
CA PRO A 85 -19.82 -17.66 8.49
C PRO A 85 -21.14 -16.93 8.73
N SER A 86 -21.20 -15.68 8.33
CA SER A 86 -22.40 -14.86 8.50
C SER A 86 -23.58 -15.47 7.75
N SER A 87 -24.74 -15.50 8.41
CA SER A 87 -25.95 -16.05 7.80
C SER A 87 -26.64 -15.03 6.91
N GLY A 88 -26.75 -15.35 5.63
CA GLY A 88 -27.39 -14.46 4.69
C GLY A 88 -28.48 -15.13 3.88
N GLY A 1 17.70 -12.71 -4.18
CA GLY A 1 18.38 -11.84 -5.12
C GLY A 1 17.55 -11.54 -6.34
N SER A 2 17.25 -12.57 -7.13
CA SER A 2 16.46 -12.40 -8.34
C SER A 2 15.23 -11.55 -8.07
N SER A 3 15.08 -10.48 -8.85
CA SER A 3 13.94 -9.57 -8.70
C SER A 3 13.46 -9.07 -10.06
N GLY A 4 12.17 -9.24 -10.32
CA GLY A 4 11.60 -8.80 -11.57
C GLY A 4 10.42 -7.86 -11.38
N SER A 5 10.55 -6.64 -11.89
CA SER A 5 9.48 -5.65 -11.76
C SER A 5 8.29 -6.03 -12.63
N SER A 6 7.25 -6.57 -12.00
CA SER A 6 6.04 -6.98 -12.73
C SER A 6 4.96 -5.91 -12.60
N GLY A 7 4.81 -5.36 -11.40
CA GLY A 7 3.80 -4.34 -11.17
C GLY A 7 3.12 -4.50 -9.83
N TYR A 8 3.90 -4.59 -8.77
CA TYR A 8 3.36 -4.75 -7.43
C TYR A 8 2.19 -3.80 -7.19
N ILE A 9 2.23 -2.65 -7.85
CA ILE A 9 1.18 -1.65 -7.73
C ILE A 9 -0.18 -2.31 -7.51
N GLY A 10 -0.46 -3.36 -8.27
CA GLY A 10 -1.72 -4.07 -8.15
C GLY A 10 -1.65 -5.18 -7.11
N LEU A 11 -0.48 -5.77 -6.95
CA LEU A 11 -0.29 -6.85 -5.98
C LEU A 11 -0.98 -6.54 -4.67
N VAL A 12 -1.01 -5.26 -4.32
CA VAL A 12 -1.65 -4.82 -3.07
C VAL A 12 -3.17 -4.79 -3.22
N ASN A 13 -3.66 -3.91 -4.08
CA ASN A 13 -5.09 -3.77 -4.31
C ASN A 13 -5.76 -5.14 -4.39
N SER A 14 -4.98 -6.15 -4.79
CA SER A 14 -5.50 -7.51 -4.91
C SER A 14 -5.20 -8.31 -3.64
N PHE A 15 -3.96 -8.22 -3.17
CA PHE A 15 -3.55 -8.94 -1.98
C PHE A 15 -4.46 -8.62 -0.80
N ALA A 16 -4.75 -7.34 -0.61
CA ALA A 16 -5.61 -6.90 0.48
C ALA A 16 -7.00 -7.52 0.36
N GLN A 17 -7.69 -7.22 -0.73
CA GLN A 17 -9.03 -7.75 -0.97
C GLN A 17 -9.05 -9.27 -0.79
N LYS A 18 -8.07 -9.94 -1.40
CA LYS A 18 -7.97 -11.39 -1.33
C LYS A 18 -7.87 -11.85 0.12
N LYS A 19 -7.25 -11.03 0.96
CA LYS A 19 -7.09 -11.35 2.38
C LYS A 19 -8.15 -10.65 3.21
N LYS A 20 -9.24 -10.24 2.57
CA LYS A 20 -10.33 -9.55 3.26
C LYS A 20 -9.80 -8.43 4.13
N LEU A 21 -8.74 -7.76 3.66
CA LEU A 21 -8.14 -6.67 4.40
C LEU A 21 -8.73 -5.33 3.96
N SER A 22 -8.32 -4.26 4.63
CA SER A 22 -8.81 -2.91 4.32
C SER A 22 -7.65 -1.98 3.97
N VAL A 23 -7.59 -1.57 2.72
CA VAL A 23 -6.54 -0.66 2.26
C VAL A 23 -7.06 0.77 2.11
N ASN A 24 -6.33 1.71 2.67
CA ASN A 24 -6.72 3.12 2.60
C ASN A 24 -5.58 3.97 2.04
N TYR A 25 -5.92 5.15 1.53
CA TYR A 25 -4.93 6.06 0.97
C TYR A 25 -5.13 7.48 1.48
N GLU A 26 -4.30 7.87 2.44
CA GLU A 26 -4.39 9.20 3.02
C GLU A 26 -3.63 10.22 2.17
N GLN A 27 -4.29 11.33 1.85
CA GLN A 27 -3.68 12.38 1.04
C GLN A 27 -3.37 13.61 1.89
N CYS A 28 -2.13 14.08 1.80
CA CYS A 28 -1.71 15.26 2.56
C CYS A 28 -2.52 16.48 2.16
N GLU A 29 -2.59 17.47 3.05
CA GLU A 29 -3.33 18.69 2.79
C GLU A 29 -2.50 19.66 1.94
N PRO A 30 -3.19 20.41 1.07
CA PRO A 30 -2.55 21.39 0.19
C PRO A 30 -1.99 22.59 0.94
N ASN A 31 -2.20 22.59 2.26
CA ASN A 31 -1.73 23.69 3.10
C ASN A 31 -0.37 24.19 2.62
N SER A 32 0.51 23.26 2.26
CA SER A 32 1.85 23.60 1.78
C SER A 32 1.77 24.42 0.49
N GLU A 33 2.85 25.12 0.18
CA GLU A 33 2.91 25.94 -1.03
C GLU A 33 3.37 25.12 -2.23
N LEU A 34 3.56 25.78 -3.36
CA LEU A 34 3.99 25.12 -4.59
C LEU A 34 5.51 24.94 -4.59
N PRO A 35 5.98 23.99 -5.40
CA PRO A 35 5.12 23.14 -6.24
C PRO A 35 4.29 22.17 -5.41
N GLN A 36 3.01 22.03 -5.77
CA GLN A 36 2.11 21.12 -5.05
C GLN A 36 1.87 19.85 -5.87
N ARG A 37 2.33 18.72 -5.34
CA ARG A 37 2.16 17.44 -6.01
C ARG A 37 1.13 16.59 -5.30
N PHE A 38 0.85 15.41 -5.85
CA PHE A 38 -0.12 14.49 -5.26
C PHE A 38 0.56 13.51 -4.32
N ILE A 39 0.04 13.39 -3.10
CA ILE A 39 0.60 12.49 -2.12
C ILE A 39 -0.44 11.47 -1.65
N CYS A 40 0.03 10.25 -1.38
CA CYS A 40 -0.85 9.17 -0.94
C CYS A 40 -0.15 8.27 0.06
N LYS A 41 -0.84 7.93 1.13
CA LYS A 41 -0.29 7.06 2.17
C LYS A 41 -1.11 5.79 2.32
N CYS A 42 -0.56 4.67 1.86
CA CYS A 42 -1.25 3.38 1.96
C CYS A 42 -1.29 2.89 3.40
N LYS A 43 -2.49 2.84 3.97
CA LYS A 43 -2.66 2.39 5.35
C LYS A 43 -3.64 1.21 5.41
N ILE A 44 -3.22 0.14 6.08
CA ILE A 44 -4.04 -1.04 6.22
C ILE A 44 -4.33 -1.35 7.68
N GLY A 45 -5.60 -1.20 8.07
CA GLY A 45 -5.99 -1.47 9.44
C GLY A 45 -5.35 -0.50 10.42
N GLN A 46 -5.39 0.79 10.08
CA GLN A 46 -4.82 1.82 10.94
C GLN A 46 -3.32 1.62 11.10
N THR A 47 -2.71 0.96 10.12
CA THR A 47 -1.28 0.70 10.15
C THR A 47 -0.59 1.23 8.90
N MET A 48 0.50 1.96 9.09
CA MET A 48 1.25 2.52 7.97
C MET A 48 2.11 1.46 7.31
N TYR A 49 2.02 1.36 5.99
CA TYR A 49 2.78 0.38 5.22
C TYR A 49 3.65 1.07 4.18
N GLY A 50 3.02 1.79 3.27
CA GLY A 50 3.75 2.48 2.22
C GLY A 50 3.21 3.87 1.96
N THR A 51 4.04 4.73 1.38
CA THR A 51 3.66 6.10 1.08
C THR A 51 4.27 6.57 -0.24
N GLY A 52 3.41 6.91 -1.19
CA GLY A 52 3.88 7.37 -2.49
C GLY A 52 3.53 8.83 -2.74
N SER A 53 4.26 9.45 -3.67
CA SER A 53 4.02 10.85 -4.00
C SER A 53 4.40 11.14 -5.45
N GLY A 54 3.44 11.62 -6.22
CA GLY A 54 3.69 11.92 -7.62
C GLY A 54 2.85 13.08 -8.12
N VAL A 55 3.12 13.52 -9.34
CA VAL A 55 2.38 14.63 -9.94
C VAL A 55 0.89 14.30 -10.07
N THR A 56 0.61 13.06 -10.47
CA THR A 56 -0.76 12.62 -10.64
C THR A 56 -1.13 11.56 -9.61
N LYS A 57 -2.39 11.56 -9.18
CA LYS A 57 -2.86 10.60 -8.20
C LYS A 57 -2.31 9.21 -8.47
N GLN A 58 -2.49 8.74 -9.71
CA GLN A 58 -2.00 7.42 -10.11
C GLN A 58 -0.57 7.21 -9.62
N GLU A 59 0.37 7.99 -10.16
CA GLU A 59 1.76 7.88 -9.78
C GLU A 59 1.90 7.62 -8.29
N ALA A 60 1.13 8.34 -7.50
CA ALA A 60 1.17 8.18 -6.04
C ALA A 60 0.47 6.91 -5.61
N LYS A 61 -0.85 6.90 -5.71
CA LYS A 61 -1.64 5.74 -5.33
C LYS A 61 -1.00 4.45 -5.82
N GLN A 62 -0.17 4.57 -6.85
CA GLN A 62 0.51 3.42 -7.43
C GLN A 62 1.72 3.02 -6.58
N LEU A 63 2.76 3.83 -6.63
CA LEU A 63 3.98 3.56 -5.87
C LEU A 63 3.63 3.08 -4.45
N ALA A 64 2.76 3.83 -3.77
CA ALA A 64 2.35 3.48 -2.42
C ALA A 64 2.29 1.97 -2.25
N ALA A 65 1.51 1.31 -3.09
CA ALA A 65 1.36 -0.14 -3.03
C ALA A 65 2.72 -0.83 -3.06
N LYS A 66 3.51 -0.53 -4.09
CA LYS A 66 4.83 -1.12 -4.24
C LYS A 66 5.50 -1.29 -2.88
N GLU A 67 5.73 -0.19 -2.18
CA GLU A 67 6.37 -0.23 -0.87
C GLU A 67 5.58 -1.12 0.09
N ALA A 68 4.26 -1.03 0.02
CA ALA A 68 3.39 -1.83 0.87
C ALA A 68 3.68 -3.32 0.70
N TYR A 69 3.53 -3.81 -0.53
CA TYR A 69 3.76 -5.22 -0.83
C TYR A 69 5.00 -5.73 -0.10
N GLN A 70 6.17 -5.19 -0.47
CA GLN A 70 7.43 -5.60 0.15
C GLN A 70 7.35 -5.47 1.67
N LYS A 71 6.49 -4.58 2.15
CA LYS A 71 6.32 -4.37 3.58
C LYS A 71 5.40 -5.43 4.18
N LEU A 72 4.49 -5.95 3.36
CA LEU A 72 3.55 -6.96 3.81
C LEU A 72 4.16 -8.36 3.69
N LEU A 73 5.13 -8.50 2.80
CA LEU A 73 5.80 -9.78 2.60
C LEU A 73 6.59 -10.19 3.83
N LYS A 74 7.19 -9.21 4.51
CA LYS A 74 7.96 -9.46 5.71
C LYS A 74 7.17 -9.12 6.96
N SER A 75 6.31 -8.10 6.85
CA SER A 75 5.49 -7.68 7.98
C SER A 75 4.01 -7.76 7.63
N PRO A 76 3.42 -8.94 7.83
CA PRO A 76 2.00 -9.18 7.53
C PRO A 76 1.08 -8.45 8.51
N PRO A 77 -0.23 -8.44 8.19
CA PRO A 77 -1.23 -7.79 9.03
C PRO A 77 -1.45 -8.52 10.36
N LYS A 78 -2.28 -7.93 11.22
CA LYS A 78 -2.58 -8.53 12.51
C LYS A 78 -2.97 -9.99 12.36
N THR A 79 -4.07 -10.23 11.66
CA THR A 79 -4.56 -11.59 11.44
C THR A 79 -3.74 -12.30 10.37
N ALA A 80 -3.46 -13.57 10.60
CA ALA A 80 -2.69 -14.37 9.64
C ALA A 80 -3.33 -15.73 9.43
N GLY A 81 -2.84 -16.45 8.42
CA GLY A 81 -3.37 -17.77 8.13
C GLY A 81 -2.33 -18.71 7.55
N THR A 82 -1.88 -18.41 6.33
CA THR A 82 -0.87 -19.24 5.66
C THR A 82 -1.31 -20.70 5.59
N SER A 83 -2.61 -20.90 5.44
CA SER A 83 -3.17 -22.26 5.36
C SER A 83 -3.65 -22.57 3.94
N GLY A 84 -2.84 -23.33 3.20
CA GLY A 84 -3.19 -23.69 1.85
C GLY A 84 -2.06 -24.36 1.12
N PRO A 85 -1.95 -25.69 1.27
CA PRO A 85 -0.91 -26.50 0.63
C PRO A 85 -1.11 -26.59 -0.88
N SER A 86 -0.02 -26.88 -1.60
CA SER A 86 -0.08 -27.01 -3.05
C SER A 86 1.20 -27.63 -3.59
N SER A 87 1.17 -28.05 -4.85
CA SER A 87 2.32 -28.68 -5.48
C SER A 87 3.17 -27.64 -6.22
N GLY A 88 3.35 -26.48 -5.57
CA GLY A 88 4.13 -25.42 -6.17
C GLY A 88 4.13 -24.15 -5.34
N GLY A 1 14.64 -12.55 -2.17
CA GLY A 1 15.36 -11.92 -3.27
C GLY A 1 15.32 -10.40 -3.20
N SER A 2 16.32 -9.76 -3.78
CA SER A 2 16.39 -8.30 -3.78
C SER A 2 15.22 -7.70 -4.55
N SER A 3 15.09 -8.09 -5.82
CA SER A 3 14.03 -7.58 -6.66
C SER A 3 13.84 -8.47 -7.90
N GLY A 4 12.59 -8.63 -8.31
CA GLY A 4 12.30 -9.44 -9.48
C GLY A 4 11.45 -8.72 -10.51
N SER A 5 10.36 -9.36 -10.93
CA SER A 5 9.47 -8.78 -11.92
C SER A 5 8.74 -7.57 -11.34
N SER A 6 8.37 -6.64 -12.21
CA SER A 6 7.67 -5.43 -11.79
C SER A 6 6.15 -5.58 -11.97
N GLY A 7 5.39 -5.00 -11.06
CA GLY A 7 3.94 -5.08 -11.13
C GLY A 7 3.31 -5.33 -9.78
N TYR A 8 3.70 -4.55 -8.79
CA TYR A 8 3.18 -4.69 -7.43
C TYR A 8 1.99 -3.75 -7.22
N ILE A 9 2.03 -2.59 -7.88
CA ILE A 9 0.97 -1.62 -7.76
C ILE A 9 -0.40 -2.29 -7.59
N GLY A 10 -0.59 -3.38 -8.32
CA GLY A 10 -1.85 -4.10 -8.23
C GLY A 10 -1.81 -5.23 -7.23
N LEU A 11 -0.61 -5.77 -6.99
CA LEU A 11 -0.44 -6.87 -6.05
C LEU A 11 -1.17 -6.59 -4.74
N VAL A 12 -0.91 -5.41 -4.17
CA VAL A 12 -1.55 -5.02 -2.92
C VAL A 12 -3.07 -5.04 -3.04
N ASN A 13 -3.59 -4.25 -3.96
CA ASN A 13 -5.03 -4.19 -4.19
C ASN A 13 -5.68 -5.56 -3.97
N SER A 14 -5.19 -6.56 -4.68
CA SER A 14 -5.72 -7.91 -4.57
C SER A 14 -5.35 -8.53 -3.22
N PHE A 15 -4.08 -8.41 -2.85
CA PHE A 15 -3.61 -8.95 -1.59
C PHE A 15 -4.61 -8.69 -0.47
N ALA A 16 -4.77 -7.41 -0.10
CA ALA A 16 -5.69 -7.04 0.95
C ALA A 16 -6.97 -7.87 0.89
N GLN A 17 -7.68 -7.77 -0.23
CA GLN A 17 -8.93 -8.50 -0.42
C GLN A 17 -8.73 -9.99 -0.10
N LYS A 18 -7.66 -10.56 -0.63
CA LYS A 18 -7.37 -11.97 -0.39
C LYS A 18 -7.26 -12.27 1.10
N LYS A 19 -6.69 -11.33 1.84
CA LYS A 19 -6.53 -11.48 3.28
C LYS A 19 -7.68 -10.82 4.04
N LYS A 20 -8.79 -10.60 3.34
CA LYS A 20 -9.97 -9.98 3.93
C LYS A 20 -9.57 -8.74 4.73
N LEU A 21 -8.54 -8.04 4.26
CA LEU A 21 -8.07 -6.83 4.92
C LEU A 21 -8.66 -5.59 4.27
N SER A 22 -8.43 -4.44 4.89
CA SER A 22 -8.94 -3.17 4.37
C SER A 22 -7.79 -2.26 3.94
N VAL A 23 -7.85 -1.82 2.68
CA VAL A 23 -6.81 -0.93 2.14
C VAL A 23 -7.36 0.46 1.89
N ASN A 24 -6.70 1.46 2.47
CA ASN A 24 -7.12 2.85 2.31
C ASN A 24 -5.97 3.71 1.79
N TYR A 25 -6.32 4.79 1.09
CA TYR A 25 -5.32 5.69 0.53
C TYR A 25 -5.59 7.13 0.98
N GLU A 26 -4.83 7.60 1.96
CA GLU A 26 -4.98 8.95 2.46
C GLU A 26 -3.97 9.90 1.82
N GLN A 27 -4.47 11.00 1.27
CA GLN A 27 -3.61 11.98 0.62
C GLN A 27 -3.69 13.33 1.32
N CYS A 28 -2.62 14.11 1.22
CA CYS A 28 -2.57 15.42 1.85
C CYS A 28 -3.08 16.49 0.89
N GLU A 29 -3.56 17.60 1.46
CA GLU A 29 -4.08 18.71 0.66
C GLU A 29 -3.05 19.84 0.56
N PRO A 30 -3.00 20.49 -0.61
CA PRO A 30 -2.08 21.60 -0.86
C PRO A 30 -2.45 22.85 -0.06
N ASN A 31 -1.71 23.10 1.02
CA ASN A 31 -1.96 24.26 1.87
C ASN A 31 -0.92 25.35 1.62
N SER A 32 -0.99 25.96 0.44
CA SER A 32 -0.05 27.02 0.07
C SER A 32 1.39 26.53 0.16
N GLU A 33 1.63 25.32 -0.36
CA GLU A 33 2.97 24.73 -0.33
C GLU A 33 3.40 24.33 -1.74
N LEU A 34 4.57 24.81 -2.14
CA LEU A 34 5.11 24.51 -3.46
C LEU A 34 6.48 23.85 -3.35
N PRO A 35 6.88 23.13 -4.41
CA PRO A 35 6.06 22.97 -5.61
C PRO A 35 4.83 22.10 -5.35
N GLN A 36 3.95 22.01 -6.36
CA GLN A 36 2.73 21.22 -6.24
C GLN A 36 3.04 19.73 -6.40
N ARG A 37 3.01 19.01 -5.27
CA ARG A 37 3.28 17.57 -5.28
C ARG A 37 2.12 16.79 -4.71
N PHE A 38 1.86 15.61 -5.27
CA PHE A 38 0.77 14.77 -4.80
C PHE A 38 1.29 13.57 -4.02
N ILE A 39 0.89 13.48 -2.75
CA ILE A 39 1.32 12.39 -1.90
C ILE A 39 0.16 11.47 -1.54
N CYS A 40 0.39 10.16 -1.62
CA CYS A 40 -0.64 9.19 -1.30
C CYS A 40 -0.10 8.11 -0.37
N LYS A 41 -0.63 8.07 0.85
CA LYS A 41 -0.21 7.09 1.84
C LYS A 41 -1.22 5.96 1.96
N CYS A 42 -0.78 4.74 1.65
CA CYS A 42 -1.66 3.57 1.73
C CYS A 42 -1.65 2.98 3.14
N LYS A 43 -2.80 3.04 3.80
CA LYS A 43 -2.93 2.51 5.15
C LYS A 43 -3.85 1.29 5.18
N ILE A 44 -3.32 0.18 5.67
CA ILE A 44 -4.09 -1.06 5.74
C ILE A 44 -4.66 -1.26 7.14
N GLY A 45 -5.98 -1.13 7.26
CA GLY A 45 -6.64 -1.31 8.54
C GLY A 45 -6.10 -0.35 9.60
N GLN A 46 -6.07 0.94 9.26
CA GLN A 46 -5.57 1.94 10.19
C GLN A 46 -4.09 1.72 10.51
N THR A 47 -3.38 1.08 9.58
CA THR A 47 -1.96 0.81 9.76
C THR A 47 -1.15 1.37 8.60
N MET A 48 -0.06 2.07 8.93
CA MET A 48 0.80 2.65 7.92
C MET A 48 1.73 1.60 7.32
N TYR A 49 1.53 1.32 6.03
CA TYR A 49 2.34 0.33 5.34
C TYR A 49 3.33 1.00 4.39
N GLY A 50 2.79 1.74 3.42
CA GLY A 50 3.64 2.42 2.46
C GLY A 50 3.00 3.69 1.93
N THR A 51 3.81 4.54 1.30
CA THR A 51 3.32 5.80 0.76
C THR A 51 4.04 6.15 -0.54
N GLY A 52 3.44 7.05 -1.32
CA GLY A 52 4.03 7.45 -2.57
C GLY A 52 3.85 8.93 -2.85
N SER A 53 4.60 9.45 -3.81
CA SER A 53 4.52 10.87 -4.17
C SER A 53 4.88 11.07 -5.64
N GLY A 54 4.03 11.82 -6.34
CA GLY A 54 4.28 12.08 -7.76
C GLY A 54 3.58 13.33 -8.24
N VAL A 55 3.85 13.72 -9.49
CA VAL A 55 3.23 14.91 -10.07
C VAL A 55 1.72 14.74 -10.19
N THR A 56 1.28 13.49 -10.38
CA THR A 56 -0.14 13.21 -10.51
C THR A 56 -0.60 12.23 -9.43
N LYS A 57 -1.83 12.41 -8.96
CA LYS A 57 -2.39 11.54 -7.93
C LYS A 57 -2.04 10.08 -8.19
N GLN A 58 -2.51 9.56 -9.31
CA GLN A 58 -2.24 8.17 -9.68
C GLN A 58 -0.80 7.80 -9.37
N GLU A 59 0.14 8.50 -10.00
CA GLU A 59 1.56 8.24 -9.79
C GLU A 59 1.83 7.83 -8.35
N ALA A 60 1.33 8.63 -7.41
CA ALA A 60 1.52 8.35 -5.99
C ALA A 60 0.67 7.16 -5.55
N LYS A 61 -0.65 7.29 -5.69
CA LYS A 61 -1.57 6.23 -5.30
C LYS A 61 -1.07 4.87 -5.78
N GLN A 62 -0.25 4.89 -6.84
CA GLN A 62 0.30 3.65 -7.40
C GLN A 62 1.49 3.17 -6.58
N LEU A 63 2.58 3.93 -6.63
CA LEU A 63 3.79 3.57 -5.90
C LEU A 63 3.46 3.18 -4.47
N ALA A 64 2.66 4.00 -3.79
CA ALA A 64 2.26 3.73 -2.42
C ALA A 64 2.10 2.23 -2.18
N ALA A 65 1.60 1.53 -3.19
CA ALA A 65 1.40 0.08 -3.08
C ALA A 65 2.73 -0.66 -3.16
N LYS A 66 3.56 -0.28 -4.13
CA LYS A 66 4.86 -0.91 -4.32
C LYS A 66 5.54 -1.17 -2.98
N GLU A 67 5.58 -0.14 -2.13
CA GLU A 67 6.20 -0.27 -0.81
C GLU A 67 5.35 -1.13 0.11
N ALA A 68 4.09 -0.75 0.26
CA ALA A 68 3.17 -1.51 1.12
C ALA A 68 3.35 -3.01 0.94
N TYR A 69 3.35 -3.44 -0.31
CA TYR A 69 3.51 -4.87 -0.62
C TYR A 69 4.75 -5.43 0.04
N GLN A 70 5.91 -4.88 -0.28
CA GLN A 70 7.17 -5.32 0.29
C GLN A 70 7.03 -5.56 1.79
N LYS A 71 6.46 -4.58 2.49
CA LYS A 71 6.28 -4.67 3.93
C LYS A 71 5.47 -5.92 4.29
N LEU A 72 4.46 -6.22 3.49
CA LEU A 72 3.62 -7.39 3.73
C LEU A 72 4.40 -8.68 3.53
N LEU A 73 5.20 -8.71 2.46
CA LEU A 73 6.02 -9.90 2.16
C LEU A 73 6.99 -10.19 3.29
N LYS A 74 7.41 -9.14 3.99
CA LYS A 74 8.34 -9.28 5.10
C LYS A 74 7.62 -9.67 6.38
N SER A 75 6.80 -8.75 6.90
CA SER A 75 6.04 -9.00 8.12
C SER A 75 4.55 -8.81 7.88
N PRO A 76 3.88 -9.88 7.41
CA PRO A 76 2.45 -9.85 7.13
C PRO A 76 1.61 -9.77 8.41
N PRO A 77 0.30 -9.54 8.24
CA PRO A 77 -0.63 -9.43 9.36
C PRO A 77 -0.86 -10.77 10.06
N LYS A 78 -0.72 -10.78 11.38
CA LYS A 78 -0.91 -12.00 12.16
C LYS A 78 -2.39 -12.36 12.24
N THR A 79 -3.23 -11.38 12.54
CA THR A 79 -4.67 -11.61 12.64
C THR A 79 -5.13 -12.66 11.64
N ALA A 80 -4.89 -12.40 10.36
CA ALA A 80 -5.28 -13.32 9.30
C ALA A 80 -4.05 -13.85 8.55
N GLY A 81 -4.05 -15.16 8.30
CA GLY A 81 -2.93 -15.77 7.60
C GLY A 81 -1.74 -16.00 8.51
N THR A 82 -1.79 -17.07 9.30
CA THR A 82 -0.71 -17.40 10.22
C THR A 82 0.36 -18.25 9.53
N SER A 83 1.59 -17.78 9.56
CA SER A 83 2.70 -18.49 8.94
C SER A 83 2.88 -19.88 9.56
N GLY A 84 3.08 -19.90 10.87
CA GLY A 84 3.27 -21.16 11.57
C GLY A 84 4.68 -21.35 12.08
N PRO A 85 4.82 -22.10 13.19
CA PRO A 85 6.13 -22.36 13.80
C PRO A 85 6.99 -23.29 12.95
N SER A 86 7.89 -22.70 12.17
CA SER A 86 8.77 -23.48 11.30
C SER A 86 8.06 -24.71 10.77
N SER A 87 6.80 -24.54 10.36
CA SER A 87 6.02 -25.64 9.83
C SER A 87 5.13 -25.17 8.68
N GLY A 88 5.18 -25.90 7.57
CA GLY A 88 4.38 -25.55 6.41
C GLY A 88 2.91 -25.84 6.60
N GLY A 1 5.01 -21.00 -9.06
CA GLY A 1 5.22 -19.57 -8.92
C GLY A 1 5.17 -18.84 -10.26
N SER A 2 6.07 -17.90 -10.45
CA SER A 2 6.11 -17.12 -11.68
C SER A 2 7.52 -16.63 -11.97
N SER A 3 7.75 -16.17 -13.20
CA SER A 3 9.05 -15.67 -13.61
C SER A 3 8.98 -14.19 -13.97
N GLY A 4 8.27 -13.42 -13.16
CA GLY A 4 8.12 -12.00 -13.42
C GLY A 4 6.83 -11.43 -12.86
N SER A 5 6.76 -10.11 -12.80
CA SER A 5 5.57 -9.44 -12.28
C SER A 5 5.30 -8.13 -13.03
N SER A 6 4.06 -7.97 -13.49
CA SER A 6 3.67 -6.77 -14.23
C SER A 6 3.85 -5.52 -13.36
N GLY A 7 3.51 -5.63 -12.09
CA GLY A 7 3.64 -4.51 -11.19
C GLY A 7 2.94 -4.74 -9.86
N TYR A 8 3.60 -4.35 -8.77
CA TYR A 8 3.03 -4.53 -7.44
C TYR A 8 1.87 -3.57 -7.20
N ILE A 9 1.90 -2.43 -7.90
CA ILE A 9 0.85 -1.43 -7.75
C ILE A 9 -0.52 -2.10 -7.61
N GLY A 10 -0.73 -3.18 -8.33
CA GLY A 10 -1.99 -3.89 -8.26
C GLY A 10 -1.98 -5.01 -7.24
N LEU A 11 -0.80 -5.58 -7.00
CA LEU A 11 -0.65 -6.66 -6.04
C LEU A 11 -1.40 -6.35 -4.75
N VAL A 12 -0.97 -5.30 -4.06
CA VAL A 12 -1.60 -4.89 -2.81
C VAL A 12 -3.12 -5.00 -2.90
N ASN A 13 -3.71 -4.23 -3.80
CA ASN A 13 -5.16 -4.23 -4.00
C ASN A 13 -5.72 -5.63 -3.78
N SER A 14 -5.28 -6.58 -4.61
CA SER A 14 -5.75 -7.95 -4.52
C SER A 14 -5.36 -8.57 -3.18
N PHE A 15 -4.05 -8.66 -2.94
CA PHE A 15 -3.54 -9.24 -1.69
C PHE A 15 -4.48 -8.92 -0.53
N ALA A 16 -4.75 -7.63 -0.33
CA ALA A 16 -5.63 -7.19 0.75
C ALA A 16 -6.94 -7.99 0.75
N GLN A 17 -7.73 -7.81 -0.30
CA GLN A 17 -9.00 -8.51 -0.42
C GLN A 17 -8.83 -10.01 -0.15
N LYS A 18 -7.84 -10.61 -0.79
CA LYS A 18 -7.56 -12.03 -0.62
C LYS A 18 -7.37 -12.38 0.85
N LYS A 19 -6.69 -11.49 1.58
CA LYS A 19 -6.44 -11.69 3.01
C LYS A 19 -7.53 -11.04 3.85
N LYS A 20 -8.65 -10.73 3.23
CA LYS A 20 -9.77 -10.11 3.92
C LYS A 20 -9.30 -8.90 4.72
N LEU A 21 -8.26 -8.24 4.24
CA LEU A 21 -7.70 -7.07 4.90
C LEU A 21 -8.33 -5.80 4.37
N SER A 22 -7.99 -4.66 4.97
CA SER A 22 -8.52 -3.38 4.55
C SER A 22 -7.39 -2.44 4.09
N VAL A 23 -7.62 -1.75 2.98
CA VAL A 23 -6.62 -0.82 2.45
C VAL A 23 -7.17 0.60 2.40
N ASN A 24 -6.42 1.53 3.00
CA ASN A 24 -6.83 2.92 3.03
C ASN A 24 -5.83 3.80 2.26
N TYR A 25 -6.34 4.58 1.32
CA TYR A 25 -5.50 5.45 0.52
C TYR A 25 -5.80 6.92 0.82
N GLU A 26 -4.96 7.54 1.63
CA GLU A 26 -5.13 8.94 2.00
C GLU A 26 -4.28 9.85 1.11
N GLN A 27 -4.93 10.80 0.46
CA GLN A 27 -4.24 11.73 -0.42
C GLN A 27 -3.76 12.96 0.34
N CYS A 28 -2.71 13.59 -0.15
CA CYS A 28 -2.16 14.79 0.49
C CYS A 28 -3.21 15.90 0.56
N GLU A 29 -3.22 16.62 1.68
CA GLU A 29 -4.18 17.70 1.87
C GLU A 29 -3.73 18.96 1.14
N PRO A 30 -4.70 19.68 0.54
CA PRO A 30 -4.43 20.91 -0.21
C PRO A 30 -4.00 22.06 0.70
N ASN A 31 -2.71 22.35 0.69
CA ASN A 31 -2.17 23.43 1.52
C ASN A 31 -1.75 24.63 0.67
N SER A 32 -1.56 25.77 1.31
CA SER A 32 -1.16 26.98 0.59
C SER A 32 0.36 27.13 0.58
N GLU A 33 1.05 26.01 0.42
CA GLU A 33 2.52 26.02 0.38
C GLU A 33 3.03 25.38 -0.90
N LEU A 34 3.33 26.21 -1.89
CA LEU A 34 3.84 25.73 -3.17
C LEU A 34 5.32 25.43 -3.09
N PRO A 35 5.82 24.62 -4.03
CA PRO A 35 4.99 24.03 -5.09
C PRO A 35 4.02 22.99 -4.56
N GLN A 36 3.09 22.54 -5.41
CA GLN A 36 2.11 21.55 -5.01
C GLN A 36 2.52 20.16 -5.48
N ARG A 37 2.68 19.25 -4.54
CA ARG A 37 3.07 17.88 -4.84
C ARG A 37 2.03 16.88 -4.35
N PHE A 38 1.74 15.89 -5.18
CA PHE A 38 0.75 14.86 -4.82
C PHE A 38 1.40 13.73 -4.05
N ILE A 39 0.92 13.49 -2.83
CA ILE A 39 1.46 12.43 -1.99
C ILE A 39 0.34 11.59 -1.39
N CYS A 40 0.37 10.29 -1.68
CA CYS A 40 -0.65 9.38 -1.15
C CYS A 40 -0.07 8.50 -0.04
N LYS A 41 -0.95 7.99 0.81
CA LYS A 41 -0.53 7.13 1.91
C LYS A 41 -1.35 5.85 1.95
N CYS A 42 -0.65 4.71 1.89
CA CYS A 42 -1.32 3.40 1.92
C CYS A 42 -1.28 2.80 3.32
N LYS A 43 -2.40 2.86 4.01
CA LYS A 43 -2.49 2.31 5.36
C LYS A 43 -3.39 1.09 5.40
N ILE A 44 -2.88 -0.02 5.92
CA ILE A 44 -3.64 -1.25 6.02
C ILE A 44 -4.11 -1.50 7.45
N GLY A 45 -5.41 -1.29 7.68
CA GLY A 45 -5.97 -1.49 9.00
C GLY A 45 -5.48 -0.48 10.01
N GLN A 46 -5.53 0.80 9.64
CA GLN A 46 -5.08 1.87 10.52
C GLN A 46 -3.58 1.74 10.79
N THR A 47 -2.87 1.10 9.88
CA THR A 47 -1.43 0.92 10.02
C THR A 47 -0.68 1.43 8.79
N MET A 48 0.42 2.15 9.03
CA MET A 48 1.22 2.71 7.95
C MET A 48 2.04 1.62 7.28
N TYR A 49 1.73 1.33 6.02
CA TYR A 49 2.45 0.30 5.27
C TYR A 49 3.40 0.93 4.26
N GLY A 50 2.85 1.68 3.31
CA GLY A 50 3.66 2.32 2.30
C GLY A 50 3.25 3.75 2.05
N THR A 51 4.15 4.53 1.46
CA THR A 51 3.87 5.94 1.16
C THR A 51 4.24 6.28 -0.28
N GLY A 52 3.29 6.86 -0.99
CA GLY A 52 3.52 7.24 -2.39
C GLY A 52 3.71 8.73 -2.56
N SER A 53 4.65 9.11 -3.41
CA SER A 53 4.93 10.52 -3.66
C SER A 53 5.18 10.77 -5.15
N GLY A 54 4.36 11.64 -5.74
CA GLY A 54 4.51 11.94 -7.15
C GLY A 54 3.84 13.25 -7.53
N VAL A 55 3.82 13.55 -8.82
CA VAL A 55 3.22 14.78 -9.31
C VAL A 55 1.77 14.54 -9.76
N THR A 56 1.45 13.29 -10.06
CA THR A 56 0.11 12.93 -10.50
C THR A 56 -0.54 11.95 -9.53
N LYS A 57 -1.82 12.17 -9.23
CA LYS A 57 -2.55 11.30 -8.32
C LYS A 57 -2.21 9.83 -8.58
N GLN A 58 -2.50 9.37 -9.79
CA GLN A 58 -2.22 7.99 -10.16
C GLN A 58 -0.80 7.60 -9.80
N GLU A 59 0.16 8.36 -10.32
CA GLU A 59 1.57 8.10 -10.06
C GLU A 59 1.79 7.73 -8.60
N ALA A 60 1.58 8.70 -7.71
CA ALA A 60 1.75 8.47 -6.28
C ALA A 60 0.84 7.36 -5.78
N LYS A 61 -0.46 7.60 -5.81
CA LYS A 61 -1.44 6.61 -5.37
C LYS A 61 -1.02 5.20 -5.78
N GLN A 62 -0.30 5.12 -6.89
CA GLN A 62 0.16 3.83 -7.40
C GLN A 62 1.38 3.35 -6.61
N LEU A 63 2.48 4.08 -6.73
CA LEU A 63 3.71 3.71 -6.02
C LEU A 63 3.42 3.33 -4.58
N ALA A 64 2.63 4.15 -3.90
CA ALA A 64 2.27 3.89 -2.51
C ALA A 64 2.13 2.39 -2.25
N ALA A 65 1.52 1.70 -3.21
CA ALA A 65 1.31 0.26 -3.08
C ALA A 65 2.64 -0.50 -3.17
N LYS A 66 3.45 -0.14 -4.16
CA LYS A 66 4.75 -0.79 -4.36
C LYS A 66 5.49 -0.91 -3.04
N GLU A 67 5.31 0.07 -2.15
CA GLU A 67 5.97 0.05 -0.86
C GLU A 67 5.21 -0.84 0.13
N ALA A 68 3.89 -0.74 0.11
CA ALA A 68 3.05 -1.54 1.00
C ALA A 68 3.27 -3.02 0.76
N TYR A 69 3.34 -3.42 -0.51
CA TYR A 69 3.54 -4.82 -0.86
C TYR A 69 4.72 -5.41 -0.09
N GLN A 70 5.88 -4.76 -0.22
CA GLN A 70 7.08 -5.22 0.46
C GLN A 70 6.82 -5.47 1.94
N LYS A 71 6.19 -4.50 2.60
CA LYS A 71 5.87 -4.62 4.01
C LYS A 71 5.21 -5.96 4.32
N LEU A 72 4.35 -6.41 3.41
CA LEU A 72 3.65 -7.68 3.58
C LEU A 72 4.62 -8.85 3.46
N LEU A 73 5.37 -8.88 2.36
CA LEU A 73 6.34 -9.95 2.13
C LEU A 73 7.22 -10.17 3.36
N LYS A 74 7.41 -9.10 4.14
CA LYS A 74 8.23 -9.18 5.35
C LYS A 74 7.39 -9.65 6.54
N SER A 75 6.41 -8.85 6.91
CA SER A 75 5.54 -9.18 8.04
C SER A 75 4.09 -9.31 7.59
N PRO A 76 3.72 -10.51 7.12
CA PRO A 76 2.36 -10.79 6.65
C PRO A 76 1.34 -10.81 7.78
N PRO A 77 0.05 -10.78 7.43
CA PRO A 77 -1.04 -10.80 8.40
C PRO A 77 -1.17 -12.14 9.11
N LYS A 78 -0.72 -13.20 8.44
CA LYS A 78 -0.78 -14.54 9.01
C LYS A 78 0.62 -15.09 9.25
N THR A 79 0.79 -15.81 10.36
CA THR A 79 2.08 -16.40 10.71
C THR A 79 2.30 -17.72 9.98
N ALA A 80 1.95 -17.75 8.70
CA ALA A 80 2.11 -18.96 7.89
C ALA A 80 3.44 -18.94 7.13
N GLY A 81 3.91 -20.13 6.75
CA GLY A 81 5.16 -20.22 6.02
C GLY A 81 6.20 -19.23 6.51
N THR A 82 7.00 -19.66 7.49
CA THR A 82 8.03 -18.79 8.06
C THR A 82 9.42 -19.28 7.66
N SER A 83 10.03 -18.62 6.68
CA SER A 83 11.35 -19.00 6.21
C SER A 83 11.90 -17.95 5.24
N GLY A 84 13.08 -17.43 5.54
CA GLY A 84 13.69 -16.43 4.69
C GLY A 84 14.48 -15.40 5.47
N PRO A 85 15.81 -15.57 5.51
CA PRO A 85 16.70 -14.66 6.23
C PRO A 85 16.80 -13.29 5.55
N SER A 86 15.99 -12.35 6.01
CA SER A 86 15.98 -11.00 5.46
C SER A 86 16.42 -9.98 6.49
N SER A 87 17.54 -9.31 6.23
CA SER A 87 18.08 -8.31 7.14
C SER A 87 18.45 -8.94 8.47
N GLY A 88 19.05 -10.13 8.41
CA GLY A 88 19.44 -10.82 9.62
C GLY A 88 18.27 -11.45 10.35
N GLY A 1 13.43 -20.02 -11.92
CA GLY A 1 13.93 -19.00 -11.01
C GLY A 1 13.36 -17.64 -11.29
N SER A 2 12.46 -17.18 -10.41
CA SER A 2 11.83 -15.88 -10.58
C SER A 2 11.07 -15.48 -9.32
N SER A 3 10.60 -14.24 -9.28
CA SER A 3 9.87 -13.73 -8.13
C SER A 3 8.40 -13.49 -8.48
N GLY A 4 7.83 -14.41 -9.26
CA GLY A 4 6.44 -14.27 -9.65
C GLY A 4 6.17 -13.01 -10.43
N SER A 5 4.96 -12.47 -10.29
CA SER A 5 4.58 -11.25 -10.99
C SER A 5 5.57 -10.12 -10.70
N SER A 6 5.44 -9.03 -11.43
CA SER A 6 6.33 -7.88 -11.26
C SER A 6 5.58 -6.70 -10.66
N GLY A 7 4.68 -6.11 -11.45
CA GLY A 7 3.91 -4.97 -10.98
C GLY A 7 3.19 -5.27 -9.68
N TYR A 8 3.63 -4.63 -8.60
CA TYR A 8 3.01 -4.83 -7.30
C TYR A 8 1.87 -3.83 -7.07
N ILE A 9 1.99 -2.66 -7.69
CA ILE A 9 0.97 -1.62 -7.56
C ILE A 9 -0.42 -2.23 -7.41
N GLY A 10 -0.69 -3.27 -8.18
CA GLY A 10 -1.98 -3.92 -8.11
C GLY A 10 -1.99 -5.11 -7.16
N LEU A 11 -0.83 -5.72 -6.98
CA LEU A 11 -0.70 -6.87 -6.10
C LEU A 11 -1.40 -6.62 -4.77
N VAL A 12 -1.12 -5.46 -4.18
CA VAL A 12 -1.72 -5.09 -2.90
C VAL A 12 -3.25 -5.09 -2.99
N ASN A 13 -3.78 -4.25 -3.87
CA ASN A 13 -5.22 -4.16 -4.06
C ASN A 13 -5.89 -5.51 -3.87
N SER A 14 -5.33 -6.53 -4.53
CA SER A 14 -5.88 -7.88 -4.43
C SER A 14 -5.47 -8.55 -3.12
N PHE A 15 -4.22 -8.33 -2.73
CA PHE A 15 -3.70 -8.90 -1.49
C PHE A 15 -4.67 -8.68 -0.34
N ALA A 16 -4.90 -7.42 -0.01
CA ALA A 16 -5.81 -7.06 1.08
C ALA A 16 -7.07 -7.93 1.04
N GLN A 17 -7.80 -7.87 -0.07
CA GLN A 17 -9.03 -8.65 -0.21
C GLN A 17 -8.79 -10.11 0.18
N LYS A 18 -7.80 -10.73 -0.44
CA LYS A 18 -7.47 -12.12 -0.17
C LYS A 18 -7.28 -12.34 1.33
N LYS A 19 -6.68 -11.36 1.99
CA LYS A 19 -6.44 -11.44 3.43
C LYS A 19 -7.55 -10.75 4.22
N LYS A 20 -8.71 -10.63 3.59
CA LYS A 20 -9.86 -9.98 4.24
C LYS A 20 -9.42 -8.75 5.02
N LEU A 21 -8.39 -8.07 4.52
CA LEU A 21 -7.87 -6.87 5.17
C LEU A 21 -8.54 -5.62 4.61
N SER A 22 -8.22 -4.47 5.19
CA SER A 22 -8.79 -3.20 4.75
C SER A 22 -7.69 -2.26 4.26
N VAL A 23 -7.78 -1.87 2.99
CA VAL A 23 -6.80 -0.96 2.41
C VAL A 23 -7.38 0.44 2.21
N ASN A 24 -6.61 1.45 2.60
CA ASN A 24 -7.05 2.83 2.46
C ASN A 24 -5.98 3.68 1.78
N TYR A 25 -6.42 4.61 0.94
CA TYR A 25 -5.49 5.48 0.23
C TYR A 25 -5.77 6.94 0.55
N GLU A 26 -4.98 7.51 1.47
CA GLU A 26 -5.15 8.90 1.86
C GLU A 26 -4.38 9.82 0.92
N GLN A 27 -4.97 10.99 0.65
CA GLN A 27 -4.34 11.97 -0.24
C GLN A 27 -4.19 13.31 0.46
N CYS A 28 -3.10 14.01 0.16
CA CYS A 28 -2.83 15.31 0.76
C CYS A 28 -3.33 16.43 -0.14
N GLU A 29 -3.62 17.58 0.45
CA GLU A 29 -4.11 18.73 -0.29
C GLU A 29 -2.95 19.58 -0.82
N PRO A 30 -3.13 20.14 -2.02
CA PRO A 30 -2.11 20.99 -2.66
C PRO A 30 -1.91 22.31 -1.94
N ASN A 31 -0.75 22.48 -1.31
CA ASN A 31 -0.44 23.72 -0.59
C ASN A 31 -0.71 24.94 -1.45
N SER A 32 -0.87 26.09 -0.81
CA SER A 32 -1.15 27.33 -1.52
C SER A 32 0.09 27.81 -2.27
N GLU A 33 1.25 27.24 -1.93
CA GLU A 33 2.51 27.60 -2.56
C GLU A 33 3.30 26.36 -2.94
N LEU A 34 4.31 26.55 -3.78
CA LEU A 34 5.15 25.45 -4.23
C LEU A 34 6.02 24.93 -3.09
N PRO A 35 6.36 23.63 -3.15
CA PRO A 35 5.94 22.75 -4.25
C PRO A 35 4.44 22.46 -4.21
N GLN A 36 3.89 22.06 -5.36
CA GLN A 36 2.47 21.76 -5.45
C GLN A 36 2.26 20.35 -5.99
N ARG A 37 3.05 19.41 -5.48
CA ARG A 37 2.95 18.01 -5.91
C ARG A 37 1.93 17.25 -5.06
N PHE A 38 1.65 16.02 -5.45
CA PHE A 38 0.69 15.19 -4.72
C PHE A 38 1.40 14.17 -3.85
N ILE A 39 0.71 13.69 -2.81
CA ILE A 39 1.29 12.71 -1.90
C ILE A 39 0.22 11.71 -1.44
N CYS A 40 0.37 10.47 -1.86
CA CYS A 40 -0.57 9.41 -1.48
C CYS A 40 0.02 8.50 -0.41
N LYS A 41 -0.84 7.99 0.46
CA LYS A 41 -0.41 7.11 1.54
C LYS A 41 -1.32 5.89 1.64
N CYS A 42 -0.75 4.71 1.45
CA CYS A 42 -1.50 3.46 1.52
C CYS A 42 -1.41 2.86 2.92
N LYS A 43 -2.54 2.85 3.63
CA LYS A 43 -2.59 2.30 4.97
C LYS A 43 -3.47 1.06 5.02
N ILE A 44 -3.03 0.05 5.75
CA ILE A 44 -3.78 -1.19 5.88
C ILE A 44 -4.33 -1.37 7.29
N GLY A 45 -5.65 -1.28 7.43
CA GLY A 45 -6.27 -1.43 8.72
C GLY A 45 -5.85 -0.35 9.70
N GLN A 46 -5.72 0.88 9.21
CA GLN A 46 -5.32 2.01 10.04
C GLN A 46 -3.86 1.91 10.41
N THR A 47 -3.08 1.22 9.57
CA THR A 47 -1.65 1.05 9.81
C THR A 47 -0.83 1.53 8.62
N MET A 48 0.31 2.15 8.90
CA MET A 48 1.19 2.66 7.85
C MET A 48 2.00 1.54 7.23
N TYR A 49 1.88 1.38 5.92
CA TYR A 49 2.59 0.34 5.20
C TYR A 49 3.51 0.95 4.12
N GLY A 50 2.89 1.68 3.20
CA GLY A 50 3.66 2.29 2.12
C GLY A 50 3.16 3.69 1.79
N THR A 51 4.09 4.62 1.58
CA THR A 51 3.73 5.99 1.26
C THR A 51 4.27 6.38 -0.11
N GLY A 52 3.36 6.76 -1.02
CA GLY A 52 3.76 7.15 -2.36
C GLY A 52 3.69 8.65 -2.56
N SER A 53 4.58 9.17 -3.39
CA SER A 53 4.62 10.60 -3.68
C SER A 53 4.80 10.86 -5.17
N GLY A 54 4.12 11.88 -5.67
CA GLY A 54 4.21 12.22 -7.08
C GLY A 54 3.44 13.48 -7.43
N VAL A 55 3.71 14.01 -8.62
CA VAL A 55 3.04 15.23 -9.07
C VAL A 55 1.55 14.98 -9.30
N THR A 56 1.21 13.75 -9.67
CA THR A 56 -0.18 13.39 -9.91
C THR A 56 -0.62 12.24 -8.99
N LYS A 57 -1.81 12.38 -8.43
CA LYS A 57 -2.35 11.36 -7.54
C LYS A 57 -2.00 9.96 -8.03
N GLN A 58 -2.33 9.68 -9.28
CA GLN A 58 -2.05 8.38 -9.87
C GLN A 58 -0.64 7.92 -9.53
N GLU A 59 0.36 8.63 -10.06
CA GLU A 59 1.75 8.28 -9.80
C GLU A 59 1.95 7.81 -8.36
N ALA A 60 1.62 8.66 -7.41
CA ALA A 60 1.75 8.33 -5.99
C ALA A 60 0.94 7.09 -5.65
N LYS A 61 -0.38 7.22 -5.74
CA LYS A 61 -1.28 6.10 -5.44
C LYS A 61 -0.65 4.77 -5.84
N GLN A 62 -0.05 4.76 -7.03
CA GLN A 62 0.59 3.54 -7.54
C GLN A 62 1.75 3.12 -6.64
N LEU A 63 2.84 3.89 -6.68
CA LEU A 63 4.02 3.59 -5.87
C LEU A 63 3.62 3.23 -4.45
N ALA A 64 2.84 4.10 -3.82
CA ALA A 64 2.38 3.87 -2.45
C ALA A 64 2.17 2.39 -2.19
N ALA A 65 1.61 1.69 -3.17
CA ALA A 65 1.35 0.26 -3.06
C ALA A 65 2.65 -0.55 -3.06
N LYS A 66 3.48 -0.30 -4.07
CA LYS A 66 4.76 -1.00 -4.18
C LYS A 66 5.39 -1.20 -2.82
N GLU A 67 5.57 -0.11 -2.08
CA GLU A 67 6.17 -0.18 -0.75
C GLU A 67 5.33 -1.04 0.18
N ALA A 68 4.02 -0.82 0.16
CA ALA A 68 3.10 -1.57 1.01
C ALA A 68 3.30 -3.07 0.84
N TYR A 69 3.12 -3.55 -0.39
CA TYR A 69 3.28 -4.97 -0.68
C TYR A 69 4.59 -5.50 -0.09
N GLN A 70 5.70 -4.87 -0.46
CA GLN A 70 7.01 -5.28 0.02
C GLN A 70 6.99 -5.48 1.53
N LYS A 71 6.46 -4.51 2.25
CA LYS A 71 6.38 -4.58 3.70
C LYS A 71 5.62 -5.83 4.15
N LEU A 72 4.59 -6.18 3.40
CA LEU A 72 3.79 -7.36 3.72
C LEU A 72 4.59 -8.65 3.48
N LEU A 73 5.29 -8.69 2.36
CA LEU A 73 6.11 -9.86 2.02
C LEU A 73 7.07 -10.19 3.15
N LYS A 74 7.55 -9.16 3.84
CA LYS A 74 8.48 -9.36 4.95
C LYS A 74 7.73 -9.54 6.26
N SER A 75 6.99 -8.51 6.66
CA SER A 75 6.22 -8.55 7.91
C SER A 75 4.73 -8.63 7.62
N PRO A 76 4.22 -9.86 7.43
CA PRO A 76 2.81 -10.10 7.14
C PRO A 76 1.92 -9.82 8.36
N PRO A 77 0.60 -9.80 8.12
CA PRO A 77 -0.38 -9.56 9.18
C PRO A 77 -0.47 -10.70 10.18
N LYS A 78 -1.28 -10.52 11.21
CA LYS A 78 -1.47 -11.55 12.24
C LYS A 78 -2.92 -11.98 12.33
N THR A 79 -3.14 -13.28 12.48
CA THR A 79 -4.50 -13.83 12.58
C THR A 79 -4.85 -14.14 14.03
N ALA A 80 -5.41 -13.15 14.72
CA ALA A 80 -5.80 -13.32 16.11
C ALA A 80 -7.13 -12.61 16.40
N GLY A 81 -7.83 -13.10 17.42
CA GLY A 81 -9.10 -12.50 17.78
C GLY A 81 -8.95 -11.13 18.43
N THR A 82 -8.79 -10.11 17.60
CA THR A 82 -8.63 -8.75 18.10
C THR A 82 -9.71 -7.83 17.54
N SER A 83 -10.13 -6.86 18.35
CA SER A 83 -11.16 -5.91 17.94
C SER A 83 -10.56 -4.53 17.67
N GLY A 84 -11.36 -3.66 17.07
CA GLY A 84 -10.89 -2.32 16.77
C GLY A 84 -11.87 -1.25 17.21
N PRO A 85 -11.58 0.02 16.87
CA PRO A 85 -12.42 1.15 17.22
C PRO A 85 -13.75 1.15 16.45
N SER A 86 -14.56 2.19 16.68
CA SER A 86 -15.85 2.30 16.01
C SER A 86 -16.03 3.70 15.43
N SER A 87 -15.73 4.71 16.24
CA SER A 87 -15.87 6.10 15.81
C SER A 87 -14.51 6.80 15.80
N GLY A 88 -14.06 7.19 14.62
CA GLY A 88 -12.78 7.87 14.50
C GLY A 88 -12.82 9.02 13.51
N GLY A 1 8.77 -16.59 -22.57
CA GLY A 1 9.60 -15.82 -21.67
C GLY A 1 9.00 -15.69 -20.28
N SER A 2 9.86 -15.53 -19.29
CA SER A 2 9.41 -15.40 -17.90
C SER A 2 9.86 -14.07 -17.31
N SER A 3 9.03 -13.04 -17.46
CA SER A 3 9.35 -11.72 -16.94
C SER A 3 9.81 -11.81 -15.49
N GLY A 4 9.01 -12.45 -14.65
CA GLY A 4 9.34 -12.60 -13.25
C GLY A 4 8.87 -11.41 -12.42
N SER A 5 9.00 -10.21 -12.97
CA SER A 5 8.59 -9.00 -12.26
C SER A 5 7.16 -8.61 -12.66
N SER A 6 6.49 -7.90 -11.76
CA SER A 6 5.12 -7.46 -12.00
C SER A 6 4.84 -6.13 -11.31
N GLY A 7 3.92 -5.36 -11.87
CA GLY A 7 3.57 -4.07 -11.29
C GLY A 7 2.89 -4.22 -9.94
N TYR A 8 3.68 -4.41 -8.90
CA TYR A 8 3.15 -4.56 -7.54
C TYR A 8 1.98 -3.60 -7.31
N ILE A 9 2.02 -2.47 -8.00
CA ILE A 9 0.97 -1.46 -7.87
C ILE A 9 -0.38 -2.11 -7.56
N GLY A 10 -0.67 -3.21 -8.26
CA GLY A 10 -1.92 -3.91 -8.04
C GLY A 10 -1.80 -5.04 -7.04
N LEU A 11 -0.62 -5.66 -7.00
CA LEU A 11 -0.37 -6.76 -6.08
C LEU A 11 -1.08 -6.53 -4.75
N VAL A 12 -0.74 -5.43 -4.09
CA VAL A 12 -1.33 -5.09 -2.80
C VAL A 12 -2.86 -5.07 -2.90
N ASN A 13 -3.38 -4.17 -3.72
CA ASN A 13 -4.82 -4.04 -3.91
C ASN A 13 -5.51 -5.40 -3.80
N SER A 14 -5.19 -6.30 -4.72
CA SER A 14 -5.78 -7.63 -4.74
C SER A 14 -5.40 -8.40 -3.46
N PHE A 15 -4.13 -8.30 -3.08
CA PHE A 15 -3.65 -8.98 -1.88
C PHE A 15 -4.57 -8.72 -0.69
N ALA A 16 -4.92 -7.46 -0.48
CA ALA A 16 -5.80 -7.09 0.62
C ALA A 16 -7.09 -7.89 0.59
N GLN A 17 -7.90 -7.65 -0.42
CA GLN A 17 -9.17 -8.36 -0.57
C GLN A 17 -8.99 -9.86 -0.36
N LYS A 18 -8.07 -10.45 -1.12
CA LYS A 18 -7.78 -11.87 -1.02
C LYS A 18 -7.48 -12.27 0.43
N LYS A 19 -6.69 -11.43 1.11
CA LYS A 19 -6.32 -11.69 2.49
C LYS A 19 -7.33 -11.06 3.45
N LYS A 20 -8.50 -10.72 2.93
CA LYS A 20 -9.54 -10.10 3.74
C LYS A 20 -8.97 -9.01 4.65
N LEU A 21 -7.97 -8.29 4.13
CA LEU A 21 -7.33 -7.22 4.89
C LEU A 21 -8.01 -5.89 4.62
N SER A 22 -7.56 -4.85 5.31
CA SER A 22 -8.12 -3.51 5.15
C SER A 22 -7.07 -2.54 4.63
N VAL A 23 -7.23 -2.12 3.38
CA VAL A 23 -6.30 -1.19 2.76
C VAL A 23 -6.93 0.19 2.60
N ASN A 24 -6.19 1.23 2.97
CA ASN A 24 -6.68 2.59 2.87
C ASN A 24 -5.65 3.49 2.19
N TYR A 25 -6.10 4.29 1.24
CA TYR A 25 -5.21 5.20 0.50
C TYR A 25 -5.70 6.64 0.61
N GLU A 26 -5.00 7.43 1.40
CA GLU A 26 -5.36 8.83 1.58
C GLU A 26 -4.39 9.75 0.83
N GLN A 27 -4.84 10.97 0.55
CA GLN A 27 -4.02 11.94 -0.17
C GLN A 27 -3.95 13.25 0.60
N CYS A 28 -2.73 13.65 0.95
CA CYS A 28 -2.52 14.90 1.68
C CYS A 28 -3.10 16.09 0.92
N GLU A 29 -3.66 17.05 1.65
CA GLU A 29 -4.25 18.23 1.04
C GLU A 29 -3.31 19.42 1.14
N PRO A 30 -3.51 20.41 0.27
CA PRO A 30 -2.69 21.62 0.23
C PRO A 30 -2.92 22.51 1.45
N ASN A 31 -2.12 22.31 2.49
CA ASN A 31 -2.24 23.11 3.71
C ASN A 31 -1.15 24.17 3.77
N SER A 32 -0.96 24.89 2.68
CA SER A 32 0.05 25.94 2.60
C SER A 32 1.45 25.35 2.66
N GLU A 33 1.70 24.32 1.86
CA GLU A 33 2.99 23.67 1.83
C GLU A 33 3.48 23.49 0.39
N LEU A 34 4.26 24.46 -0.09
CA LEU A 34 4.79 24.41 -1.44
C LEU A 34 6.23 23.94 -1.45
N PRO A 35 6.66 23.33 -2.57
CA PRO A 35 5.78 23.12 -3.73
C PRO A 35 4.68 22.09 -3.47
N GLN A 36 3.50 22.34 -4.03
CA GLN A 36 2.38 21.43 -3.86
C GLN A 36 2.55 20.16 -4.70
N ARG A 37 2.80 19.05 -4.03
CA ARG A 37 2.98 17.78 -4.72
C ARG A 37 1.88 16.79 -4.34
N PHE A 38 1.68 15.78 -5.19
CA PHE A 38 0.66 14.77 -4.94
C PHE A 38 1.24 13.59 -4.17
N ILE A 39 0.69 13.34 -2.98
CA ILE A 39 1.16 12.24 -2.13
C ILE A 39 0.00 11.35 -1.71
N CYS A 40 0.21 10.05 -1.75
CA CYS A 40 -0.82 9.09 -1.35
C CYS A 40 -0.30 8.13 -0.29
N LYS A 41 -0.88 8.20 0.91
CA LYS A 41 -0.47 7.34 2.00
C LYS A 41 -1.25 6.03 2.00
N CYS A 42 -0.52 4.92 2.01
CA CYS A 42 -1.15 3.60 2.01
C CYS A 42 -1.00 2.91 3.35
N LYS A 43 -2.10 2.83 4.09
CA LYS A 43 -2.10 2.21 5.41
C LYS A 43 -2.98 0.97 5.42
N ILE A 44 -2.52 -0.08 6.09
CA ILE A 44 -3.27 -1.32 6.18
C ILE A 44 -3.58 -1.68 7.63
N GLY A 45 -4.85 -1.53 8.01
CA GLY A 45 -5.25 -1.83 9.37
C GLY A 45 -4.73 -0.82 10.37
N GLN A 46 -4.73 0.45 9.98
CA GLN A 46 -4.25 1.52 10.84
C GLN A 46 -2.74 1.44 11.03
N THR A 47 -2.06 0.84 10.06
CA THR A 47 -0.61 0.70 10.11
C THR A 47 0.05 1.26 8.86
N MET A 48 1.11 2.04 9.06
CA MET A 48 1.83 2.65 7.94
C MET A 48 2.62 1.59 7.17
N TYR A 49 2.30 1.45 5.89
CA TYR A 49 2.98 0.47 5.04
C TYR A 49 3.85 1.16 4.01
N GLY A 50 3.25 2.08 3.26
CA GLY A 50 3.99 2.81 2.23
C GLY A 50 3.45 4.21 2.01
N THR A 51 4.19 5.02 1.27
CA THR A 51 3.79 6.38 0.98
C THR A 51 4.17 6.80 -0.44
N GLY A 52 3.18 6.91 -1.31
CA GLY A 52 3.44 7.29 -2.68
C GLY A 52 3.55 8.79 -2.86
N SER A 53 4.40 9.22 -3.79
CA SER A 53 4.58 10.64 -4.06
C SER A 53 4.97 10.88 -5.51
N GLY A 54 4.18 11.70 -6.20
CA GLY A 54 4.45 11.99 -7.60
C GLY A 54 3.80 13.28 -8.06
N VAL A 55 3.93 13.58 -9.34
CA VAL A 55 3.34 14.79 -9.91
C VAL A 55 1.83 14.67 -10.01
N THR A 56 1.35 13.46 -10.23
CA THR A 56 -0.09 13.22 -10.36
C THR A 56 -0.56 12.23 -9.30
N LYS A 57 -1.66 12.58 -8.64
CA LYS A 57 -2.23 11.71 -7.60
C LYS A 57 -2.11 10.25 -7.98
N GLN A 58 -2.69 9.88 -9.11
CA GLN A 58 -2.66 8.50 -9.60
C GLN A 58 -1.26 7.92 -9.45
N GLU A 59 -0.25 8.66 -9.93
CA GLU A 59 1.13 8.21 -9.84
C GLU A 59 1.51 7.87 -8.41
N ALA A 60 1.02 8.68 -7.47
CA ALA A 60 1.31 8.46 -6.05
C ALA A 60 0.69 7.15 -5.56
N LYS A 61 -0.64 7.09 -5.57
CA LYS A 61 -1.35 5.90 -5.12
C LYS A 61 -0.72 4.63 -5.71
N GLN A 62 -0.24 4.73 -6.95
CA GLN A 62 0.38 3.61 -7.62
C GLN A 62 1.62 3.14 -6.86
N LEU A 63 2.56 4.05 -6.66
CA LEU A 63 3.79 3.73 -5.95
C LEU A 63 3.50 3.28 -4.52
N ALA A 64 2.66 4.04 -3.83
CA ALA A 64 2.28 3.72 -2.46
C ALA A 64 2.21 2.20 -2.25
N ALA A 65 1.54 1.52 -3.18
CA ALA A 65 1.39 0.07 -3.09
C ALA A 65 2.73 -0.63 -3.27
N LYS A 66 3.49 -0.19 -4.27
CA LYS A 66 4.80 -0.78 -4.54
C LYS A 66 5.54 -1.10 -3.25
N GLU A 67 5.67 -0.09 -2.39
CA GLU A 67 6.35 -0.28 -1.11
C GLU A 67 5.52 -1.15 -0.17
N ALA A 68 4.28 -0.78 0.04
CA ALA A 68 3.39 -1.53 0.92
C ALA A 68 3.54 -3.03 0.70
N TYR A 69 3.56 -3.44 -0.56
CA TYR A 69 3.70 -4.85 -0.90
C TYR A 69 4.83 -5.50 -0.10
N GLN A 70 6.03 -4.96 -0.23
CA GLN A 70 7.19 -5.49 0.48
C GLN A 70 6.87 -5.71 1.95
N LYS A 71 6.28 -4.68 2.58
CA LYS A 71 5.92 -4.76 3.99
C LYS A 71 5.10 -6.01 4.27
N LEU A 72 4.01 -6.17 3.54
CA LEU A 72 3.14 -7.33 3.71
C LEU A 72 3.94 -8.62 3.71
N LEU A 73 4.88 -8.73 2.77
CA LEU A 73 5.72 -9.92 2.67
C LEU A 73 6.50 -10.15 3.96
N LYS A 74 6.78 -9.07 4.67
CA LYS A 74 7.52 -9.14 5.92
C LYS A 74 6.63 -9.62 7.06
N SER A 75 5.48 -8.96 7.22
CA SER A 75 4.53 -9.32 8.27
C SER A 75 3.11 -9.36 7.73
N PRO A 76 2.73 -10.52 7.16
CA PRO A 76 1.39 -10.71 6.59
C PRO A 76 0.30 -10.77 7.66
N PRO A 77 -0.96 -10.74 7.23
CA PRO A 77 -2.11 -10.79 8.13
C PRO A 77 -2.27 -12.16 8.80
N LYS A 78 -2.26 -12.16 10.13
CA LYS A 78 -2.41 -13.40 10.88
C LYS A 78 -3.80 -14.01 10.67
N THR A 79 -4.83 -13.20 10.85
CA THR A 79 -6.21 -13.66 10.68
C THR A 79 -6.87 -12.96 9.50
N ALA A 80 -7.55 -13.74 8.67
CA ALA A 80 -8.24 -13.19 7.50
C ALA A 80 -9.71 -12.89 7.82
N GLY A 81 -9.93 -12.09 8.86
CA GLY A 81 -11.28 -11.74 9.25
C GLY A 81 -12.07 -12.94 9.72
N THR A 82 -12.88 -12.75 10.76
CA THR A 82 -13.69 -13.83 11.30
C THR A 82 -15.13 -13.74 10.80
N SER A 83 -15.66 -14.87 10.32
CA SER A 83 -17.02 -14.92 9.81
C SER A 83 -18.02 -14.47 10.87
N GLY A 84 -19.25 -14.20 10.44
CA GLY A 84 -20.28 -13.77 11.37
C GLY A 84 -21.53 -13.31 10.67
N PRO A 85 -22.27 -12.38 11.30
CA PRO A 85 -23.52 -11.84 10.75
C PRO A 85 -23.28 -10.96 9.52
N SER A 86 -23.85 -11.37 8.39
CA SER A 86 -23.69 -10.63 7.14
C SER A 86 -24.87 -10.88 6.22
N SER A 87 -24.95 -10.09 5.14
CA SER A 87 -26.03 -10.22 4.17
C SER A 87 -27.36 -10.43 4.88
N GLY A 88 -27.57 -9.68 5.96
CA GLY A 88 -28.82 -9.80 6.70
C GLY A 88 -28.93 -8.76 7.81
N GLY A 1 5.79 -18.81 -3.47
CA GLY A 1 6.75 -18.07 -2.70
C GLY A 1 7.84 -17.44 -3.55
N SER A 2 8.82 -18.25 -3.95
CA SER A 2 9.91 -17.77 -4.77
C SER A 2 9.48 -17.61 -6.23
N SER A 3 8.89 -16.47 -6.54
CA SER A 3 8.42 -16.19 -7.90
C SER A 3 8.38 -14.70 -8.16
N GLY A 4 8.34 -14.33 -9.44
CA GLY A 4 8.29 -12.92 -9.81
C GLY A 4 6.93 -12.51 -10.34
N SER A 5 6.64 -11.22 -10.30
CA SER A 5 5.37 -10.70 -10.77
C SER A 5 5.57 -9.43 -11.61
N SER A 6 4.54 -9.05 -12.35
CA SER A 6 4.60 -7.87 -13.20
C SER A 6 3.71 -6.76 -12.66
N GLY A 7 4.32 -5.77 -12.03
CA GLY A 7 3.56 -4.66 -11.48
C GLY A 7 2.97 -4.99 -10.12
N TYR A 8 3.35 -4.22 -9.11
CA TYR A 8 2.85 -4.42 -7.76
C TYR A 8 1.70 -3.48 -7.44
N ILE A 9 1.72 -2.31 -8.07
CA ILE A 9 0.66 -1.32 -7.86
C ILE A 9 -0.68 -1.98 -7.60
N GLY A 10 -0.95 -3.05 -8.34
CA GLY A 10 -2.20 -3.77 -8.16
C GLY A 10 -2.09 -4.92 -7.18
N LEU A 11 -0.91 -5.52 -7.12
CA LEU A 11 -0.67 -6.64 -6.22
C LEU A 11 -1.36 -6.43 -4.87
N VAL A 12 -1.09 -5.29 -4.25
CA VAL A 12 -1.70 -4.95 -2.97
C VAL A 12 -3.21 -5.06 -3.04
N ASN A 13 -3.82 -4.25 -3.91
CA ASN A 13 -5.26 -4.26 -4.07
C ASN A 13 -5.83 -5.65 -3.88
N SER A 14 -5.29 -6.61 -4.63
CA SER A 14 -5.76 -8.00 -4.55
C SER A 14 -5.31 -8.64 -3.24
N PHE A 15 -4.08 -8.35 -2.84
CA PHE A 15 -3.53 -8.90 -1.60
C PHE A 15 -4.53 -8.79 -0.46
N ALA A 16 -4.91 -7.56 -0.12
CA ALA A 16 -5.86 -7.30 0.95
C ALA A 16 -7.08 -8.22 0.81
N GLN A 17 -7.81 -8.08 -0.28
CA GLN A 17 -8.99 -8.89 -0.52
C GLN A 17 -8.74 -10.35 -0.15
N LYS A 18 -7.64 -10.91 -0.66
CA LYS A 18 -7.29 -12.28 -0.38
C LYS A 18 -7.22 -12.54 1.12
N LYS A 19 -6.63 -11.60 1.85
CA LYS A 19 -6.50 -11.71 3.30
C LYS A 19 -7.67 -11.03 4.01
N LYS A 20 -8.78 -10.88 3.29
CA LYS A 20 -9.97 -10.24 3.84
C LYS A 20 -9.60 -9.01 4.66
N LEU A 21 -8.52 -8.34 4.25
CA LEU A 21 -8.06 -7.14 4.93
C LEU A 21 -8.66 -5.88 4.30
N SER A 22 -8.37 -4.73 4.89
CA SER A 22 -8.89 -3.46 4.38
C SER A 22 -7.74 -2.55 3.96
N VAL A 23 -7.93 -1.84 2.84
CA VAL A 23 -6.92 -0.93 2.33
C VAL A 23 -7.48 0.49 2.19
N ASN A 24 -6.70 1.46 2.63
CA ASN A 24 -7.10 2.87 2.56
C ASN A 24 -6.03 3.71 1.91
N TYR A 25 -6.44 4.64 1.06
CA TYR A 25 -5.50 5.53 0.37
C TYR A 25 -5.66 6.97 0.83
N GLU A 26 -4.82 7.38 1.77
CA GLU A 26 -4.87 8.74 2.31
C GLU A 26 -4.06 9.70 1.43
N GLN A 27 -4.61 10.89 1.22
CA GLN A 27 -3.95 11.90 0.41
C GLN A 27 -3.57 13.12 1.24
N CYS A 28 -2.57 13.86 0.78
CA CYS A 28 -2.12 15.05 1.48
C CYS A 28 -3.18 16.13 1.48
N GLU A 29 -3.14 17.01 2.48
CA GLU A 29 -4.12 18.09 2.58
C GLU A 29 -3.82 19.20 1.58
N PRO A 30 -4.87 19.84 1.06
CA PRO A 30 -4.75 20.92 0.08
C PRO A 30 -4.16 22.19 0.69
N ASN A 31 -2.88 22.42 0.44
CA ASN A 31 -2.19 23.60 0.96
C ASN A 31 -1.92 24.61 -0.15
N SER A 32 -2.01 25.89 0.20
CA SER A 32 -1.77 26.96 -0.77
C SER A 32 -0.31 27.39 -0.76
N GLU A 33 0.58 26.45 -0.45
CA GLU A 33 2.01 26.73 -0.40
C GLU A 33 2.73 26.10 -1.60
N LEU A 34 3.05 26.92 -2.58
CA LEU A 34 3.74 26.45 -3.78
C LEU A 34 5.20 26.11 -3.47
N PRO A 35 5.78 25.21 -4.28
CA PRO A 35 5.07 24.57 -5.39
C PRO A 35 4.00 23.60 -4.92
N GLN A 36 3.27 23.02 -5.86
CA GLN A 36 2.21 22.07 -5.54
C GLN A 36 2.58 20.67 -5.99
N ARG A 37 2.49 19.70 -5.08
CA ARG A 37 2.82 18.31 -5.39
C ARG A 37 1.76 17.37 -4.85
N PHE A 38 1.69 16.16 -5.41
CA PHE A 38 0.72 15.18 -4.99
C PHE A 38 1.39 14.04 -4.21
N ILE A 39 0.84 13.73 -3.04
CA ILE A 39 1.39 12.67 -2.20
C ILE A 39 0.29 11.78 -1.65
N CYS A 40 0.45 10.47 -1.80
CA CYS A 40 -0.53 9.52 -1.32
C CYS A 40 0.12 8.49 -0.40
N LYS A 41 -0.68 7.91 0.48
CA LYS A 41 -0.18 6.91 1.41
C LYS A 41 -1.16 5.73 1.54
N CYS A 42 -0.65 4.52 1.36
CA CYS A 42 -1.47 3.33 1.45
C CYS A 42 -1.40 2.70 2.84
N LYS A 43 -2.51 2.74 3.56
CA LYS A 43 -2.57 2.18 4.91
C LYS A 43 -3.48 0.96 4.95
N ILE A 44 -3.00 -0.11 5.57
CA ILE A 44 -3.76 -1.34 5.69
C ILE A 44 -4.42 -1.45 7.06
N GLY A 45 -5.74 -1.28 7.09
CA GLY A 45 -6.46 -1.37 8.36
C GLY A 45 -6.01 -0.32 9.36
N GLN A 46 -5.85 0.92 8.89
CA GLN A 46 -5.43 2.00 9.76
C GLN A 46 -3.95 1.83 10.16
N THR A 47 -3.20 1.15 9.31
CA THR A 47 -1.78 0.92 9.57
C THR A 47 -0.92 1.41 8.41
N MET A 48 0.16 2.11 8.74
CA MET A 48 1.06 2.64 7.73
C MET A 48 1.94 1.54 7.16
N TYR A 49 1.80 1.29 5.87
CA TYR A 49 2.59 0.26 5.19
C TYR A 49 3.53 0.87 4.15
N GLY A 50 2.94 1.53 3.15
CA GLY A 50 3.73 2.15 2.11
C GLY A 50 3.21 3.52 1.73
N THR A 51 4.11 4.40 1.31
CA THR A 51 3.74 5.76 0.91
C THR A 51 4.24 6.08 -0.49
N GLY A 52 3.35 6.62 -1.32
CA GLY A 52 3.73 6.97 -2.68
C GLY A 52 3.68 8.46 -2.94
N SER A 53 4.71 8.98 -3.59
CA SER A 53 4.78 10.41 -3.90
C SER A 53 4.98 10.63 -5.39
N GLY A 54 4.22 11.56 -5.95
CA GLY A 54 4.34 11.86 -7.37
C GLY A 54 3.64 13.15 -7.75
N VAL A 55 4.16 13.83 -8.76
CA VAL A 55 3.57 15.08 -9.23
C VAL A 55 2.05 15.00 -9.28
N THR A 56 1.55 13.83 -9.68
CA THR A 56 0.12 13.61 -9.78
C THR A 56 -0.36 12.56 -8.79
N LYS A 57 -1.59 12.72 -8.29
CA LYS A 57 -2.15 11.79 -7.34
C LYS A 57 -1.95 10.35 -7.79
N GLN A 58 -2.51 10.01 -8.96
CA GLN A 58 -2.39 8.67 -9.51
C GLN A 58 -0.96 8.15 -9.36
N GLU A 59 -0.04 8.74 -10.11
CA GLU A 59 1.36 8.34 -10.07
C GLU A 59 1.77 7.96 -8.64
N ALA A 60 1.35 8.77 -7.68
CA ALA A 60 1.67 8.51 -6.28
C ALA A 60 0.92 7.30 -5.76
N LYS A 61 -0.40 7.43 -5.62
CA LYS A 61 -1.24 6.35 -5.13
C LYS A 61 -0.71 5.00 -5.61
N GLN A 62 -0.26 4.95 -6.86
CA GLN A 62 0.27 3.71 -7.43
C GLN A 62 1.45 3.20 -6.62
N LEU A 63 2.57 3.91 -6.69
CA LEU A 63 3.78 3.52 -5.97
C LEU A 63 3.43 3.11 -4.53
N ALA A 64 2.57 3.89 -3.88
CA ALA A 64 2.16 3.61 -2.52
C ALA A 64 2.04 2.10 -2.28
N ALA A 65 1.54 1.38 -3.28
CA ALA A 65 1.38 -0.06 -3.18
C ALA A 65 2.72 -0.77 -3.27
N LYS A 66 3.56 -0.33 -4.21
CA LYS A 66 4.87 -0.92 -4.41
C LYS A 66 5.61 -1.06 -3.07
N GLU A 67 5.45 -0.07 -2.20
CA GLU A 67 6.10 -0.08 -0.90
C GLU A 67 5.31 -0.94 0.09
N ALA A 68 3.99 -0.81 0.05
CA ALA A 68 3.12 -1.57 0.94
C ALA A 68 3.36 -3.08 0.78
N TYR A 69 3.38 -3.54 -0.47
CA TYR A 69 3.59 -4.95 -0.75
C TYR A 69 4.82 -5.48 -0.02
N GLN A 70 5.93 -4.75 -0.13
CA GLN A 70 7.17 -5.14 0.53
C GLN A 70 6.95 -5.32 2.03
N LYS A 71 6.40 -4.30 2.67
CA LYS A 71 6.14 -4.35 4.10
C LYS A 71 5.45 -5.66 4.49
N LEU A 72 4.42 -6.02 3.74
CA LEU A 72 3.68 -7.25 4.00
C LEU A 72 4.59 -8.46 3.92
N LEU A 73 5.31 -8.58 2.80
CA LEU A 73 6.23 -9.70 2.59
C LEU A 73 7.04 -9.98 3.86
N LYS A 74 7.46 -8.92 4.53
CA LYS A 74 8.24 -9.04 5.76
C LYS A 74 7.34 -9.31 6.96
N SER A 75 6.44 -8.36 7.23
CA SER A 75 5.52 -8.50 8.36
C SER A 75 4.08 -8.69 7.87
N PRO A 76 3.73 -9.95 7.59
CA PRO A 76 2.39 -10.30 7.11
C PRO A 76 1.31 -10.12 8.19
N PRO A 77 0.04 -10.18 7.77
CA PRO A 77 -1.10 -10.03 8.68
C PRO A 77 -1.25 -11.20 9.63
N LYS A 78 -2.33 -11.21 10.41
CA LYS A 78 -2.59 -12.29 11.35
C LYS A 78 -4.02 -12.79 11.23
N THR A 79 -4.18 -13.98 10.67
CA THR A 79 -5.50 -14.57 10.48
C THR A 79 -5.67 -15.81 11.35
N ALA A 80 -4.55 -16.43 11.71
CA ALA A 80 -4.58 -17.63 12.54
C ALA A 80 -5.62 -18.62 12.05
N GLY A 81 -5.67 -18.81 10.73
CA GLY A 81 -6.64 -19.74 10.15
C GLY A 81 -6.30 -20.10 8.72
N THR A 82 -5.19 -20.81 8.53
CA THR A 82 -4.76 -21.22 7.20
C THR A 82 -3.95 -22.50 7.26
N SER A 83 -4.01 -23.29 6.18
CA SER A 83 -3.27 -24.54 6.12
C SER A 83 -1.77 -24.30 6.06
N GLY A 84 -1.05 -24.82 7.04
CA GLY A 84 0.40 -24.64 7.08
C GLY A 84 1.01 -24.63 5.70
N PRO A 85 1.69 -23.52 5.36
CA PRO A 85 2.34 -23.36 4.05
C PRO A 85 3.55 -24.27 3.90
N SER A 86 4.27 -24.12 2.79
CA SER A 86 5.45 -24.93 2.52
C SER A 86 6.48 -24.14 1.72
N SER A 87 7.61 -23.83 2.35
CA SER A 87 8.67 -23.08 1.71
C SER A 87 9.68 -24.01 1.06
N GLY A 88 9.18 -25.05 0.39
CA GLY A 88 10.05 -26.00 -0.26
C GLY A 88 10.55 -25.50 -1.61
N GLY A 1 16.07 -11.08 -2.87
CA GLY A 1 15.24 -10.42 -3.86
C GLY A 1 14.27 -11.36 -4.54
N SER A 2 13.30 -10.80 -5.24
CA SER A 2 12.31 -11.60 -5.94
C SER A 2 12.91 -12.25 -7.19
N SER A 3 12.61 -13.53 -7.39
CA SER A 3 13.12 -14.27 -8.54
C SER A 3 12.81 -13.52 -9.84
N GLY A 4 11.56 -13.11 -10.00
CA GLY A 4 11.15 -12.41 -11.20
C GLY A 4 10.62 -11.02 -10.90
N SER A 5 10.26 -10.28 -11.95
CA SER A 5 9.73 -8.93 -11.79
C SER A 5 8.30 -8.84 -12.29
N SER A 6 7.49 -8.03 -11.62
CA SER A 6 6.10 -7.86 -12.00
C SER A 6 5.51 -6.60 -11.35
N GLY A 7 4.44 -6.08 -11.94
CA GLY A 7 3.80 -4.89 -11.41
C GLY A 7 3.12 -5.14 -10.08
N TYR A 8 3.60 -4.48 -9.03
CA TYR A 8 3.04 -4.64 -7.70
C TYR A 8 1.87 -3.69 -7.48
N ILE A 9 1.93 -2.53 -8.13
CA ILE A 9 0.87 -1.53 -8.01
C ILE A 9 -0.49 -2.19 -7.85
N GLY A 10 -0.70 -3.28 -8.58
CA GLY A 10 -1.97 -3.99 -8.51
C GLY A 10 -1.94 -5.12 -7.51
N LEU A 11 -0.76 -5.68 -7.28
CA LEU A 11 -0.61 -6.78 -6.33
C LEU A 11 -1.38 -6.50 -5.04
N VAL A 12 -1.05 -5.40 -4.39
CA VAL A 12 -1.71 -5.01 -3.15
C VAL A 12 -3.22 -5.10 -3.28
N ASN A 13 -3.78 -4.30 -4.18
CA ASN A 13 -5.22 -4.30 -4.40
C ASN A 13 -5.80 -5.70 -4.23
N SER A 14 -5.04 -6.71 -4.65
CA SER A 14 -5.47 -8.09 -4.56
C SER A 14 -5.06 -8.70 -3.22
N PHE A 15 -3.87 -8.34 -2.76
CA PHE A 15 -3.36 -8.85 -1.49
C PHE A 15 -4.33 -8.54 -0.35
N ALA A 16 -4.67 -7.26 -0.20
CA ALA A 16 -5.58 -6.83 0.86
C ALA A 16 -6.85 -7.69 0.87
N GLN A 17 -7.55 -7.70 -0.26
CA GLN A 17 -8.79 -8.48 -0.37
C GLN A 17 -8.53 -9.94 -0.06
N LYS A 18 -7.52 -10.51 -0.71
CA LYS A 18 -7.16 -11.91 -0.51
C LYS A 18 -7.01 -12.23 0.98
N LYS A 19 -6.46 -11.26 1.71
CA LYS A 19 -6.25 -11.43 3.15
C LYS A 19 -7.43 -10.87 3.94
N LYS A 20 -8.58 -10.76 3.29
CA LYS A 20 -9.78 -10.25 3.93
C LYS A 20 -9.46 -8.99 4.74
N LEU A 21 -8.49 -8.22 4.26
CA LEU A 21 -8.09 -6.99 4.93
C LEU A 21 -8.68 -5.77 4.23
N SER A 22 -8.45 -4.59 4.81
CA SER A 22 -8.94 -3.35 4.23
C SER A 22 -7.79 -2.45 3.80
N VAL A 23 -7.92 -1.88 2.60
CA VAL A 23 -6.89 -1.00 2.05
C VAL A 23 -7.41 0.42 1.90
N ASN A 24 -6.59 1.39 2.29
CA ASN A 24 -6.96 2.79 2.20
C ASN A 24 -5.82 3.63 1.64
N TYR A 25 -6.16 4.74 1.01
CA TYR A 25 -5.16 5.63 0.43
C TYR A 25 -5.42 7.08 0.82
N GLU A 26 -4.60 7.61 1.71
CA GLU A 26 -4.74 8.99 2.17
C GLU A 26 -3.82 9.92 1.39
N GLN A 27 -4.16 11.21 1.37
CA GLN A 27 -3.37 12.20 0.66
C GLN A 27 -2.94 13.32 1.60
N CYS A 28 -1.77 13.92 1.31
CA CYS A 28 -1.25 15.00 2.13
C CYS A 28 -2.35 16.00 2.49
N GLU A 29 -2.15 16.72 3.58
CA GLU A 29 -3.13 17.70 4.03
C GLU A 29 -3.03 18.99 3.21
N PRO A 30 -4.13 19.75 3.17
CA PRO A 30 -4.19 21.01 2.42
C PRO A 30 -3.34 22.10 3.06
N ASN A 31 -2.64 21.75 4.13
CA ASN A 31 -1.80 22.70 4.83
C ASN A 31 -1.17 23.70 3.85
N SER A 32 -1.36 24.98 4.12
CA SER A 32 -0.81 26.03 3.27
C SER A 32 0.71 26.04 3.32
N GLU A 33 1.33 25.41 2.32
CA GLU A 33 2.78 25.34 2.26
C GLU A 33 3.25 24.93 0.87
N LEU A 34 4.09 25.77 0.26
CA LEU A 34 4.60 25.50 -1.08
C LEU A 34 6.06 25.06 -1.02
N PRO A 35 6.48 24.30 -2.04
CA PRO A 35 5.62 23.90 -3.16
C PRO A 35 4.55 22.89 -2.73
N GLN A 36 3.73 22.47 -3.68
CA GLN A 36 2.68 21.50 -3.40
C GLN A 36 2.63 20.41 -4.47
N ARG A 37 2.93 19.18 -4.06
CA ARG A 37 2.93 18.05 -4.99
C ARG A 37 1.90 17.01 -4.55
N PHE A 38 1.65 16.04 -5.44
CA PHE A 38 0.69 14.98 -5.15
C PHE A 38 1.32 13.89 -4.29
N ILE A 39 0.81 13.71 -3.08
CA ILE A 39 1.32 12.70 -2.16
C ILE A 39 0.22 11.77 -1.69
N CYS A 40 0.53 10.48 -1.58
CA CYS A 40 -0.45 9.49 -1.14
C CYS A 40 0.20 8.51 -0.16
N LYS A 41 -0.63 7.88 0.66
CA LYS A 41 -0.16 6.90 1.65
C LYS A 41 -1.09 5.72 1.73
N CYS A 42 -0.55 4.52 1.49
CA CYS A 42 -1.35 3.30 1.54
C CYS A 42 -1.41 2.75 2.97
N LYS A 43 -2.59 2.79 3.56
CA LYS A 43 -2.78 2.30 4.92
C LYS A 43 -3.80 1.15 4.94
N ILE A 44 -3.38 0.02 5.51
CA ILE A 44 -4.24 -1.15 5.61
C ILE A 44 -4.77 -1.33 7.03
N GLY A 45 -6.06 -1.07 7.20
CA GLY A 45 -6.67 -1.21 8.52
C GLY A 45 -6.08 -0.27 9.54
N GLN A 46 -6.04 1.02 9.20
CA GLN A 46 -5.49 2.03 10.09
C GLN A 46 -4.02 1.75 10.39
N THR A 47 -3.37 1.06 9.47
CA THR A 47 -1.96 0.73 9.64
C THR A 47 -1.14 1.22 8.45
N MET A 48 -0.12 2.03 8.74
CA MET A 48 0.74 2.58 7.69
C MET A 48 1.74 1.53 7.22
N TYR A 49 1.69 1.23 5.92
CA TYR A 49 2.60 0.24 5.34
C TYR A 49 3.57 0.89 4.37
N GLY A 50 3.04 1.54 3.34
CA GLY A 50 3.87 2.20 2.36
C GLY A 50 3.32 3.56 1.94
N THR A 51 4.21 4.43 1.48
CA THR A 51 3.81 5.77 1.06
C THR A 51 4.13 6.00 -0.41
N GLY A 52 3.14 6.45 -1.17
CA GLY A 52 3.34 6.70 -2.58
C GLY A 52 3.32 8.18 -2.92
N SER A 53 4.47 8.71 -3.32
CA SER A 53 4.58 10.13 -3.66
C SER A 53 4.88 10.31 -5.15
N GLY A 54 4.22 11.29 -5.77
CA GLY A 54 4.43 11.53 -7.18
C GLY A 54 3.94 12.91 -7.60
N VAL A 55 3.90 13.15 -8.91
CA VAL A 55 3.45 14.43 -9.43
C VAL A 55 1.95 14.43 -9.67
N THR A 56 1.37 13.24 -9.75
CA THR A 56 -0.06 13.09 -9.99
C THR A 56 -0.69 12.12 -8.99
N LYS A 57 -1.80 12.52 -8.40
CA LYS A 57 -2.50 11.69 -7.43
C LYS A 57 -2.38 10.22 -7.79
N GLN A 58 -2.86 9.87 -8.98
CA GLN A 58 -2.81 8.50 -9.47
C GLN A 58 -1.40 7.92 -9.32
N GLU A 59 -0.43 8.61 -9.93
CA GLU A 59 0.96 8.17 -9.87
C GLU A 59 1.37 7.86 -8.43
N ALA A 60 1.20 8.84 -7.55
CA ALA A 60 1.56 8.68 -6.15
C ALA A 60 0.93 7.41 -5.57
N LYS A 61 -0.39 7.37 -5.55
CA LYS A 61 -1.11 6.21 -5.01
C LYS A 61 -0.51 4.91 -5.53
N GLN A 62 -0.36 4.81 -6.84
CA GLN A 62 0.21 3.61 -7.45
C GLN A 62 1.42 3.13 -6.67
N LEU A 63 2.47 3.94 -6.64
CA LEU A 63 3.69 3.60 -5.92
C LEU A 63 3.38 3.15 -4.49
N ALA A 64 2.53 3.91 -3.81
CA ALA A 64 2.15 3.61 -2.44
C ALA A 64 2.03 2.10 -2.23
N ALA A 65 1.45 1.41 -3.23
CA ALA A 65 1.27 -0.03 -3.15
C ALA A 65 2.62 -0.75 -3.18
N LYS A 66 3.35 -0.60 -4.27
CA LYS A 66 4.65 -1.22 -4.43
C LYS A 66 5.39 -1.26 -3.09
N GLU A 67 5.24 -0.20 -2.30
CA GLU A 67 5.89 -0.11 -1.00
C GLU A 67 5.18 -0.99 0.02
N ALA A 68 3.86 -0.83 0.13
CA ALA A 68 3.07 -1.61 1.06
C ALA A 68 3.25 -3.10 0.83
N TYR A 69 3.14 -3.52 -0.41
CA TYR A 69 3.30 -4.93 -0.76
C TYR A 69 4.51 -5.53 -0.07
N GLN A 70 5.68 -4.91 -0.26
CA GLN A 70 6.91 -5.38 0.34
C GLN A 70 6.77 -5.48 1.86
N LYS A 71 6.59 -4.34 2.51
CA LYS A 71 6.43 -4.30 3.96
C LYS A 71 5.61 -5.49 4.45
N LEU A 72 4.57 -5.82 3.70
CA LEU A 72 3.69 -6.93 4.07
C LEU A 72 4.44 -8.26 4.00
N LEU A 73 5.25 -8.42 2.96
CA LEU A 73 6.04 -9.64 2.78
C LEU A 73 7.01 -9.84 3.93
N LYS A 74 7.50 -8.72 4.47
CA LYS A 74 8.44 -8.77 5.59
C LYS A 74 7.72 -9.03 6.90
N SER A 75 6.90 -8.07 7.32
CA SER A 75 6.15 -8.20 8.56
C SER A 75 4.66 -8.03 8.33
N PRO A 76 3.99 -9.14 7.97
CA PRO A 76 2.55 -9.13 7.70
C PRO A 76 1.72 -8.92 8.97
N PRO A 77 0.41 -8.70 8.79
CA PRO A 77 -0.51 -8.47 9.90
C PRO A 77 -0.74 -9.74 10.73
N LYS A 78 -1.08 -10.83 10.05
CA LYS A 78 -1.31 -12.10 10.72
C LYS A 78 -0.38 -13.19 10.18
N THR A 79 0.73 -13.40 10.88
CA THR A 79 1.70 -14.41 10.47
C THR A 79 1.00 -15.68 10.01
N ALA A 80 1.29 -16.10 8.78
CA ALA A 80 0.70 -17.31 8.22
C ALA A 80 1.42 -18.55 8.73
N GLY A 81 0.69 -19.39 9.46
CA GLY A 81 1.28 -20.61 10.00
C GLY A 81 1.31 -20.61 11.51
N THR A 82 2.52 -20.70 12.07
CA THR A 82 2.69 -20.73 13.51
C THR A 82 3.07 -19.35 14.04
N SER A 83 2.94 -19.16 15.35
CA SER A 83 3.28 -17.89 15.98
C SER A 83 4.48 -17.25 15.29
N GLY A 84 5.62 -17.94 15.35
CA GLY A 84 6.83 -17.41 14.74
C GLY A 84 8.06 -18.21 15.11
N PRO A 85 8.41 -19.19 14.26
CA PRO A 85 9.59 -20.05 14.48
C PRO A 85 10.90 -19.29 14.33
N SER A 86 10.99 -18.46 13.29
CA SER A 86 12.20 -17.69 13.03
C SER A 86 12.13 -16.35 13.76
N SER A 87 13.29 -15.70 13.89
CA SER A 87 13.38 -14.41 14.56
C SER A 87 14.12 -13.40 13.69
N GLY A 88 13.81 -13.40 12.40
CA GLY A 88 14.46 -12.48 11.49
C GLY A 88 15.91 -12.81 11.24
N GLY A 1 12.70 -14.63 -4.63
CA GLY A 1 13.40 -14.30 -5.87
C GLY A 1 12.54 -14.54 -7.10
N SER A 2 11.38 -13.90 -7.14
CA SER A 2 10.47 -14.06 -8.26
C SER A 2 10.78 -13.06 -9.37
N SER A 3 11.37 -13.55 -10.45
CA SER A 3 11.72 -12.70 -11.58
C SER A 3 10.48 -12.25 -12.34
N GLY A 4 10.66 -11.30 -13.26
CA GLY A 4 9.55 -10.81 -14.04
C GLY A 4 8.36 -10.43 -13.19
N SER A 5 8.33 -9.18 -12.72
CA SER A 5 7.24 -8.71 -11.88
C SER A 5 6.38 -7.68 -12.63
N SER A 6 5.26 -8.14 -13.18
CA SER A 6 4.36 -7.28 -13.92
C SER A 6 4.19 -5.93 -13.22
N GLY A 7 3.91 -5.99 -11.92
CA GLY A 7 3.74 -4.77 -11.15
C GLY A 7 3.05 -5.02 -9.82
N TYR A 8 3.65 -4.53 -8.74
CA TYR A 8 3.07 -4.71 -7.41
C TYR A 8 1.93 -3.73 -7.17
N ILE A 9 2.02 -2.56 -7.80
CA ILE A 9 0.99 -1.55 -7.65
C ILE A 9 -0.39 -2.18 -7.48
N GLY A 10 -0.66 -3.22 -8.26
CA GLY A 10 -1.95 -3.89 -8.18
C GLY A 10 -1.92 -5.08 -7.24
N LEU A 11 -0.74 -5.68 -7.07
CA LEU A 11 -0.58 -6.83 -6.20
C LEU A 11 -1.31 -6.61 -4.87
N VAL A 12 -0.98 -5.51 -4.19
CA VAL A 12 -1.60 -5.19 -2.92
C VAL A 12 -3.13 -5.15 -3.05
N ASN A 13 -3.61 -4.30 -3.94
CA ASN A 13 -5.04 -4.16 -4.16
C ASN A 13 -5.76 -5.50 -3.98
N SER A 14 -5.43 -6.45 -4.86
CA SER A 14 -6.04 -7.77 -4.80
C SER A 14 -5.63 -8.51 -3.53
N PHE A 15 -4.35 -8.44 -3.20
CA PHE A 15 -3.83 -9.10 -2.00
C PHE A 15 -4.74 -8.85 -0.81
N ALA A 16 -4.78 -7.61 -0.33
CA ALA A 16 -5.62 -7.25 0.80
C ALA A 16 -6.92 -8.04 0.80
N GLN A 17 -7.61 -8.02 -0.34
CA GLN A 17 -8.88 -8.73 -0.47
C GLN A 17 -8.72 -10.19 -0.05
N LYS A 18 -7.75 -10.87 -0.65
CA LYS A 18 -7.49 -12.27 -0.35
C LYS A 18 -7.31 -12.48 1.15
N LYS A 19 -6.65 -11.54 1.80
CA LYS A 19 -6.41 -11.61 3.23
C LYS A 19 -7.51 -10.91 4.02
N LYS A 20 -8.65 -10.70 3.36
CA LYS A 20 -9.79 -10.04 3.98
C LYS A 20 -9.33 -8.85 4.82
N LEU A 21 -8.33 -8.13 4.33
CA LEU A 21 -7.80 -6.97 5.04
C LEU A 21 -8.43 -5.68 4.51
N SER A 22 -8.09 -4.56 5.14
CA SER A 22 -8.61 -3.26 4.74
C SER A 22 -7.49 -2.36 4.24
N VAL A 23 -7.64 -1.88 3.01
CA VAL A 23 -6.64 -1.00 2.40
C VAL A 23 -7.20 0.40 2.19
N ASN A 24 -6.51 1.40 2.71
CA ASN A 24 -6.93 2.79 2.58
C ASN A 24 -5.84 3.63 1.94
N TYR A 25 -6.24 4.73 1.31
CA TYR A 25 -5.30 5.63 0.65
C TYR A 25 -5.50 7.07 1.12
N GLU A 26 -4.58 7.54 1.96
CA GLU A 26 -4.64 8.90 2.48
C GLU A 26 -3.99 9.89 1.52
N GLN A 27 -4.60 11.05 1.35
CA GLN A 27 -4.07 12.07 0.47
C GLN A 27 -3.74 13.34 1.24
N CYS A 28 -2.76 14.10 0.74
CA CYS A 28 -2.34 15.34 1.39
C CYS A 28 -3.55 16.19 1.75
N GLU A 29 -3.40 17.03 2.77
CA GLU A 29 -4.47 17.90 3.22
C GLU A 29 -4.43 19.24 2.48
N PRO A 30 -5.59 19.89 2.38
CA PRO A 30 -5.72 21.18 1.69
C PRO A 30 -5.06 22.31 2.47
N ASN A 31 -4.06 22.93 1.86
CA ASN A 31 -3.33 24.04 2.49
C ASN A 31 -2.54 24.83 1.45
N SER A 32 -2.66 26.15 1.51
CA SER A 32 -1.96 27.02 0.58
C SER A 32 -0.47 27.05 0.88
N GLU A 33 0.27 26.11 0.28
CA GLU A 33 1.71 26.02 0.49
C GLU A 33 2.38 25.32 -0.69
N LEU A 34 3.66 25.64 -0.91
CA LEU A 34 4.42 25.04 -2.00
C LEU A 34 5.62 24.27 -1.47
N PRO A 35 6.07 23.28 -2.25
CA PRO A 35 5.47 22.95 -3.54
C PRO A 35 4.08 22.32 -3.38
N GLN A 36 3.33 22.26 -4.47
CA GLN A 36 1.99 21.68 -4.46
C GLN A 36 1.91 20.45 -5.36
N ARG A 37 2.13 19.28 -4.78
CA ARG A 37 2.08 18.04 -5.53
C ARG A 37 1.15 17.03 -4.86
N PHE A 38 0.93 15.90 -5.53
CA PHE A 38 0.06 14.86 -5.00
C PHE A 38 0.85 13.84 -4.20
N ILE A 39 0.36 13.52 -3.01
CA ILE A 39 1.02 12.55 -2.14
C ILE A 39 0.01 11.55 -1.56
N CYS A 40 0.19 10.28 -1.91
CA CYS A 40 -0.71 9.23 -1.42
C CYS A 40 0.00 8.36 -0.38
N LYS A 41 -0.77 7.85 0.57
CA LYS A 41 -0.22 7.01 1.62
C LYS A 41 -1.07 5.75 1.81
N CYS A 42 -0.48 4.60 1.49
CA CYS A 42 -1.19 3.33 1.62
C CYS A 42 -1.16 2.84 3.07
N LYS A 43 -2.32 2.83 3.70
CA LYS A 43 -2.44 2.38 5.09
C LYS A 43 -3.44 1.24 5.22
N ILE A 44 -3.01 0.15 5.84
CA ILE A 44 -3.87 -1.01 6.03
C ILE A 44 -4.16 -1.24 7.51
N GLY A 45 -5.40 -0.96 7.90
CA GLY A 45 -5.79 -1.14 9.29
C GLY A 45 -5.11 -0.16 10.22
N GLN A 46 -5.12 1.11 9.85
CA GLN A 46 -4.50 2.15 10.66
C GLN A 46 -3.00 1.93 10.77
N THR A 47 -2.43 1.24 9.79
CA THR A 47 -1.00 0.95 9.78
C THR A 47 -0.36 1.42 8.48
N MET A 48 0.79 2.07 8.61
CA MET A 48 1.51 2.58 7.44
C MET A 48 2.30 1.46 6.76
N TYR A 49 2.02 1.25 5.48
CA TYR A 49 2.71 0.21 4.71
C TYR A 49 3.50 0.82 3.55
N GLY A 50 3.07 1.98 3.11
CA GLY A 50 3.74 2.65 2.01
C GLY A 50 3.27 4.08 1.82
N THR A 51 4.12 4.91 1.23
CA THR A 51 3.79 6.31 0.98
C THR A 51 4.34 6.79 -0.35
N GLY A 52 3.44 6.96 -1.33
CA GLY A 52 3.87 7.42 -2.64
C GLY A 52 3.74 8.92 -2.80
N SER A 53 4.65 9.50 -3.57
CA SER A 53 4.64 10.95 -3.81
C SER A 53 4.95 11.26 -5.26
N GLY A 54 4.04 11.97 -5.91
CA GLY A 54 4.24 12.33 -7.31
C GLY A 54 3.40 13.51 -7.73
N VAL A 55 3.69 14.06 -8.91
CA VAL A 55 2.96 15.22 -9.42
C VAL A 55 1.47 14.91 -9.55
N THR A 56 1.16 13.71 -10.05
CA THR A 56 -0.23 13.28 -10.22
C THR A 56 -0.57 12.12 -9.30
N LYS A 57 -1.73 12.17 -8.67
CA LYS A 57 -2.18 11.12 -7.77
C LYS A 57 -1.78 9.75 -8.30
N GLN A 58 -2.32 9.39 -9.47
CA GLN A 58 -2.02 8.11 -10.09
C GLN A 58 -0.58 7.69 -9.81
N GLU A 59 0.35 8.63 -9.96
CA GLU A 59 1.76 8.36 -9.72
C GLU A 59 1.99 7.89 -8.29
N ALA A 60 1.53 8.69 -7.32
CA ALA A 60 1.69 8.35 -5.92
C ALA A 60 0.79 7.18 -5.53
N LYS A 61 -0.52 7.36 -5.69
CA LYS A 61 -1.48 6.33 -5.36
C LYS A 61 -0.99 4.96 -5.82
N GLN A 62 -0.15 4.95 -6.86
CA GLN A 62 0.40 3.71 -7.39
C GLN A 62 1.61 3.26 -6.59
N LEU A 63 2.69 4.03 -6.68
CA LEU A 63 3.92 3.71 -5.96
C LEU A 63 3.62 3.24 -4.55
N ALA A 64 2.76 3.97 -3.85
CA ALA A 64 2.38 3.62 -2.48
C ALA A 64 2.32 2.12 -2.30
N ALA A 65 1.38 1.47 -2.98
CA ALA A 65 1.22 0.03 -2.89
C ALA A 65 2.57 -0.68 -2.96
N LYS A 66 3.32 -0.41 -4.03
CA LYS A 66 4.63 -1.02 -4.22
C LYS A 66 5.34 -1.21 -2.88
N GLU A 67 5.55 -0.12 -2.16
CA GLU A 67 6.22 -0.16 -0.86
C GLU A 67 5.44 -1.04 0.11
N ALA A 68 4.12 -0.98 0.02
CA ALA A 68 3.26 -1.77 0.89
C ALA A 68 3.46 -3.27 0.66
N TYR A 69 3.25 -3.70 -0.58
CA TYR A 69 3.40 -5.10 -0.93
C TYR A 69 4.56 -5.74 -0.15
N GLN A 70 5.77 -5.26 -0.39
CA GLN A 70 6.95 -5.78 0.28
C GLN A 70 6.73 -5.81 1.79
N LYS A 71 6.52 -4.64 2.39
CA LYS A 71 6.30 -4.53 3.82
C LYS A 71 5.39 -5.64 4.31
N LEU A 72 4.36 -5.96 3.52
CA LEU A 72 3.41 -7.00 3.89
C LEU A 72 4.08 -8.37 3.86
N LEU A 73 4.85 -8.63 2.81
CA LEU A 73 5.55 -9.90 2.67
C LEU A 73 6.57 -10.10 3.79
N LYS A 74 7.18 -9.00 4.23
CA LYS A 74 8.17 -9.05 5.29
C LYS A 74 7.49 -9.10 6.66
N SER A 75 6.76 -8.04 6.99
CA SER A 75 6.06 -7.98 8.27
C SER A 75 4.58 -7.66 8.07
N PRO A 76 3.77 -8.71 7.88
CA PRO A 76 2.33 -8.57 7.67
C PRO A 76 1.61 -8.11 8.93
N PRO A 77 0.32 -7.75 8.78
CA PRO A 77 -0.52 -7.28 9.89
C PRO A 77 -0.84 -8.40 10.87
N LYS A 78 -0.75 -8.09 12.16
CA LYS A 78 -1.04 -9.06 13.20
C LYS A 78 -2.26 -9.91 12.84
N THR A 79 -3.42 -9.27 12.76
CA THR A 79 -4.66 -9.96 12.42
C THR A 79 -4.84 -10.05 10.91
N ALA A 80 -5.15 -11.25 10.42
CA ALA A 80 -5.35 -11.46 8.99
C ALA A 80 -6.81 -11.81 8.69
N GLY A 81 -7.65 -10.80 8.59
CA GLY A 81 -9.06 -11.02 8.30
C GLY A 81 -9.96 -10.13 9.14
N THR A 82 -10.62 -9.18 8.48
CA THR A 82 -11.52 -8.27 9.17
C THR A 82 -12.72 -9.01 9.76
N SER A 83 -13.20 -8.53 10.90
CA SER A 83 -14.34 -9.16 11.56
C SER A 83 -15.50 -8.16 11.69
N GLY A 84 -16.65 -8.53 11.14
CA GLY A 84 -17.81 -7.66 11.20
C GLY A 84 -18.97 -8.30 11.93
N PRO A 85 -19.96 -7.49 12.32
CA PRO A 85 -21.14 -7.96 13.04
C PRO A 85 -22.07 -8.79 12.15
N SER A 86 -21.68 -8.93 10.89
CA SER A 86 -22.48 -9.69 9.92
C SER A 86 -21.83 -11.05 9.65
N SER A 87 -22.66 -12.06 9.39
CA SER A 87 -22.16 -13.40 9.11
C SER A 87 -21.26 -13.40 7.88
N GLY A 88 -20.48 -14.46 7.72
CA GLY A 88 -19.58 -14.56 6.59
C GLY A 88 -18.42 -15.50 6.85
N GLY A 1 19.38 -14.63 -9.64
CA GLY A 1 18.02 -15.06 -9.91
C GLY A 1 17.07 -14.73 -8.78
N SER A 2 16.47 -13.56 -8.84
CA SER A 2 15.53 -13.12 -7.81
C SER A 2 14.09 -13.43 -8.21
N SER A 3 13.39 -14.15 -7.34
CA SER A 3 12.01 -14.53 -7.61
C SER A 3 11.05 -13.45 -7.11
N GLY A 4 10.25 -12.92 -8.04
CA GLY A 4 9.30 -11.87 -7.68
C GLY A 4 8.15 -11.79 -8.66
N SER A 5 7.35 -10.73 -8.55
CA SER A 5 6.20 -10.54 -9.43
C SER A 5 6.34 -9.24 -10.21
N SER A 6 5.78 -9.23 -11.42
CA SER A 6 5.85 -8.06 -12.28
C SER A 6 4.70 -7.09 -11.97
N GLY A 7 5.05 -5.92 -11.44
CA GLY A 7 4.04 -4.94 -11.11
C GLY A 7 3.34 -5.24 -9.81
N TYR A 8 3.65 -4.47 -8.77
CA TYR A 8 3.04 -4.66 -7.46
C TYR A 8 1.87 -3.71 -7.25
N ILE A 9 1.94 -2.55 -7.89
CA ILE A 9 0.89 -1.56 -7.78
C ILE A 9 -0.48 -2.21 -7.63
N GLY A 10 -0.69 -3.30 -8.38
CA GLY A 10 -1.96 -4.01 -8.32
C GLY A 10 -1.95 -5.13 -7.29
N LEU A 11 -0.77 -5.72 -7.08
CA LEU A 11 -0.63 -6.81 -6.12
C LEU A 11 -1.36 -6.49 -4.82
N VAL A 12 -0.93 -5.42 -4.14
CA VAL A 12 -1.54 -5.01 -2.89
C VAL A 12 -3.06 -5.04 -2.99
N ASN A 13 -3.60 -4.28 -3.94
CA ASN A 13 -5.04 -4.21 -4.15
C ASN A 13 -5.68 -5.58 -3.98
N SER A 14 -5.20 -6.56 -4.73
CA SER A 14 -5.72 -7.91 -4.66
C SER A 14 -5.42 -8.55 -3.31
N PHE A 15 -4.12 -8.64 -2.99
CA PHE A 15 -3.70 -9.23 -1.72
C PHE A 15 -4.70 -8.92 -0.61
N ALA A 16 -4.82 -7.64 -0.27
CA ALA A 16 -5.75 -7.22 0.78
C ALA A 16 -7.04 -8.04 0.74
N GLN A 17 -7.77 -7.92 -0.36
CA GLN A 17 -9.02 -8.66 -0.52
C GLN A 17 -8.84 -10.13 -0.19
N LYS A 18 -7.81 -10.74 -0.78
CA LYS A 18 -7.52 -12.15 -0.54
C LYS A 18 -7.37 -12.44 0.94
N LYS A 19 -6.72 -11.53 1.65
CA LYS A 19 -6.50 -11.67 3.09
C LYS A 19 -7.61 -10.98 3.87
N LYS A 20 -8.73 -10.74 3.22
CA LYS A 20 -9.87 -10.09 3.86
C LYS A 20 -9.41 -8.89 4.69
N LEU A 21 -8.42 -8.16 4.18
CA LEU A 21 -7.90 -7.00 4.87
C LEU A 21 -8.53 -5.72 4.34
N SER A 22 -8.21 -4.59 4.97
CA SER A 22 -8.75 -3.31 4.56
C SER A 22 -7.63 -2.36 4.13
N VAL A 23 -7.71 -1.89 2.90
CA VAL A 23 -6.70 -0.97 2.36
C VAL A 23 -7.26 0.44 2.23
N ASN A 24 -6.48 1.43 2.70
CA ASN A 24 -6.90 2.82 2.64
C ASN A 24 -5.81 3.68 1.99
N TYR A 25 -6.24 4.75 1.32
CA TYR A 25 -5.30 5.66 0.66
C TYR A 25 -5.56 7.10 1.06
N GLU A 26 -4.72 7.62 1.95
CA GLU A 26 -4.87 9.00 2.41
C GLU A 26 -4.13 9.96 1.49
N GLN A 27 -4.84 11.00 1.04
CA GLN A 27 -4.25 11.99 0.15
C GLN A 27 -3.75 13.20 0.94
N CYS A 28 -2.79 13.91 0.37
CA CYS A 28 -2.22 15.09 1.01
C CYS A 28 -3.31 16.09 1.38
N GLU A 29 -3.11 16.80 2.48
CA GLU A 29 -4.08 17.79 2.95
C GLU A 29 -3.94 19.10 2.17
N PRO A 30 -5.09 19.72 1.87
CA PRO A 30 -5.13 20.98 1.12
C PRO A 30 -4.60 22.15 1.94
N ASN A 31 -4.32 21.91 3.21
CA ASN A 31 -3.80 22.94 4.09
C ASN A 31 -2.37 22.62 4.52
N SER A 32 -1.55 22.19 3.56
CA SER A 32 -0.16 21.86 3.84
C SER A 32 0.77 22.97 3.37
N GLU A 33 2.02 22.91 3.82
CA GLU A 33 3.01 23.92 3.45
C GLU A 33 3.23 23.94 1.94
N LEU A 34 2.72 24.99 1.30
CA LEU A 34 2.86 25.14 -0.15
C LEU A 34 4.31 25.42 -0.53
N PRO A 35 4.69 25.00 -1.75
CA PRO A 35 3.79 24.30 -2.67
C PRO A 35 3.43 22.90 -2.18
N GLN A 36 2.29 22.40 -2.63
CA GLN A 36 1.84 21.06 -2.24
C GLN A 36 1.93 20.09 -3.41
N ARG A 37 2.70 19.03 -3.24
CA ARG A 37 2.87 18.03 -4.29
C ARG A 37 1.94 16.84 -4.06
N PHE A 38 1.58 16.16 -5.14
CA PHE A 38 0.68 15.01 -5.06
C PHE A 38 1.34 13.88 -4.28
N ILE A 39 0.66 13.44 -3.22
CA ILE A 39 1.17 12.35 -2.38
C ILE A 39 0.04 11.46 -1.89
N CYS A 40 0.24 10.15 -2.01
CA CYS A 40 -0.77 9.18 -1.57
C CYS A 40 -0.14 8.14 -0.65
N LYS A 41 -0.70 8.01 0.55
CA LYS A 41 -0.21 7.04 1.52
C LYS A 41 -1.16 5.85 1.64
N CYS A 42 -0.60 4.65 1.57
CA CYS A 42 -1.40 3.43 1.67
C CYS A 42 -1.34 2.85 3.08
N LYS A 43 -2.45 2.93 3.80
CA LYS A 43 -2.52 2.42 5.16
C LYS A 43 -3.39 1.16 5.22
N ILE A 44 -2.92 0.16 5.97
CA ILE A 44 -3.66 -1.09 6.11
C ILE A 44 -4.14 -1.28 7.54
N GLY A 45 -5.42 -1.00 7.77
CA GLY A 45 -5.98 -1.15 9.10
C GLY A 45 -5.41 -0.15 10.09
N GLN A 46 -5.44 1.12 9.71
CA GLN A 46 -4.92 2.18 10.57
C GLN A 46 -3.43 1.98 10.85
N THR A 47 -2.75 1.30 9.92
CA THR A 47 -1.33 1.05 10.06
C THR A 47 -0.56 1.55 8.85
N MET A 48 0.54 2.25 9.10
CA MET A 48 1.37 2.80 8.04
C MET A 48 2.13 1.69 7.32
N TYR A 49 1.80 1.47 6.06
CA TYR A 49 2.45 0.42 5.26
C TYR A 49 3.37 1.04 4.22
N GLY A 50 2.80 1.80 3.30
CA GLY A 50 3.58 2.43 2.26
C GLY A 50 3.18 3.87 2.02
N THR A 51 4.07 4.64 1.40
CA THR A 51 3.80 6.05 1.12
C THR A 51 4.34 6.44 -0.25
N GLY A 52 3.42 6.76 -1.17
CA GLY A 52 3.83 7.17 -2.51
C GLY A 52 3.75 8.66 -2.72
N SER A 53 4.66 9.20 -3.52
CA SER A 53 4.71 10.62 -3.81
C SER A 53 5.14 10.89 -5.24
N GLY A 54 4.35 11.68 -5.95
CA GLY A 54 4.67 11.99 -7.34
C GLY A 54 4.06 13.30 -7.78
N VAL A 55 4.17 13.60 -9.08
CA VAL A 55 3.64 14.83 -9.63
C VAL A 55 2.11 14.77 -9.74
N THR A 56 1.60 13.57 -10.05
CA THR A 56 0.17 13.38 -10.18
C THR A 56 -0.36 12.43 -9.11
N LYS A 57 -1.65 12.56 -8.80
CA LYS A 57 -2.28 11.72 -7.78
C LYS A 57 -2.08 10.25 -8.10
N GLN A 58 -2.52 9.84 -9.28
CA GLN A 58 -2.40 8.44 -9.70
C GLN A 58 -0.97 7.96 -9.53
N GLU A 59 -0.01 8.81 -9.85
CA GLU A 59 1.41 8.47 -9.74
C GLU A 59 1.72 7.96 -8.33
N ALA A 60 1.36 8.76 -7.33
CA ALA A 60 1.61 8.39 -5.94
C ALA A 60 0.83 7.15 -5.55
N LYS A 61 -0.50 7.26 -5.55
CA LYS A 61 -1.36 6.13 -5.20
C LYS A 61 -0.78 4.82 -5.69
N GLN A 62 -0.38 4.79 -6.95
CA GLN A 62 0.21 3.58 -7.54
C GLN A 62 1.44 3.14 -6.76
N LEU A 63 2.50 3.95 -6.82
CA LEU A 63 3.74 3.63 -6.12
C LEU A 63 3.46 3.18 -4.69
N ALA A 64 2.67 3.98 -3.97
CA ALA A 64 2.31 3.66 -2.60
C ALA A 64 2.19 2.16 -2.39
N ALA A 65 1.38 1.51 -3.21
CA ALA A 65 1.17 0.07 -3.12
C ALA A 65 2.50 -0.67 -3.15
N LYS A 66 3.37 -0.29 -4.10
CA LYS A 66 4.67 -0.92 -4.23
C LYS A 66 5.32 -1.14 -2.87
N GLU A 67 5.47 -0.05 -2.11
CA GLU A 67 6.08 -0.11 -0.79
C GLU A 67 5.28 -1.02 0.13
N ALA A 68 3.95 -0.85 0.12
CA ALA A 68 3.07 -1.65 0.95
C ALA A 68 3.31 -3.14 0.75
N TYR A 69 3.33 -3.56 -0.52
CA TYR A 69 3.56 -4.96 -0.85
C TYR A 69 4.77 -5.51 -0.10
N GLN A 70 5.88 -4.80 -0.17
CA GLN A 70 7.11 -5.21 0.50
C GLN A 70 6.88 -5.35 2.01
N LYS A 71 6.16 -4.40 2.58
CA LYS A 71 5.86 -4.42 4.01
C LYS A 71 5.17 -5.72 4.41
N LEU A 72 4.33 -6.22 3.52
CA LEU A 72 3.60 -7.47 3.78
C LEU A 72 4.54 -8.67 3.74
N LEU A 73 5.23 -8.84 2.61
CA LEU A 73 6.17 -9.95 2.46
C LEU A 73 7.03 -10.11 3.70
N LYS A 74 7.58 -9.00 4.19
CA LYS A 74 8.42 -9.01 5.38
C LYS A 74 7.60 -9.30 6.63
N SER A 75 6.46 -8.62 6.76
CA SER A 75 5.59 -8.80 7.91
C SER A 75 4.14 -8.98 7.47
N PRO A 76 3.77 -10.24 7.17
CA PRO A 76 2.42 -10.58 6.72
C PRO A 76 1.39 -10.44 7.85
N PRO A 77 0.11 -10.53 7.49
CA PRO A 77 -1.00 -10.41 8.46
C PRO A 77 -1.07 -11.63 9.39
N LYS A 78 -0.28 -12.64 9.09
CA LYS A 78 -0.25 -13.85 9.91
C LYS A 78 1.16 -14.43 9.98
N THR A 79 1.47 -15.10 11.09
CA THR A 79 2.79 -15.69 11.29
C THR A 79 3.06 -16.77 10.24
N ALA A 80 4.17 -16.62 9.52
CA ALA A 80 4.54 -17.59 8.49
C ALA A 80 5.80 -18.35 8.89
N GLY A 81 5.91 -18.66 10.17
CA GLY A 81 7.07 -19.39 10.66
C GLY A 81 8.18 -18.47 11.11
N THR A 82 9.17 -19.03 11.81
CA THR A 82 10.29 -18.24 12.30
C THR A 82 11.61 -18.95 12.02
N SER A 83 12.66 -18.16 11.78
CA SER A 83 13.98 -18.70 11.48
C SER A 83 13.91 -19.77 10.38
N GLY A 84 13.23 -19.42 9.28
CA GLY A 84 13.09 -20.35 8.19
C GLY A 84 13.65 -19.80 6.89
N PRO A 85 14.03 -20.70 5.97
CA PRO A 85 14.60 -20.32 4.68
C PRO A 85 13.57 -19.68 3.76
N SER A 86 13.65 -18.36 3.61
CA SER A 86 12.71 -17.64 2.76
C SER A 86 13.29 -17.43 1.37
N SER A 87 12.41 -17.26 0.38
CA SER A 87 12.83 -17.06 -1.00
C SER A 87 12.34 -15.72 -1.52
N GLY A 88 13.25 -14.99 -2.20
CA GLY A 88 12.88 -13.69 -2.74
C GLY A 88 12.88 -12.61 -1.68
N GLY A 1 10.70 -20.17 -7.55
CA GLY A 1 12.09 -19.80 -7.71
C GLY A 1 12.39 -18.39 -7.24
N SER A 2 13.65 -18.13 -6.92
CA SER A 2 14.07 -16.82 -6.45
C SER A 2 13.68 -15.74 -7.46
N SER A 3 12.46 -15.23 -7.33
CA SER A 3 11.96 -14.18 -8.23
C SER A 3 10.89 -13.34 -7.54
N GLY A 4 10.50 -12.26 -8.20
CA GLY A 4 9.48 -11.38 -7.64
C GLY A 4 8.28 -11.24 -8.55
N SER A 5 7.44 -10.25 -8.26
CA SER A 5 6.24 -10.01 -9.05
C SER A 5 6.33 -8.69 -9.80
N SER A 6 6.41 -8.76 -11.12
CA SER A 6 6.52 -7.57 -11.95
C SER A 6 5.22 -6.76 -11.91
N GLY A 7 5.17 -5.79 -11.01
CA GLY A 7 3.99 -4.95 -10.87
C GLY A 7 3.24 -5.20 -9.57
N TYR A 8 3.72 -4.60 -8.50
CA TYR A 8 3.09 -4.77 -7.19
C TYR A 8 1.95 -3.78 -7.00
N ILE A 9 2.06 -2.63 -7.66
CA ILE A 9 1.03 -1.60 -7.57
C ILE A 9 -0.36 -2.22 -7.40
N GLY A 10 -0.63 -3.26 -8.18
CA GLY A 10 -1.92 -3.93 -8.10
C GLY A 10 -1.92 -5.07 -7.12
N LEU A 11 -0.76 -5.68 -6.92
CA LEU A 11 -0.63 -6.80 -5.98
C LEU A 11 -1.37 -6.51 -4.67
N VAL A 12 -1.04 -5.38 -4.07
CA VAL A 12 -1.67 -4.99 -2.81
C VAL A 12 -3.19 -5.00 -2.93
N ASN A 13 -3.72 -4.22 -3.86
CA ASN A 13 -5.15 -4.15 -4.09
C ASN A 13 -5.81 -5.51 -3.87
N SER A 14 -5.49 -6.46 -4.74
CA SER A 14 -6.06 -7.80 -4.63
C SER A 14 -5.64 -8.47 -3.33
N PHE A 15 -4.34 -8.52 -3.08
CA PHE A 15 -3.81 -9.13 -1.87
C PHE A 15 -4.74 -8.89 -0.68
N ALA A 16 -4.90 -7.62 -0.32
CA ALA A 16 -5.77 -7.25 0.79
C ALA A 16 -7.06 -8.06 0.78
N GLN A 17 -7.87 -7.83 -0.24
CA GLN A 17 -9.14 -8.54 -0.38
C GLN A 17 -8.98 -10.02 -0.07
N LYS A 18 -8.03 -10.66 -0.75
CA LYS A 18 -7.76 -12.07 -0.55
C LYS A 18 -7.55 -12.39 0.93
N LYS A 19 -6.89 -11.47 1.63
CA LYS A 19 -6.63 -11.65 3.05
C LYS A 19 -7.69 -10.95 3.90
N LYS A 20 -8.85 -10.72 3.29
CA LYS A 20 -9.95 -10.07 4.00
C LYS A 20 -9.44 -8.90 4.85
N LEU A 21 -8.47 -8.16 4.32
CA LEU A 21 -7.90 -7.03 5.03
C LEU A 21 -8.53 -5.72 4.56
N SER A 22 -8.17 -4.63 5.24
CA SER A 22 -8.71 -3.32 4.89
C SER A 22 -7.60 -2.40 4.39
N VAL A 23 -7.74 -1.95 3.15
CA VAL A 23 -6.75 -1.07 2.54
C VAL A 23 -7.34 0.33 2.31
N ASN A 24 -6.54 1.35 2.61
CA ASN A 24 -6.98 2.73 2.44
C ASN A 24 -5.85 3.58 1.85
N TYR A 25 -6.24 4.59 1.06
CA TYR A 25 -5.27 5.48 0.44
C TYR A 25 -5.58 6.93 0.75
N GLU A 26 -4.74 7.55 1.58
CA GLU A 26 -4.94 8.94 1.96
C GLU A 26 -4.13 9.87 1.05
N GLN A 27 -4.60 11.11 0.91
CA GLN A 27 -3.92 12.09 0.07
C GLN A 27 -3.58 13.34 0.87
N CYS A 28 -2.28 13.59 1.03
CA CYS A 28 -1.82 14.77 1.78
C CYS A 28 -0.96 15.66 0.90
N GLU A 29 -0.92 16.95 1.22
CA GLU A 29 -0.13 17.91 0.46
C GLU A 29 1.08 18.36 1.26
N PRO A 30 2.19 18.66 0.54
CA PRO A 30 3.43 19.10 1.16
C PRO A 30 3.32 20.51 1.75
N ASN A 31 4.00 20.74 2.87
CA ASN A 31 3.97 22.04 3.53
C ASN A 31 3.97 23.17 2.50
N SER A 32 5.01 23.21 1.67
CA SER A 32 5.14 24.23 0.64
C SER A 32 4.02 24.12 -0.38
N GLU A 33 3.46 25.26 -0.77
CA GLU A 33 2.37 25.28 -1.75
C GLU A 33 2.85 24.74 -3.10
N LEU A 34 3.86 25.40 -3.67
CA LEU A 34 4.41 24.98 -4.95
C LEU A 34 5.84 24.50 -4.80
N PRO A 35 6.29 23.64 -5.74
CA PRO A 35 5.44 23.20 -6.85
C PRO A 35 4.31 22.27 -6.40
N GLN A 36 3.42 21.94 -7.32
CA GLN A 36 2.30 21.06 -7.01
C GLN A 36 2.74 19.60 -6.96
N ARG A 37 2.79 19.04 -5.75
CA ARG A 37 3.19 17.65 -5.58
C ARG A 37 2.12 16.85 -4.85
N PHE A 38 1.63 15.81 -5.49
CA PHE A 38 0.59 14.96 -4.91
C PHE A 38 1.20 13.82 -4.10
N ILE A 39 0.94 13.83 -2.79
CA ILE A 39 1.47 12.80 -1.90
C ILE A 39 0.36 11.94 -1.34
N CYS A 40 0.48 10.63 -1.51
CA CYS A 40 -0.52 9.69 -1.01
C CYS A 40 0.09 8.72 -0.01
N LYS A 41 -0.76 8.06 0.77
CA LYS A 41 -0.30 7.10 1.77
C LYS A 41 -1.25 5.91 1.84
N CYS A 42 -0.70 4.71 1.60
CA CYS A 42 -1.50 3.49 1.63
C CYS A 42 -1.42 2.84 3.02
N LYS A 43 -2.53 2.88 3.75
CA LYS A 43 -2.59 2.30 5.08
C LYS A 43 -3.45 1.04 5.08
N ILE A 44 -3.00 0.02 5.81
CA ILE A 44 -3.72 -1.24 5.89
C ILE A 44 -4.32 -1.44 7.29
N GLY A 45 -5.61 -1.15 7.41
CA GLY A 45 -6.28 -1.31 8.70
C GLY A 45 -5.78 -0.32 9.73
N GLN A 46 -5.78 0.97 9.37
CA GLN A 46 -5.33 2.02 10.27
C GLN A 46 -3.85 1.83 10.62
N THR A 47 -3.12 1.15 9.74
CA THR A 47 -1.69 0.90 9.97
C THR A 47 -0.87 1.42 8.80
N MET A 48 0.14 2.24 9.11
CA MET A 48 1.02 2.80 8.09
C MET A 48 1.85 1.71 7.43
N TYR A 49 1.64 1.50 6.14
CA TYR A 49 2.37 0.49 5.39
C TYR A 49 3.34 1.13 4.40
N GLY A 50 2.80 1.88 3.46
CA GLY A 50 3.63 2.53 2.46
C GLY A 50 3.14 3.93 2.14
N THR A 51 4.06 4.79 1.69
CA THR A 51 3.72 6.16 1.35
C THR A 51 4.23 6.52 -0.05
N GLY A 52 3.32 6.98 -0.91
CA GLY A 52 3.70 7.35 -2.25
C GLY A 52 3.72 8.86 -2.45
N SER A 53 4.60 9.32 -3.33
CA SER A 53 4.73 10.74 -3.61
C SER A 53 5.07 10.99 -5.08
N GLY A 54 4.17 11.67 -5.79
CA GLY A 54 4.40 11.94 -7.19
C GLY A 54 3.77 13.26 -7.63
N VAL A 55 3.77 13.51 -8.93
CA VAL A 55 3.19 14.73 -9.47
C VAL A 55 1.73 14.53 -9.86
N THR A 56 1.36 13.27 -10.10
CA THR A 56 -0.01 12.94 -10.47
C THR A 56 -0.62 11.94 -9.50
N LYS A 57 -1.87 12.17 -9.11
CA LYS A 57 -2.55 11.28 -8.18
C LYS A 57 -2.19 9.83 -8.45
N GLN A 58 -2.53 9.34 -9.63
CA GLN A 58 -2.23 7.95 -10.00
C GLN A 58 -0.78 7.61 -9.67
N GLU A 59 0.15 8.34 -10.28
CA GLU A 59 1.57 8.10 -10.05
C GLU A 59 1.83 7.70 -8.60
N ALA A 60 1.35 8.53 -7.68
CA ALA A 60 1.52 8.28 -6.25
C ALA A 60 0.70 7.07 -5.80
N LYS A 61 -0.62 7.19 -5.91
CA LYS A 61 -1.52 6.12 -5.51
C LYS A 61 -0.98 4.77 -5.97
N GLN A 62 -0.14 4.78 -7.00
CA GLN A 62 0.44 3.56 -7.53
C GLN A 62 1.64 3.13 -6.70
N LEU A 63 2.68 3.97 -6.70
CA LEU A 63 3.89 3.68 -5.95
C LEU A 63 3.56 3.24 -4.52
N ALA A 64 2.77 4.04 -3.83
CA ALA A 64 2.37 3.74 -2.46
C ALA A 64 2.23 2.24 -2.25
N ALA A 65 1.43 1.60 -3.10
CA ALA A 65 1.21 0.16 -3.01
C ALA A 65 2.53 -0.60 -3.00
N LYS A 66 3.38 -0.31 -3.98
CA LYS A 66 4.69 -0.96 -4.09
C LYS A 66 5.30 -1.17 -2.71
N GLU A 67 5.40 -0.09 -1.95
CA GLU A 67 5.97 -0.16 -0.60
C GLU A 67 5.12 -1.04 0.31
N ALA A 68 3.81 -0.80 0.30
CA ALA A 68 2.89 -1.56 1.13
C ALA A 68 3.06 -3.06 0.89
N TYR A 69 3.32 -3.43 -0.35
CA TYR A 69 3.50 -4.84 -0.70
C TYR A 69 4.76 -5.40 -0.05
N GLN A 70 5.89 -4.78 -0.35
CA GLN A 70 7.18 -5.22 0.20
C GLN A 70 7.08 -5.41 1.71
N LYS A 71 6.36 -4.51 2.37
CA LYS A 71 6.19 -4.57 3.82
C LYS A 71 5.48 -5.86 4.22
N LEU A 72 4.56 -6.32 3.37
CA LEU A 72 3.81 -7.54 3.63
C LEU A 72 4.67 -8.77 3.37
N LEU A 73 5.53 -8.69 2.37
CA LEU A 73 6.41 -9.80 2.02
C LEU A 73 7.40 -10.09 3.14
N LYS A 74 7.70 -9.07 3.94
CA LYS A 74 8.63 -9.22 5.06
C LYS A 74 7.87 -9.24 6.38
N SER A 75 6.72 -8.58 6.41
CA SER A 75 5.91 -8.53 7.62
C SER A 75 4.44 -8.78 7.31
N PRO A 76 4.06 -10.07 7.29
CA PRO A 76 2.68 -10.48 6.99
C PRO A 76 1.72 -10.10 8.11
N PRO A 77 0.40 -10.25 7.84
CA PRO A 77 -0.64 -9.93 8.81
C PRO A 77 -0.67 -10.92 9.98
N LYS A 78 -1.18 -10.46 11.12
CA LYS A 78 -1.26 -11.29 12.31
C LYS A 78 -2.44 -12.27 12.21
N THR A 79 -2.29 -13.43 12.81
CA THR A 79 -3.34 -14.45 12.80
C THR A 79 -4.00 -14.59 14.16
N ALA A 80 -4.94 -13.70 14.47
CA ALA A 80 -5.64 -13.73 15.75
C ALA A 80 -7.08 -13.27 15.58
N GLY A 81 -7.94 -13.71 16.50
CA GLY A 81 -9.34 -13.32 16.45
C GLY A 81 -9.54 -11.83 16.61
N THR A 82 -10.13 -11.44 17.74
CA THR A 82 -10.39 -10.03 18.02
C THR A 82 -9.46 -9.51 19.11
N SER A 83 -8.97 -8.29 18.92
CA SER A 83 -8.06 -7.69 19.88
C SER A 83 -8.83 -6.86 20.91
N GLY A 84 -8.11 -6.36 21.91
CA GLY A 84 -8.75 -5.56 22.95
C GLY A 84 -9.85 -4.67 22.41
N PRO A 85 -10.90 -4.46 23.22
CA PRO A 85 -12.04 -3.63 22.84
C PRO A 85 -11.68 -2.14 22.76
N SER A 86 -10.88 -1.69 23.72
CA SER A 86 -10.46 -0.29 23.76
C SER A 86 -11.68 0.64 23.71
N SER A 87 -12.80 0.17 24.23
CA SER A 87 -14.02 0.94 24.24
C SER A 87 -13.82 2.28 24.96
N GLY A 88 -13.20 2.22 26.14
CA GLY A 88 -12.95 3.42 26.90
C GLY A 88 -14.19 4.27 27.09
N GLY A 1 0.07 -22.53 -15.54
CA GLY A 1 1.03 -21.45 -15.39
C GLY A 1 0.61 -20.44 -14.35
N SER A 2 1.43 -20.30 -13.30
CA SER A 2 1.14 -19.37 -12.22
C SER A 2 1.28 -17.92 -12.70
N SER A 3 0.24 -17.43 -13.39
CA SER A 3 0.25 -16.07 -13.90
C SER A 3 0.43 -15.06 -12.77
N GLY A 4 1.59 -14.42 -12.72
CA GLY A 4 1.87 -13.43 -11.69
C GLY A 4 1.20 -12.10 -11.97
N SER A 5 1.88 -11.02 -11.63
CA SER A 5 1.36 -9.68 -11.84
C SER A 5 2.41 -8.77 -12.46
N SER A 6 2.02 -8.06 -13.51
CA SER A 6 2.94 -7.15 -14.20
C SER A 6 3.74 -6.33 -13.21
N GLY A 7 3.05 -5.76 -12.22
CA GLY A 7 3.72 -4.96 -11.21
C GLY A 7 3.14 -5.17 -9.82
N TYR A 8 3.65 -4.43 -8.85
CA TYR A 8 3.19 -4.53 -7.48
C TYR A 8 2.06 -3.54 -7.19
N ILE A 9 2.11 -2.40 -7.87
CA ILE A 9 1.09 -1.37 -7.70
C ILE A 9 -0.28 -1.99 -7.41
N GLY A 10 -0.60 -3.05 -8.15
CA GLY A 10 -1.87 -3.71 -7.96
C GLY A 10 -1.78 -4.89 -7.01
N LEU A 11 -0.62 -5.53 -6.98
CA LEU A 11 -0.40 -6.68 -6.10
C LEU A 11 -1.14 -6.50 -4.78
N VAL A 12 -0.90 -5.37 -4.12
CA VAL A 12 -1.54 -5.07 -2.85
C VAL A 12 -3.06 -5.14 -2.97
N ASN A 13 -3.61 -4.30 -3.84
CA ASN A 13 -5.05 -4.27 -4.07
C ASN A 13 -5.67 -5.65 -3.91
N SER A 14 -5.20 -6.59 -4.72
CA SER A 14 -5.71 -7.97 -4.68
C SER A 14 -5.27 -8.66 -3.39
N PHE A 15 -4.01 -8.45 -3.01
CA PHE A 15 -3.47 -9.07 -1.80
C PHE A 15 -4.43 -8.88 -0.62
N ALA A 16 -4.54 -7.65 -0.15
CA ALA A 16 -5.42 -7.34 0.97
C ALA A 16 -6.69 -8.19 0.93
N GLN A 17 -7.35 -8.21 -0.23
CA GLN A 17 -8.57 -8.98 -0.40
C GLN A 17 -8.39 -10.40 0.10
N LYS A 18 -7.28 -11.03 -0.31
CA LYS A 18 -6.99 -12.40 0.10
C LYS A 18 -7.02 -12.54 1.61
N LYS A 19 -6.46 -11.54 2.31
CA LYS A 19 -6.42 -11.54 3.76
C LYS A 19 -7.64 -10.83 4.34
N LYS A 20 -8.66 -10.67 3.53
CA LYS A 20 -9.89 -10.00 3.96
C LYS A 20 -9.57 -8.76 4.79
N LEU A 21 -8.53 -8.05 4.39
CA LEU A 21 -8.12 -6.84 5.10
C LEU A 21 -8.72 -5.59 4.46
N SER A 22 -8.48 -4.44 5.07
CA SER A 22 -9.01 -3.18 4.56
C SER A 22 -7.87 -2.25 4.14
N VAL A 23 -7.88 -1.84 2.88
CA VAL A 23 -6.85 -0.95 2.36
C VAL A 23 -7.39 0.46 2.17
N ASN A 24 -6.63 1.45 2.63
CA ASN A 24 -7.04 2.85 2.51
C ASN A 24 -5.93 3.67 1.89
N TYR A 25 -6.31 4.81 1.30
CA TYR A 25 -5.34 5.69 0.66
C TYR A 25 -5.58 7.15 1.08
N GLU A 26 -4.61 7.71 1.80
CA GLU A 26 -4.71 9.08 2.26
C GLU A 26 -4.03 10.04 1.28
N GLN A 27 -4.50 11.28 1.27
CA GLN A 27 -3.95 12.30 0.37
C GLN A 27 -2.94 13.18 1.10
N CYS A 28 -2.03 13.78 0.35
CA CYS A 28 -1.01 14.65 0.93
C CYS A 28 -1.64 15.71 1.81
N GLU A 29 -0.81 16.38 2.61
CA GLU A 29 -1.29 17.42 3.52
C GLU A 29 -1.22 18.79 2.86
N PRO A 30 -2.21 19.64 3.16
CA PRO A 30 -2.27 21.00 2.60
C PRO A 30 -1.18 21.90 3.16
N ASN A 31 -0.69 21.57 4.35
CA ASN A 31 0.36 22.35 5.00
C ASN A 31 1.44 22.76 3.99
N SER A 32 2.18 21.77 3.52
CA SER A 32 3.25 22.02 2.56
C SER A 32 2.67 22.39 1.18
N GLU A 33 3.33 23.33 0.51
CA GLU A 33 2.89 23.77 -0.81
C GLU A 33 3.80 23.22 -1.91
N LEU A 34 5.10 23.37 -1.71
CA LEU A 34 6.08 22.89 -2.69
C LEU A 34 6.87 21.72 -2.14
N PRO A 35 7.34 20.83 -3.03
CA PRO A 35 7.11 20.97 -4.47
C PRO A 35 5.65 20.74 -4.85
N GLN A 36 5.30 21.06 -6.09
CA GLN A 36 3.93 20.87 -6.58
C GLN A 36 3.69 19.43 -6.98
N ARG A 37 3.63 18.54 -5.99
CA ARG A 37 3.40 17.12 -6.24
C ARG A 37 2.36 16.56 -5.29
N PHE A 38 1.74 15.44 -5.67
CA PHE A 38 0.73 14.81 -4.84
C PHE A 38 1.30 13.58 -4.14
N ILE A 39 0.74 13.26 -2.97
CA ILE A 39 1.20 12.10 -2.20
C ILE A 39 0.03 11.19 -1.85
N CYS A 40 0.31 9.90 -1.73
CA CYS A 40 -0.71 8.92 -1.39
C CYS A 40 -0.20 7.93 -0.35
N LYS A 41 -0.73 8.03 0.86
CA LYS A 41 -0.33 7.15 1.95
C LYS A 41 -1.28 5.96 2.07
N CYS A 42 -0.79 4.79 1.68
CA CYS A 42 -1.58 3.56 1.75
C CYS A 42 -1.56 2.97 3.14
N LYS A 43 -2.71 2.99 3.81
CA LYS A 43 -2.83 2.45 5.15
C LYS A 43 -3.75 1.23 5.17
N ILE A 44 -3.26 0.14 5.76
CA ILE A 44 -4.04 -1.09 5.85
C ILE A 44 -4.68 -1.23 7.23
N GLY A 45 -5.97 -0.94 7.31
CA GLY A 45 -6.68 -1.05 8.57
C GLY A 45 -6.15 -0.10 9.62
N GLN A 46 -5.90 1.14 9.23
CA GLN A 46 -5.38 2.15 10.13
C GLN A 46 -3.92 1.87 10.47
N THR A 47 -3.22 1.20 9.57
CA THR A 47 -1.82 0.87 9.76
C THR A 47 -0.96 1.39 8.61
N MET A 48 0.18 1.99 8.95
CA MET A 48 1.08 2.53 7.95
C MET A 48 1.84 1.41 7.23
N TYR A 49 1.71 1.38 5.91
CA TYR A 49 2.37 0.35 5.11
C TYR A 49 3.34 0.98 4.12
N GLY A 50 2.80 1.80 3.21
CA GLY A 50 3.62 2.46 2.22
C GLY A 50 2.95 3.69 1.62
N THR A 51 3.77 4.61 1.13
CA THR A 51 3.24 5.84 0.54
C THR A 51 3.88 6.11 -0.82
N GLY A 52 3.23 6.95 -1.62
CA GLY A 52 3.76 7.28 -2.93
C GLY A 52 3.75 8.77 -3.20
N SER A 53 4.83 9.27 -3.80
CA SER A 53 4.95 10.69 -4.12
C SER A 53 5.21 10.90 -5.60
N GLY A 54 4.33 11.64 -6.26
CA GLY A 54 4.48 11.90 -7.68
C GLY A 54 3.86 13.21 -8.09
N VAL A 55 4.35 13.77 -9.20
CA VAL A 55 3.83 15.04 -9.70
C VAL A 55 2.32 15.00 -9.82
N THR A 56 1.76 13.80 -9.96
CA THR A 56 0.32 13.63 -10.08
C THR A 56 -0.21 12.65 -9.03
N LYS A 57 -1.44 12.88 -8.58
CA LYS A 57 -2.06 12.02 -7.58
C LYS A 57 -1.93 10.55 -7.98
N GLN A 58 -2.39 10.22 -9.17
CA GLN A 58 -2.33 8.84 -9.66
C GLN A 58 -0.95 8.24 -9.40
N GLU A 59 0.09 8.95 -9.81
CA GLU A 59 1.46 8.48 -9.62
C GLU A 59 1.68 8.00 -8.18
N ALA A 60 1.27 8.82 -7.23
CA ALA A 60 1.41 8.49 -5.82
C ALA A 60 0.62 7.22 -5.47
N LYS A 61 -0.68 7.26 -5.71
CA LYS A 61 -1.56 6.13 -5.43
C LYS A 61 -0.92 4.83 -5.91
N GLN A 62 -0.21 4.90 -7.03
CA GLN A 62 0.46 3.72 -7.59
C GLN A 62 1.57 3.24 -6.68
N LEU A 63 2.67 3.99 -6.65
CA LEU A 63 3.81 3.64 -5.81
C LEU A 63 3.37 3.21 -4.42
N ALA A 64 2.47 4.00 -3.83
CA ALA A 64 1.96 3.70 -2.50
C ALA A 64 1.86 2.20 -2.27
N ALA A 65 1.54 1.47 -3.35
CA ALA A 65 1.40 0.03 -3.26
C ALA A 65 2.75 -0.67 -3.34
N LYS A 66 3.57 -0.23 -4.30
CA LYS A 66 4.90 -0.80 -4.48
C LYS A 66 5.58 -1.06 -3.14
N GLU A 67 5.45 -0.10 -2.23
CA GLU A 67 6.05 -0.24 -0.90
C GLU A 67 5.19 -1.14 -0.01
N ALA A 68 3.93 -0.76 0.17
CA ALA A 68 3.02 -1.53 1.00
C ALA A 68 3.18 -3.02 0.76
N TYR A 69 3.35 -3.39 -0.51
CA TYR A 69 3.52 -4.79 -0.87
C TYR A 69 4.66 -5.44 -0.08
N GLN A 70 5.83 -4.82 -0.14
CA GLN A 70 7.00 -5.34 0.58
C GLN A 70 6.65 -5.65 2.03
N LYS A 71 6.14 -4.65 2.75
CA LYS A 71 5.78 -4.82 4.15
C LYS A 71 5.06 -6.14 4.36
N LEU A 72 4.00 -6.37 3.59
CA LEU A 72 3.23 -7.60 3.69
C LEU A 72 4.13 -8.83 3.56
N LEU A 73 4.96 -8.85 2.52
CA LEU A 73 5.87 -9.96 2.29
C LEU A 73 6.81 -10.14 3.48
N LYS A 74 7.30 -9.03 4.01
CA LYS A 74 8.22 -9.06 5.16
C LYS A 74 7.49 -9.48 6.42
N SER A 75 6.65 -8.58 6.94
CA SER A 75 5.88 -8.85 8.15
C SER A 75 4.39 -8.70 7.90
N PRO A 76 3.76 -9.79 7.42
CA PRO A 76 2.32 -9.80 7.13
C PRO A 76 1.47 -9.74 8.39
N PRO A 77 0.24 -9.23 8.25
CA PRO A 77 -0.70 -9.11 9.37
C PRO A 77 -1.20 -10.47 9.86
N LYS A 78 -1.65 -11.30 8.92
CA LYS A 78 -2.15 -12.63 9.26
C LYS A 78 -2.48 -13.42 7.99
N THR A 79 -1.90 -14.60 7.87
CA THR A 79 -2.13 -15.45 6.71
C THR A 79 -2.91 -16.71 7.10
N ALA A 80 -3.67 -17.23 6.15
CA ALA A 80 -4.46 -18.44 6.39
C ALA A 80 -3.98 -19.60 5.54
N GLY A 81 -3.79 -19.33 4.24
CA GLY A 81 -3.34 -20.36 3.34
C GLY A 81 -2.06 -21.04 3.82
N THR A 82 -0.96 -20.27 3.82
CA THR A 82 0.33 -20.80 4.26
C THR A 82 1.28 -19.67 4.64
N SER A 83 1.78 -19.71 5.88
CA SER A 83 2.68 -18.69 6.37
C SER A 83 4.11 -18.96 5.89
N GLY A 84 4.24 -19.35 4.62
CA GLY A 84 5.55 -19.64 4.07
C GLY A 84 6.25 -20.78 4.79
N PRO A 85 6.67 -21.79 4.02
CA PRO A 85 7.36 -22.97 4.56
C PRO A 85 8.76 -22.63 5.06
N SER A 86 8.91 -22.58 6.39
CA SER A 86 10.20 -22.26 6.99
C SER A 86 10.71 -23.44 7.81
N SER A 87 12.04 -23.55 7.91
CA SER A 87 12.66 -24.63 8.67
C SER A 87 12.11 -24.68 10.10
N GLY A 88 12.01 -23.51 10.72
CA GLY A 88 11.51 -23.44 12.08
C GLY A 88 12.51 -22.81 13.03
#